data_3CKT
# 
_entry.id   3CKT 
# 
_audit_conform.dict_name       mmcif_pdbx.dic 
_audit_conform.dict_version    5.380 
_audit_conform.dict_location   http://mmcif.pdb.org/dictionaries/ascii/mmcif_pdbx.dic 
# 
loop_
_database_2.database_id 
_database_2.database_code 
_database_2.pdbx_database_accession 
_database_2.pdbx_DOI 
PDB   3CKT         pdb_00003ckt 10.2210/pdb3ckt/pdb 
RCSB  RCSB046897   ?            ?                   
WWPDB D_1000046897 ?            ?                   
# 
_pdbx_database_related.db_name        PDB 
_pdbx_database_related.db_id          2ZGA 
_pdbx_database_related.details        
'HIV-1 protease in complex with a dimethylallyl decorated pyrrolidine based inhibitor (hexagonal space group)' 
_pdbx_database_related.content_type   unspecified 
# 
_pdbx_database_status.status_code                     REL 
_pdbx_database_status.entry_id                        3CKT 
_pdbx_database_status.recvd_initial_deposition_date   2008-03-17 
_pdbx_database_status.deposit_site                    RCSB 
_pdbx_database_status.process_site                    PDBJ 
_pdbx_database_status.status_code_sf                  REL 
_pdbx_database_status.status_code_mr                  ? 
_pdbx_database_status.SG_entry                        ? 
_pdbx_database_status.status_code_cs                  ? 
_pdbx_database_status.pdb_format_compatible           Y 
_pdbx_database_status.status_code_nmr_data            ? 
_pdbx_database_status.methods_development_category    ? 
# 
loop_
_audit_author.name 
_audit_author.pdbx_ordinal 
'Boettcher, J.'   1 
'Blum, A.'        2 
'Heine, A.'       3 
'Diederich, W.E.' 4 
'Klebe, G.'       5 
# 
_citation.id                        primary 
_citation.title                     
'Two Solutions for the Same Problem: Multiple Binding Modes of Pyrrolidine-Based HIV-1 Protease Inhibitors' 
_citation.journal_abbrev            J.Mol.Biol. 
_citation.journal_volume            410 
_citation.page_first                745 
_citation.page_last                 755 
_citation.year                      2011 
_citation.journal_id_ASTM           JMOBAK 
_citation.country                   UK 
_citation.journal_id_ISSN           0022-2836 
_citation.journal_id_CSD            0070 
_citation.book_publisher            ? 
_citation.pdbx_database_id_PubMed   21762812 
_citation.pdbx_database_id_DOI      10.1016/j.jmb.2011.04.052 
# 
loop_
_citation_author.citation_id 
_citation_author.name 
_citation_author.ordinal 
_citation_author.identifier_ORCID 
primary 'Blum, A.'        1 ? 
primary 'Bottcher, J.'    2 ? 
primary 'Dorr, S.'        3 ? 
primary 'Heine, A.'       4 ? 
primary 'Klebe, G.'       5 ? 
primary 'Diederich, W.E.' 6 ? 
# 
_cell.entry_id           3CKT 
_cell.length_a           52.018 
_cell.length_b           57.581 
_cell.length_c           61.365 
_cell.angle_alpha        90.00 
_cell.angle_beta         90.00 
_cell.angle_gamma        90.00 
_cell.Z_PDB              8 
_cell.pdbx_unique_axis   ? 
_cell.length_a_esd       ? 
_cell.length_b_esd       ? 
_cell.length_c_esd       ? 
_cell.angle_alpha_esd    ? 
_cell.angle_beta_esd     ? 
_cell.angle_gamma_esd    ? 
# 
_symmetry.entry_id                         3CKT 
_symmetry.space_group_name_H-M             'P 21 21 21' 
_symmetry.pdbx_full_space_group_name_H-M   ? 
_symmetry.cell_setting                     ? 
_symmetry.Int_Tables_number                19 
_symmetry.space_group_name_Hall            ? 
# 
loop_
_entity.id 
_entity.type 
_entity.src_method 
_entity.pdbx_description 
_entity.formula_weight 
_entity.pdbx_number_of_molecules 
_entity.pdbx_ec 
_entity.pdbx_mutation 
_entity.pdbx_fragment 
_entity.details 
1 polymer     man Protease                                                                                  10803.756 2   
3.4.23.16 ? ? ? 
2 non-polymer syn 'CHLORIDE ION'                                                                            35.453    2   ? ? ? ? 
3 non-polymer syn '(3S,4S),-3,4-Bis-[(4-carbamoyl-benzensulfonyl)-(3-methyl-but-2-enyl)-amino]-pyrrolidine' 603.753   1   ? ? ? ? 
4 water       nat water                                                                                     18.015    124 ? ? ? ? 
# 
_entity_name_com.entity_id   1 
_entity_name_com.name        Retropepsin 
# 
_entity_poly.entity_id                      1 
_entity_poly.type                           'polypeptide(L)' 
_entity_poly.nstd_linkage                   no 
_entity_poly.nstd_monomer                   no 
_entity_poly.pdbx_seq_one_letter_code       
;PQITLWQRPLVTIKIGGQLKEALLDTGADDTVLEEMSLPGRWKPKMIGGIGGFIKVRQYDQILIEICGHKAIGTVLVGPT
PVNIIGRNLLTQIGCTLNF
;
_entity_poly.pdbx_seq_one_letter_code_can   
;PQITLWQRPLVTIKIGGQLKEALLDTGADDTVLEEMSLPGRWKPKMIGGIGGFIKVRQYDQILIEICGHKAIGTVLVGPT
PVNIIGRNLLTQIGCTLNF
;
_entity_poly.pdbx_strand_id                 A,B 
_entity_poly.pdbx_target_identifier         ? 
# 
loop_
_entity_poly_seq.entity_id 
_entity_poly_seq.num 
_entity_poly_seq.mon_id 
_entity_poly_seq.hetero 
1 1  PRO n 
1 2  GLN n 
1 3  ILE n 
1 4  THR n 
1 5  LEU n 
1 6  TRP n 
1 7  GLN n 
1 8  ARG n 
1 9  PRO n 
1 10 LEU n 
1 11 VAL n 
1 12 THR n 
1 13 ILE n 
1 14 LYS n 
1 15 ILE n 
1 16 GLY n 
1 17 GLY n 
1 18 GLN n 
1 19 LEU n 
1 20 LYS n 
1 21 GLU n 
1 22 ALA n 
1 23 LEU n 
1 24 LEU n 
1 25 ASP n 
1 26 THR n 
1 27 GLY n 
1 28 ALA n 
1 29 ASP n 
1 30 ASP n 
1 31 THR n 
1 32 VAL n 
1 33 LEU n 
1 34 GLU n 
1 35 GLU n 
1 36 MET n 
1 37 SER n 
1 38 LEU n 
1 39 PRO n 
1 40 GLY n 
1 41 ARG n 
1 42 TRP n 
1 43 LYS n 
1 44 PRO n 
1 45 LYS n 
1 46 MET n 
1 47 ILE n 
1 48 GLY n 
1 49 GLY n 
1 50 ILE n 
1 51 GLY n 
1 52 GLY n 
1 53 PHE n 
1 54 ILE n 
1 55 LYS n 
1 56 VAL n 
1 57 ARG n 
1 58 GLN n 
1 59 TYR n 
1 60 ASP n 
1 61 GLN n 
1 62 ILE n 
1 63 LEU n 
1 64 ILE n 
1 65 GLU n 
1 66 ILE n 
1 67 CYS n 
1 68 GLY n 
1 69 HIS n 
1 70 LYS n 
1 71 ALA n 
1 72 ILE n 
1 73 GLY n 
1 74 THR n 
1 75 VAL n 
1 76 LEU n 
1 77 VAL n 
1 78 GLY n 
1 79 PRO n 
1 80 THR n 
1 81 PRO n 
1 82 VAL n 
1 83 ASN n 
1 84 ILE n 
1 85 ILE n 
1 86 GLY n 
1 87 ARG n 
1 88 ASN n 
1 89 LEU n 
1 90 LEU n 
1 91 THR n 
1 92 GLN n 
1 93 ILE n 
1 94 GLY n 
1 95 CYS n 
1 96 THR n 
1 97 LEU n 
1 98 ASN n 
1 99 PHE n 
# 
_entity_src_gen.entity_id                          1 
_entity_src_gen.pdbx_src_id                        1 
_entity_src_gen.pdbx_alt_source_flag               sample 
_entity_src_gen.pdbx_seq_type                      ? 
_entity_src_gen.pdbx_beg_seq_num                   ? 
_entity_src_gen.pdbx_end_seq_num                   ? 
_entity_src_gen.gene_src_common_name               HIV-1 
_entity_src_gen.gene_src_genus                     ? 
_entity_src_gen.pdbx_gene_src_gene                 gag-pol 
_entity_src_gen.gene_src_species                   ? 
_entity_src_gen.gene_src_strain                    ? 
_entity_src_gen.gene_src_tissue                    ? 
_entity_src_gen.gene_src_tissue_fraction           ? 
_entity_src_gen.gene_src_details                   ? 
_entity_src_gen.pdbx_gene_src_fragment             ? 
_entity_src_gen.pdbx_gene_src_scientific_name      'Human immunodeficiency virus 1' 
_entity_src_gen.pdbx_gene_src_ncbi_taxonomy_id     11676 
_entity_src_gen.pdbx_gene_src_variant              ? 
_entity_src_gen.pdbx_gene_src_cell_line            ? 
_entity_src_gen.pdbx_gene_src_atcc                 ? 
_entity_src_gen.pdbx_gene_src_organ                ? 
_entity_src_gen.pdbx_gene_src_organelle            ? 
_entity_src_gen.pdbx_gene_src_cell                 ? 
_entity_src_gen.pdbx_gene_src_cellular_location    ? 
_entity_src_gen.host_org_common_name               ? 
_entity_src_gen.pdbx_host_org_scientific_name      'Escherichia coli' 
_entity_src_gen.pdbx_host_org_ncbi_taxonomy_id     562 
_entity_src_gen.host_org_genus                     ? 
_entity_src_gen.pdbx_host_org_gene                 ? 
_entity_src_gen.pdbx_host_org_organ                ? 
_entity_src_gen.host_org_species                   ? 
_entity_src_gen.pdbx_host_org_tissue               ? 
_entity_src_gen.pdbx_host_org_tissue_fraction      ? 
_entity_src_gen.pdbx_host_org_strain               'BL21(D3)pLysS' 
_entity_src_gen.pdbx_host_org_variant              ? 
_entity_src_gen.pdbx_host_org_cell_line            ? 
_entity_src_gen.pdbx_host_org_atcc                 ? 
_entity_src_gen.pdbx_host_org_culture_collection   ? 
_entity_src_gen.pdbx_host_org_cell                 ? 
_entity_src_gen.pdbx_host_org_organelle            ? 
_entity_src_gen.pdbx_host_org_cellular_location    ? 
_entity_src_gen.pdbx_host_org_vector_type          plasmid 
_entity_src_gen.pdbx_host_org_vector               ? 
_entity_src_gen.host_org_details                   ? 
_entity_src_gen.expression_system_id               ? 
_entity_src_gen.plasmid_name                       peT11a 
_entity_src_gen.plasmid_details                    ? 
_entity_src_gen.pdbx_description                   ? 
# 
_struct_ref.id                         1 
_struct_ref.db_name                    UNP 
_struct_ref.db_code                    POL_HV1BR 
_struct_ref.pdbx_db_accession          P03367 
_struct_ref.entity_id                  1 
_struct_ref.pdbx_seq_one_letter_code   
;PQITLWQRPLVTIKIGGQLKEALLDTGADDTVLEEMSLPGRWKPKMIGGIGGFIKVRQYDQILIEICGHKAIGTVLVGPT
PVNIIGRNLLTQIGCTLNF
;
_struct_ref.pdbx_align_begin           501 
_struct_ref.pdbx_db_isoform            ? 
# 
loop_
_struct_ref_seq.align_id 
_struct_ref_seq.ref_id 
_struct_ref_seq.pdbx_PDB_id_code 
_struct_ref_seq.pdbx_strand_id 
_struct_ref_seq.seq_align_beg 
_struct_ref_seq.pdbx_seq_align_beg_ins_code 
_struct_ref_seq.seq_align_end 
_struct_ref_seq.pdbx_seq_align_end_ins_code 
_struct_ref_seq.pdbx_db_accession 
_struct_ref_seq.db_align_beg 
_struct_ref_seq.pdbx_db_align_beg_ins_code 
_struct_ref_seq.db_align_end 
_struct_ref_seq.pdbx_db_align_end_ins_code 
_struct_ref_seq.pdbx_auth_seq_align_beg 
_struct_ref_seq.pdbx_auth_seq_align_end 
1 1 3CKT A 1 ? 99 ? P03367 501 ? 599 ? 1 99 
2 1 3CKT B 1 ? 99 ? P03367 501 ? 599 ? 1 99 
# 
loop_
_chem_comp.id 
_chem_comp.type 
_chem_comp.mon_nstd_flag 
_chem_comp.name 
_chem_comp.pdbx_synonyms 
_chem_comp.formula 
_chem_comp.formula_weight 
ALA 'L-peptide linking' y ALANINE                                                                                   ? 'C3 H7 N O2' 
89.093  
ARG 'L-peptide linking' y ARGININE                                                                                  ? 
'C6 H15 N4 O2 1'   175.209 
ASN 'L-peptide linking' y ASPARAGINE                                                                                ? 
'C4 H8 N2 O3'      132.118 
ASP 'L-peptide linking' y 'ASPARTIC ACID'                                                                           ? 'C4 H7 N O4' 
133.103 
CL  non-polymer         . 'CHLORIDE ION'                                                                            ? 'Cl -1' 
35.453  
CYS 'L-peptide linking' y CYSTEINE                                                                                  ? 
'C3 H7 N O2 S'     121.158 
GLN 'L-peptide linking' y GLUTAMINE                                                                                 ? 
'C5 H10 N2 O3'     146.144 
GLU 'L-peptide linking' y 'GLUTAMIC ACID'                                                                           ? 'C5 H9 N O4' 
147.129 
GLY 'peptide linking'   y GLYCINE                                                                                   ? 'C2 H5 N O2' 
75.067  
HIS 'L-peptide linking' y HISTIDINE                                                                                 ? 
'C6 H10 N3 O2 1'   156.162 
HOH non-polymer         . WATER                                                                                     ? 'H2 O' 
18.015  
ILE 'L-peptide linking' y ISOLEUCINE                                                                                ? 
'C6 H13 N O2'      131.173 
LEU 'L-peptide linking' y LEUCINE                                                                                   ? 
'C6 H13 N O2'      131.173 
LYS 'L-peptide linking' y LYSINE                                                                                    ? 
'C6 H15 N2 O2 1'   147.195 
MET 'L-peptide linking' y METHIONINE                                                                                ? 
'C5 H11 N O2 S'    149.211 
PHE 'L-peptide linking' y PHENYLALANINE                                                                             ? 
'C9 H11 N O2'      165.189 
PRO 'L-peptide linking' y PROLINE                                                                                   ? 'C5 H9 N O2' 
115.130 
SER 'L-peptide linking' y SERINE                                                                                    ? 'C3 H7 N O3' 
105.093 
THR 'L-peptide linking' y THREONINE                                                                                 ? 'C4 H9 N O3' 
119.119 
TRP 'L-peptide linking' y TRYPTOPHAN                                                                                ? 
'C11 H12 N2 O2'    204.225 
TYR 'L-peptide linking' y TYROSINE                                                                                  ? 
'C9 H11 N O3'      181.189 
VAL 'L-peptide linking' y VALINE                                                                                    ? 
'C5 H11 N O2'      117.146 
YDP non-polymer         . '(3S,4S),-3,4-Bis-[(4-carbamoyl-benzensulfonyl)-(3-methyl-but-2-enyl)-amino]-pyrrolidine' ? 
'C28 H37 N5 O6 S2' 603.753 
# 
_exptl.entry_id          3CKT 
_exptl.method            'X-RAY DIFFRACTION' 
_exptl.crystals_number   1 
# 
_exptl_crystal.id                    1 
_exptl_crystal.density_meas          ? 
_exptl_crystal.density_Matthews      2.126596 
_exptl_crystal.density_percent_sol   42.16 
_exptl_crystal.description           ? 
_exptl_crystal.F_000                 ? 
_exptl_crystal.preparation           ? 
# 
_exptl_crystal_grow.crystal_id      1 
_exptl_crystal_grow.method          'VAPOR DIFFUSION, SITTING DROP' 
_exptl_crystal_grow.temp            293 
_exptl_crystal_grow.temp_details    ? 
_exptl_crystal_grow.pH              6.5 
_exptl_crystal_grow.pdbx_details    '3.5M NaCl, 0.1M BisTris, pH 6.5, VAPOR DIFFUSION, SITTING DROP, temperature 293K' 
_exptl_crystal_grow.pdbx_pH_range   ? 
# 
_diffrn.id                     1 
_diffrn.ambient_temp           196 
_diffrn.ambient_temp_details   ? 
_diffrn.crystal_id             1 
# 
_diffrn_detector.diffrn_id              1 
_diffrn_detector.detector               CCD 
_diffrn_detector.type                   'MAR CCD 165 mm' 
_diffrn_detector.pdbx_collection_date   2007-06-29 
_diffrn_detector.details                'double crystal monochromator with two sets of mirrors' 
# 
_diffrn_radiation.diffrn_id                        1 
_diffrn_radiation.wavelength_id                    1 
_diffrn_radiation.pdbx_monochromatic_or_laue_m_l   M 
_diffrn_radiation.monochromator                    'double crystal' 
_diffrn_radiation.pdbx_diffrn_protocol             'SINGLE WAVELENGTH' 
_diffrn_radiation.pdbx_scattering_type             x-ray 
# 
_diffrn_radiation_wavelength.id           1 
_diffrn_radiation_wavelength.wavelength   0.91841 
_diffrn_radiation_wavelength.wt           1.0 
# 
_diffrn_source.diffrn_id                   1 
_diffrn_source.source                      SYNCHROTRON 
_diffrn_source.type                        'BESSY BEAMLINE 14.2' 
_diffrn_source.pdbx_synchrotron_site       BESSY 
_diffrn_source.pdbx_synchrotron_beamline   14.2 
_diffrn_source.pdbx_wavelength             ? 
_diffrn_source.pdbx_wavelength_list        0.91841 
# 
_reflns.entry_id                     3CKT 
_reflns.observed_criterion_sigma_F   0 
_reflns.observed_criterion_sigma_I   0 
_reflns.d_resolution_high            1.65 
_reflns.d_resolution_low             25 
_reflns.number_all                   ? 
_reflns.number_obs                   22526 
_reflns.percent_possible_obs         98.8 
_reflns.pdbx_Rmerge_I_obs            0.052 
_reflns.pdbx_Rsym_value              0.052 
_reflns.pdbx_netI_over_sigmaI        26.1 
_reflns.B_iso_Wilson_estimate        15.9 
_reflns.pdbx_redundancy              4.4 
_reflns.R_free_details               ? 
_reflns.limit_h_max                  ? 
_reflns.limit_h_min                  ? 
_reflns.limit_k_max                  ? 
_reflns.limit_k_min                  ? 
_reflns.limit_l_max                  ? 
_reflns.limit_l_min                  ? 
_reflns.observed_criterion_F_max     ? 
_reflns.observed_criterion_F_min     ? 
_reflns.pdbx_chi_squared             ? 
_reflns.pdbx_scaling_rejects         ? 
_reflns.pdbx_ordinal                 1 
_reflns.pdbx_diffrn_id               1 
# 
_reflns_shell.d_res_high             1.65 
_reflns_shell.d_res_low              1.68 
_reflns_shell.percent_possible_all   89.4 
_reflns_shell.Rmerge_I_obs           0.350 
_reflns_shell.pdbx_Rsym_value        0.350 
_reflns_shell.meanI_over_sigI_obs    2.7 
_reflns_shell.pdbx_redundancy        2.5 
_reflns_shell.percent_possible_obs   ? 
_reflns_shell.number_unique_all      993 
_reflns_shell.number_measured_all    ? 
_reflns_shell.number_measured_obs    ? 
_reflns_shell.number_unique_obs      ? 
_reflns_shell.pdbx_chi_squared       ? 
_reflns_shell.pdbx_ordinal           1 
_reflns_shell.pdbx_diffrn_id         1 
# 
_refine.entry_id                                 3CKT 
_refine.ls_number_reflns_obs                     21271 
_refine.ls_number_reflns_all                     21271 
_refine.pdbx_ls_sigma_I                          2 
_refine.pdbx_ls_sigma_F                          4 
_refine.pdbx_data_cutoff_high_absF               ? 
_refine.pdbx_data_cutoff_low_absF                ? 
_refine.pdbx_data_cutoff_high_rms_absF           ? 
_refine.ls_d_res_low                             10.00 
_refine.ls_d_res_high                            1.65 
_refine.ls_percent_reflns_obs                    93.9 
_refine.ls_R_factor_obs                          0.185 
_refine.ls_R_factor_all                          0.2018 
_refine.ls_R_factor_R_work                       0.183 
_refine.ls_R_factor_R_free                       0.239 
_refine.ls_R_factor_R_free_error                 ? 
_refine.ls_R_factor_R_free_error_details         ? 
_refine.ls_percent_reflns_R_free                 ? 
_refine.ls_number_reflns_R_free                  1118 
_refine.ls_number_parameters                     6631 
_refine.ls_number_restraints                     6285 
_refine.occupancy_min                            ? 
_refine.occupancy_max                            ? 
_refine.correlation_coeff_Fo_to_Fc               ? 
_refine.correlation_coeff_Fo_to_Fc_free          ? 
_refine.B_iso_mean                               ? 
_refine.aniso_B[1][1]                            ? 
_refine.aniso_B[2][2]                            ? 
_refine.aniso_B[3][3]                            ? 
_refine.aniso_B[1][2]                            ? 
_refine.aniso_B[1][3]                            ? 
_refine.aniso_B[2][3]                            ? 
_refine.solvent_model_details                    ? 
_refine.solvent_model_param_ksol                 ? 
_refine.solvent_model_param_bsol                 ? 
_refine.pdbx_solvent_vdw_probe_radii             ? 
_refine.pdbx_solvent_ion_probe_radii             ? 
_refine.pdbx_solvent_shrinkage_radii             ? 
_refine.pdbx_ls_cross_valid_method               'FREE R' 
_refine.details                                  
'ANISOTROPIC SCALING APPLIED BY THE METHOD OF PARKIN, MOEZZI & HOPE, J.APPL.CRYST.28(1995)53-56' 
_refine.pdbx_starting_model                      2PQZ 
_refine.pdbx_method_to_determine_struct          'MOLECULAR REPLACEMENT' 
_refine.pdbx_isotropic_thermal_model             ? 
_refine.pdbx_stereochemistry_target_values       'ENGH & HUBER' 
_refine.pdbx_stereochem_target_val_spec_case     ? 
_refine.pdbx_R_Free_selection_details            RANDOM 
_refine.pdbx_overall_ESU_R_Free                  ? 
_refine.overall_SU_ML                            ? 
_refine.overall_SU_B                             ? 
_refine.ls_redundancy_reflns_obs                 ? 
_refine.B_iso_min                                ? 
_refine.B_iso_max                                ? 
_refine.overall_SU_R_Cruickshank_DPI             ? 
_refine.overall_SU_R_free                        ? 
_refine.ls_wR_factor_R_free                      ? 
_refine.ls_wR_factor_R_work                      ? 
_refine.overall_FOM_free_R_set                   ? 
_refine.overall_FOM_work_R_set                   ? 
_refine.pdbx_overall_phase_error                 ? 
_refine.pdbx_refine_id                           'X-RAY DIFFRACTION' 
_refine.pdbx_diffrn_id                           1 
_refine.pdbx_overall_ESU_R                       ? 
_refine.pdbx_TLS_residual_ADP_flag               ? 
_refine.pdbx_overall_SU_R_free_Cruickshank_DPI   ? 
_refine.pdbx_overall_SU_R_Blow_DPI               ? 
_refine.pdbx_overall_SU_R_free_Blow_DPI          ? 
# 
_refine_analyze.entry_id                        3CKT 
_refine_analyze.Luzzati_coordinate_error_obs    ? 
_refine_analyze.Luzzati_sigma_a_obs             ? 
_refine_analyze.Luzzati_d_res_low_obs           ? 
_refine_analyze.Luzzati_coordinate_error_free   ? 
_refine_analyze.Luzzati_sigma_a_free            ? 
_refine_analyze.Luzzati_d_res_low_free          ? 
_refine_analyze.number_disordered_residues      1 
_refine_analyze.occupancy_sum_hydrogen          1554.00 
_refine_analyze.occupancy_sum_non_hydrogen      1650.00 
_refine_analyze.pdbx_Luzzati_d_res_high_obs     ? 
_refine_analyze.pdbx_refine_id                  'X-RAY DIFFRACTION' 
# 
_refine_hist.pdbx_refine_id                   'X-RAY DIFFRACTION' 
_refine_hist.cycle_id                         LAST 
_refine_hist.pdbx_number_atoms_protein        1483 
_refine_hist.pdbx_number_atoms_nucleic_acid   0 
_refine_hist.pdbx_number_atoms_ligand         43 
_refine_hist.number_atoms_solvent             124 
_refine_hist.number_atoms_total               1650 
_refine_hist.d_res_high                       1.65 
_refine_hist.d_res_low                        10.00 
# 
loop_
_refine_ls_restr.type 
_refine_ls_restr.dev_ideal 
_refine_ls_restr.dev_ideal_target 
_refine_ls_restr.weight 
_refine_ls_restr.number 
_refine_ls_restr.pdbx_refine_id 
_refine_ls_restr.pdbx_restraint_function 
s_bond_d               0.007  ? ? ? 'X-RAY DIFFRACTION' ? 
s_angle_d              0.024  ? ? ? 'X-RAY DIFFRACTION' ? 
s_similar_dist         0.000  ? ? ? 'X-RAY DIFFRACTION' ? 
s_from_restr_planes    0.0265 ? ? ? 'X-RAY DIFFRACTION' ? 
s_zero_chiral_vol      0.040  ? ? ? 'X-RAY DIFFRACTION' ? 
s_non_zero_chiral_vol  0.042  ? ? ? 'X-RAY DIFFRACTION' ? 
s_anti_bump_dis_restr  0.017  ? ? ? 'X-RAY DIFFRACTION' ? 
s_rigid_bond_adp_cmpnt 0.000  ? ? ? 'X-RAY DIFFRACTION' ? 
s_similar_adp_cmpnt    0.063  ? ? ? 'X-RAY DIFFRACTION' ? 
s_approx_iso_adps      0.000  ? ? ? 'X-RAY DIFFRACTION' ? 
# 
_pdbx_refine.entry_id                                    3CKT 
_pdbx_refine.R_factor_all_no_cutoff                      0.2018 
_pdbx_refine.R_factor_obs_no_cutoff                      ? 
_pdbx_refine.free_R_factor_no_cutoff                     ? 
_pdbx_refine.free_R_error_no_cutoff                      ? 
_pdbx_refine.free_R_val_test_set_size_perc_no_cutoff     ? 
_pdbx_refine.free_R_val_test_set_ct_no_cutoff            ? 
_pdbx_refine.R_factor_all_4sig_cutoff                    0.1828 
_pdbx_refine.R_factor_obs_4sig_cutoff                    ? 
_pdbx_refine.free_R_factor_4sig_cutoff                   ? 
_pdbx_refine.free_R_val_test_set_size_perc_4sig_cutoff   ? 
_pdbx_refine.free_R_val_test_set_ct_4sig_cutoff          ? 
_pdbx_refine.number_reflns_obs_4sig_cutoff               17918 
_pdbx_refine.pdbx_refine_id                              'X-RAY DIFFRACTION' 
# 
_struct.entry_id                  3CKT 
_struct.title                     
'HIV-1 protease in complex with a dimethylallyl decorated pyrrolidine based inhibitor (orthorombic space group)' 
_struct.pdbx_model_details        ? 
_struct.pdbx_CASP_flag            ? 
_struct.pdbx_model_type_details   ? 
# 
_struct_keywords.entry_id        3CKT 
_struct_keywords.pdbx_keywords   'HYDROLASE/HYDROLASE INHIBITOR' 
_struct_keywords.text            'HYDROLASE-HYDROLASE INHIBITOR complex' 
# 
loop_
_struct_asym.id 
_struct_asym.pdbx_blank_PDB_chainid_flag 
_struct_asym.pdbx_modified 
_struct_asym.entity_id 
_struct_asym.details 
A N N 1 ? 
B N N 1 ? 
C N N 2 ? 
D N N 3 ? 
E N N 2 ? 
F N N 4 ? 
G N N 4 ? 
# 
_struct_biol.id        1 
_struct_biol.details   ? 
# 
loop_
_struct_conf.conf_type_id 
_struct_conf.id 
_struct_conf.pdbx_PDB_helix_id 
_struct_conf.beg_label_comp_id 
_struct_conf.beg_label_asym_id 
_struct_conf.beg_label_seq_id 
_struct_conf.pdbx_beg_PDB_ins_code 
_struct_conf.end_label_comp_id 
_struct_conf.end_label_asym_id 
_struct_conf.end_label_seq_id 
_struct_conf.pdbx_end_PDB_ins_code 
_struct_conf.beg_auth_comp_id 
_struct_conf.beg_auth_asym_id 
_struct_conf.beg_auth_seq_id 
_struct_conf.end_auth_comp_id 
_struct_conf.end_auth_asym_id 
_struct_conf.end_auth_seq_id 
_struct_conf.pdbx_PDB_helix_class 
_struct_conf.details 
_struct_conf.pdbx_PDB_helix_length 
HELX_P HELX_P1 1 GLY A 86 ? THR A 91 ? GLY A 86 THR A 91 1 ? 6 
HELX_P HELX_P2 2 GLN A 92 ? GLY A 94 ? GLN A 92 GLY A 94 5 ? 3 
HELX_P HELX_P3 3 GLY B 86 ? GLY B 94 ? GLY B 86 GLY B 94 1 ? 9 
# 
_struct_conf_type.id          HELX_P 
_struct_conf_type.criteria    ? 
_struct_conf_type.reference   ? 
# 
loop_
_struct_sheet.id 
_struct_sheet.type 
_struct_sheet.number_strands 
_struct_sheet.details 
A ? 4 ? 
B ? 8 ? 
C ? 8 ? 
# 
loop_
_struct_sheet_order.sheet_id 
_struct_sheet_order.range_id_1 
_struct_sheet_order.range_id_2 
_struct_sheet_order.offset 
_struct_sheet_order.sense 
A 1 2 ? anti-parallel 
A 2 3 ? anti-parallel 
A 3 4 ? anti-parallel 
B 1 2 ? anti-parallel 
B 2 3 ? anti-parallel 
B 3 4 ? parallel      
B 4 5 ? anti-parallel 
B 5 6 ? parallel      
B 6 7 ? anti-parallel 
B 7 8 ? anti-parallel 
C 1 2 ? anti-parallel 
C 2 3 ? anti-parallel 
C 3 4 ? parallel      
C 4 5 ? anti-parallel 
C 5 6 ? parallel      
C 6 7 ? anti-parallel 
C 7 8 ? anti-parallel 
# 
loop_
_struct_sheet_range.sheet_id 
_struct_sheet_range.id 
_struct_sheet_range.beg_label_comp_id 
_struct_sheet_range.beg_label_asym_id 
_struct_sheet_range.beg_label_seq_id 
_struct_sheet_range.pdbx_beg_PDB_ins_code 
_struct_sheet_range.end_label_comp_id 
_struct_sheet_range.end_label_asym_id 
_struct_sheet_range.end_label_seq_id 
_struct_sheet_range.pdbx_end_PDB_ins_code 
_struct_sheet_range.beg_auth_comp_id 
_struct_sheet_range.beg_auth_asym_id 
_struct_sheet_range.beg_auth_seq_id 
_struct_sheet_range.end_auth_comp_id 
_struct_sheet_range.end_auth_asym_id 
_struct_sheet_range.end_auth_seq_id 
A 1 GLN A 2  ? ILE A 3  ? GLN A 2  ILE A 3  
A 2 THR B 96 ? ASN B 98 ? THR B 96 ASN B 98 
A 3 THR A 96 ? ASN A 98 ? THR A 96 ASN A 98 
A 4 GLN B 2  ? ILE B 3  ? GLN B 2  ILE B 3  
B 1 LYS A 43 ? GLY A 49 ? LYS A 43 GLY A 49 
B 2 GLY A 52 ? ILE A 66 ? GLY A 52 ILE A 66 
B 3 HIS A 69 ? VAL A 77 ? HIS A 69 VAL A 77 
B 4 THR A 31 ? LEU A 33 ? THR A 31 LEU A 33 
B 5 ASN A 83 ? ILE A 85 ? ASN A 83 ILE A 85 
B 6 GLN A 18 ? LEU A 24 ? GLN A 18 LEU A 24 
B 7 LEU A 10 ? ILE A 15 ? LEU A 10 ILE A 15 
B 8 GLY A 52 ? ILE A 66 ? GLY A 52 ILE A 66 
C 1 LYS B 43 ? GLY B 49 ? LYS B 43 GLY B 49 
C 2 GLY B 52 ? ILE B 66 ? GLY B 52 ILE B 66 
C 3 HIS B 69 ? VAL B 77 ? HIS B 69 VAL B 77 
C 4 VAL B 32 ? LEU B 33 ? VAL B 32 LEU B 33 
C 5 ILE B 84 ? ILE B 85 ? ILE B 84 ILE B 85 
C 6 GLN B 18 ? LEU B 24 ? GLN B 18 LEU B 24 
C 7 LEU B 10 ? ILE B 15 ? LEU B 10 ILE B 15 
C 8 GLY B 52 ? ILE B 66 ? GLY B 52 ILE B 66 
# 
loop_
_pdbx_struct_sheet_hbond.sheet_id 
_pdbx_struct_sheet_hbond.range_id_1 
_pdbx_struct_sheet_hbond.range_id_2 
_pdbx_struct_sheet_hbond.range_1_label_atom_id 
_pdbx_struct_sheet_hbond.range_1_label_comp_id 
_pdbx_struct_sheet_hbond.range_1_label_asym_id 
_pdbx_struct_sheet_hbond.range_1_label_seq_id 
_pdbx_struct_sheet_hbond.range_1_PDB_ins_code 
_pdbx_struct_sheet_hbond.range_1_auth_atom_id 
_pdbx_struct_sheet_hbond.range_1_auth_comp_id 
_pdbx_struct_sheet_hbond.range_1_auth_asym_id 
_pdbx_struct_sheet_hbond.range_1_auth_seq_id 
_pdbx_struct_sheet_hbond.range_2_label_atom_id 
_pdbx_struct_sheet_hbond.range_2_label_comp_id 
_pdbx_struct_sheet_hbond.range_2_label_asym_id 
_pdbx_struct_sheet_hbond.range_2_label_seq_id 
_pdbx_struct_sheet_hbond.range_2_PDB_ins_code 
_pdbx_struct_sheet_hbond.range_2_auth_atom_id 
_pdbx_struct_sheet_hbond.range_2_auth_comp_id 
_pdbx_struct_sheet_hbond.range_2_auth_asym_id 
_pdbx_struct_sheet_hbond.range_2_auth_seq_id 
A 1 2 N ILE A 3  ? N ILE A 3  O LEU B 97 ? O LEU B 97 
A 2 3 O ASN B 98 ? O ASN B 98 N THR A 96 ? N THR A 96 
A 3 4 N LEU A 97 ? N LEU A 97 O ILE B 3  ? O ILE B 3  
B 1 2 N LYS A 43 ? N LYS A 43 O GLN A 58 ? O GLN A 58 
B 2 3 N ILE A 64 ? N ILE A 64 O ALA A 71 ? O ALA A 71 
B 3 4 O LEU A 76 ? O LEU A 76 N LEU A 33 ? N LEU A 33 
B 4 5 N VAL A 32 ? N VAL A 32 O ILE A 84 ? O ILE A 84 
B 5 6 O ILE A 85 ? O ILE A 85 N LEU A 23 ? N LEU A 23 
B 6 7 O LYS A 20 ? O LYS A 20 N ILE A 13 ? N ILE A 13 
B 7 8 N LYS A 14 ? N LYS A 14 O GLU A 65 ? O GLU A 65 
C 1 2 N LYS B 43 ? N LYS B 43 O GLN B 58 ? O GLN B 58 
C 2 3 N ILE B 66 ? N ILE B 66 O HIS B 69 ? O HIS B 69 
C 3 4 O LEU B 76 ? O LEU B 76 N LEU B 33 ? N LEU B 33 
C 4 5 N VAL B 32 ? N VAL B 32 O ILE B 84 ? O ILE B 84 
C 5 6 O ILE B 85 ? O ILE B 85 N LEU B 23 ? N LEU B 23 
C 6 7 O LYS B 20 ? O LYS B 20 N ILE B 13 ? N ILE B 13 
C 7 8 N LYS B 14 ? N LYS B 14 O GLU B 65 ? O GLU B 65 
# 
loop_
_struct_site.id 
_struct_site.pdbx_evidence_code 
_struct_site.pdbx_auth_asym_id 
_struct_site.pdbx_auth_comp_id 
_struct_site.pdbx_auth_seq_id 
_struct_site.pdbx_auth_ins_code 
_struct_site.pdbx_num_residues 
_struct_site.details 
AC1 Software B CL  2601 ? 2  'BINDING SITE FOR RESIDUE CL B 2601'  
AC2 Software A CL  2602 ? 3  'BINDING SITE FOR RESIDUE CL A 2602'  
AC3 Software A YDP 2501 ? 19 'BINDING SITE FOR RESIDUE YDP A 2501' 
# 
loop_
_struct_site_gen.id 
_struct_site_gen.site_id 
_struct_site_gen.pdbx_num_res 
_struct_site_gen.label_comp_id 
_struct_site_gen.label_asym_id 
_struct_site_gen.label_seq_id 
_struct_site_gen.pdbx_auth_ins_code 
_struct_site_gen.auth_comp_id 
_struct_site_gen.auth_asym_id 
_struct_site_gen.auth_seq_id 
_struct_site_gen.label_atom_id 
_struct_site_gen.label_alt_id 
_struct_site_gen.symmetry 
_struct_site_gen.details 
1  AC1 2  THR B 74 ? THR B 74 . ? 1_555 ? 
2  AC1 2  ASN B 88 ? ASN B 88 . ? 1_555 ? 
3  AC2 3  GLY A 73 ? GLY A 73 . ? 1_555 ? 
4  AC2 3  THR A 74 ? THR A 74 . ? 1_555 ? 
5  AC2 3  ASN A 88 ? ASN A 88 . ? 1_555 ? 
6  AC3 19 LEU A 23 ? LEU A 23 . ? 1_555 ? 
7  AC3 19 ASP A 25 ? ASP A 25 . ? 1_555 ? 
8  AC3 19 GLY A 27 ? GLY A 27 . ? 1_555 ? 
9  AC3 19 ALA A 28 ? ALA A 28 . ? 1_555 ? 
10 AC3 19 ASP A 29 ? ASP A 29 . ? 1_555 ? 
11 AC3 19 ASP A 30 ? ASP A 30 . ? 1_555 ? 
12 AC3 19 GLY A 48 ? GLY A 48 . ? 1_555 ? 
13 AC3 19 GLY A 49 ? GLY A 49 . ? 1_555 ? 
14 AC3 19 ILE A 50 ? ILE A 50 . ? 1_555 ? 
15 AC3 19 ILE A 84 ? ILE A 84 . ? 1_555 ? 
16 AC3 19 LEU B 23 ? LEU B 23 . ? 1_555 ? 
17 AC3 19 ASP B 25 ? ASP B 25 . ? 1_555 ? 
18 AC3 19 GLY B 27 ? GLY B 27 . ? 1_555 ? 
19 AC3 19 ALA B 28 ? ALA B 28 . ? 1_555 ? 
20 AC3 19 ASP B 29 ? ASP B 29 . ? 1_555 ? 
21 AC3 19 ASP B 30 ? ASP B 30 . ? 1_555 ? 
22 AC3 19 GLY B 48 ? GLY B 48 . ? 1_555 ? 
23 AC3 19 ILE B 50 ? ILE B 50 . ? 1_555 ? 
24 AC3 19 ILE B 84 ? ILE B 84 . ? 1_555 ? 
# 
_atom_sites.entry_id                    3CKT 
_atom_sites.fract_transf_matrix[1][1]   0.00914658 
_atom_sites.fract_transf_matrix[1][2]   0.01484513 
_atom_sites.fract_transf_matrix[1][3]   -0.00809470 
_atom_sites.fract_transf_matrix[2][1]   0.01082646 
_atom_sites.fract_transf_matrix[2][2]   0.00072348 
_atom_sites.fract_transf_matrix[2][3]   0.01356013 
_atom_sites.fract_transf_matrix[3][1]   0.01011148 
_atom_sites.fract_transf_matrix[3][2]   -0.01033149 
_atom_sites.fract_transf_matrix[3][3]   -0.00752182 
_atom_sites.fract_transf_vector[1]      0.098459 
_atom_sites.fract_transf_vector[2]      -0.020095 
_atom_sites.fract_transf_vector[3]      -0.296045 
# 
loop_
_atom_type.symbol 
C  
CL 
N  
O  
S  
# 
loop_
_atom_site.group_PDB 
_atom_site.id 
_atom_site.type_symbol 
_atom_site.label_atom_id 
_atom_site.label_alt_id 
_atom_site.label_comp_id 
_atom_site.label_asym_id 
_atom_site.label_entity_id 
_atom_site.label_seq_id 
_atom_site.pdbx_PDB_ins_code 
_atom_site.Cartn_x 
_atom_site.Cartn_y 
_atom_site.Cartn_z 
_atom_site.occupancy 
_atom_site.B_iso_or_equiv 
_atom_site.pdbx_formal_charge 
_atom_site.auth_seq_id 
_atom_site.auth_comp_id 
_atom_site.auth_asym_id 
_atom_site.auth_atom_id 
_atom_site.pdbx_PDB_model_num 
ATOM   1    N  N   . PRO A 1 1  ? -11.350 12.793  -8.166  1.00 21.95  ? 1    PRO A N   1 
ATOM   2    C  CA  . PRO A 1 1  ? -11.971 11.646  -8.844  1.00 22.17  ? 1    PRO A CA  1 
ATOM   3    C  C   . PRO A 1 1  ? -12.126 10.455  -7.909  1.00 23.74  ? 1    PRO A C   1 
ATOM   4    O  O   . PRO A 1 1  ? -11.685 10.548  -6.763  1.00 18.97  ? 1    PRO A O   1 
ATOM   5    C  CB  . PRO A 1 1  ? -10.958 11.297  -9.938  1.00 32.12  ? 1    PRO A CB  1 
ATOM   6    C  CG  . PRO A 1 1  ? -9.651  11.755  -9.366  1.00 29.57  ? 1    PRO A CG  1 
ATOM   7    C  CD  . PRO A 1 1  ? -10.004 13.073  -8.704  1.00 29.33  ? 1    PRO A CD  1 
ATOM   8    N  N   . GLN A 1 2  ? -12.734 9.385   -8.401  1.00 13.88  ? 2    GLN A N   1 
ATOM   9    C  CA  . GLN A 1 2  ? -12.814 8.128   -7.673  1.00 11.88  ? 2    GLN A CA  1 
ATOM   10   C  C   . GLN A 1 2  ? -11.882 7.145   -8.383  1.00 18.42  ? 2    GLN A C   1 
ATOM   11   O  O   . GLN A 1 2  ? -12.036 6.989   -9.590  1.00 19.41  ? 2    GLN A O   1 
ATOM   12   C  CB  . GLN A 1 2  ? -14.208 7.527   -7.580  1.00 15.83  ? 2    GLN A CB  1 
ATOM   13   C  CG  . GLN A 1 2  ? -14.352 6.239   -6.780  1.00 17.89  ? 2    GLN A CG  1 
ATOM   14   C  CD  . GLN A 1 2  ? -15.810 5.828   -6.637  1.00 19.43  ? 2    GLN A CD  1 
ATOM   15   O  OE1 . GLN A 1 2  ? -16.294 5.211   -7.595  1.00 28.47  ? 2    GLN A OE1 1 
ATOM   16   N  NE2 . GLN A 1 2  ? -16.574 6.078   -5.579  1.00 22.90  ? 2    GLN A NE2 1 
ATOM   17   N  N   . ILE A 1 3  ? -10.976 6.557   -7.620  1.00 18.16  ? 3    ILE A N   1 
ATOM   18   C  CA  . ILE A 1 3  ? -9.994  5.617   -8.168  1.00 15.98  ? 3    ILE A CA  1 
ATOM   19   C  C   . ILE A 1 3  ? -10.381 4.201   -7.786  1.00 16.64  ? 3    ILE A C   1 
ATOM   20   O  O   . ILE A 1 3  ? -10.469 3.746   -6.650  1.00 18.40  ? 3    ILE A O   1 
ATOM   21   C  CB  . ILE A 1 3  ? -8.581  5.983   -7.694  1.00 14.66  ? 3    ILE A CB  1 
ATOM   22   C  CG1 . ILE A 1 3  ? -8.198  7.458   -7.906  1.00 17.59  ? 3    ILE A CG1 1 
ATOM   23   C  CG2 . ILE A 1 3  ? -7.521  5.122   -8.354  1.00 19.31  ? 3    ILE A CG2 1 
ATOM   24   C  CD1 . ILE A 1 3  ? -8.329  7.886   -9.352  1.00 20.52  ? 3    ILE A CD1 1 
ATOM   25   N  N   . THR A 1 4  ? -10.679 3.401   -8.801  1.00 15.01  ? 4    THR A N   1 
ATOM   26   C  CA  . THR A 1 4  ? -11.087 2.033   -8.546  1.00 17.55  ? 4    THR A CA  1 
ATOM   27   C  C   . THR A 1 4  ? -9.927  1.174   -8.075  1.00 13.97  ? 4    THR A C   1 
ATOM   28   O  O   . THR A 1 4  ? -8.760  1.506   -8.330  1.00 18.02  ? 4    THR A O   1 
ATOM   29   C  CB  . THR A 1 4  ? -11.661 1.445   -9.858  1.00 17.24  ? 4    THR A CB  1 
ATOM   30   O  OG1 . THR A 1 4  ? -12.090 0.111   -9.619  1.00 16.62  ? 4    THR A OG1 1 
ATOM   31   C  CG2 . THR A 1 4  ? -10.568 1.379   -10.926 1.00 21.74  ? 4    THR A CG2 1 
ATOM   32   N  N   . LEU A 1 5  ? -10.179 0.046   -7.429  1.00 14.30  ? 5    LEU A N   1 
ATOM   33   C  CA  . LEU A 1 5  ? -9.095  -0.856  -7.036  1.00 13.88  ? 5    LEU A CA  1 
ATOM   34   C  C   . LEU A 1 5  ? -9.140  -2.180  -7.788  1.00 15.31  ? 5    LEU A C   1 
ATOM   35   O  O   . LEU A 1 5  ? -8.428  -3.117  -7.432  1.00 10.17  ? 5    LEU A O   1 
ATOM   36   C  CB  . LEU A 1 5  ? -9.094  -1.073  -5.515  1.00 10.71  ? 5    LEU A CB  1 
ATOM   37   C  CG  . LEU A 1 5  ? -8.884  0.223   -4.713  1.00 8.94   ? 5    LEU A CG  1 
ATOM   38   C  CD1 . LEU A 1 5  ? -9.144  0.009   -3.235  1.00 13.56  ? 5    LEU A CD1 1 
ATOM   39   C  CD2 . LEU A 1 5  ? -7.479  0.766   -4.892  1.00 11.65  ? 5    LEU A CD2 1 
ATOM   40   N  N   . TRP A 1 6  ? -9.950  -2.256  -8.857  1.00 13.11  ? 6    TRP A N   1 
ATOM   41   C  CA  . TRP A 1 6  ? -9.934  -3.442  -9.723  1.00 17.07  ? 6    TRP A CA  1 
ATOM   42   C  C   . TRP A 1 6  ? -8.550  -3.686  -10.302 1.00 12.75  ? 6    TRP A C   1 
ATOM   43   O  O   . TRP A 1 6  ? -8.131  -4.816  -10.523 1.00 13.13  ? 6    TRP A O   1 
ATOM   44   C  CB  . TRP A 1 6  ? -10.919 -3.266  -10.880 1.00 9.96   ? 6    TRP A CB  1 
ATOM   45   C  CG  . TRP A 1 6  ? -12.367 -3.390  -10.549 1.00 11.03  ? 6    TRP A CG  1 
ATOM   46   C  CD1 . TRP A 1 6  ? -13.344 -2.450  -10.715 1.00 18.28  ? 6    TRP A CD1 1 
ATOM   47   C  CD2 . TRP A 1 6  ? -13.014 -4.536  -9.990  1.00 12.03  ? 6    TRP A CD2 1 
ATOM   48   N  NE1 . TRP A 1 6  ? -14.547 -2.951  -10.294 1.00 16.50  ? 6    TRP A NE1 1 
ATOM   49   C  CE2 . TRP A 1 6  ? -14.372 -4.230  -9.844  1.00 11.04  ? 6    TRP A CE2 1 
ATOM   50   C  CE3 . TRP A 1 6  ? -12.559 -5.802  -9.602  1.00 21.53  ? 6    TRP A CE3 1 
ATOM   51   C  CZ2 . TRP A 1 6  ? -15.314 -5.115  -9.327  1.00 20.21  ? 6    TRP A CZ2 1 
ATOM   52   C  CZ3 . TRP A 1 6  ? -13.498 -6.678  -9.089  1.00 21.17  ? 6    TRP A CZ3 1 
ATOM   53   C  CH2 . TRP A 1 6  ? -14.846 -6.349  -8.952  1.00 24.05  ? 6    TRP A CH2 1 
ATOM   54   N  N   . GLN A 1 7  ? -7.829  -2.597  -10.559 1.00 9.82   ? 7    GLN A N   1 
ATOM   55   C  CA  . GLN A 1 7  ? -6.442  -2.650  -10.950 1.00 10.57  ? 7    GLN A CA  1 
ATOM   56   C  C   . GLN A 1 7  ? -5.606  -1.795  -9.997  1.00 10.96  ? 7    GLN A C   1 
ATOM   57   O  O   . GLN A 1 7  ? -6.188  -1.100  -9.173  1.00 12.32  ? 7    GLN A O   1 
ATOM   58   C  CB  . GLN A 1 7  ? -6.230  -2.152  -12.376 1.00 14.69  ? 7    GLN A CB  1 
ATOM   59   C  CG  . GLN A 1 7  ? -7.095  -2.901  -13.374 1.00 16.35  ? 7    GLN A CG  1 
ATOM   60   C  CD  . GLN A 1 7  ? -8.505  -2.458  -13.612 1.00 18.02  ? 7    GLN A CD  1 
ATOM   61   O  OE1 . GLN A 1 7  ? -9.317  -3.289  -14.072 1.00 18.39  ? 7    GLN A OE1 1 
ATOM   62   N  NE2 . GLN A 1 7  ? -8.903  -1.214  -13.356 1.00 12.54  ? 7    GLN A NE2 1 
ATOM   63   N  N   . ARG A 1 8  ? -4.293  -1.844  -10.106 1.00 12.34  ? 8    ARG A N   1 
ATOM   64   C  CA  . ARG A 1 8  ? -3.459  -0.989  -9.253  1.00 12.92  ? 8    ARG A CA  1 
ATOM   65   C  C   . ARG A 1 8  ? -3.875  0.446   -9.478  1.00 15.13  ? 8    ARG A C   1 
ATOM   66   O  O   . ARG A 1 8  ? -4.080  0.791   -10.644 1.00 12.40  ? 8    ARG A O   1 
ATOM   67   C  CB  . ARG A 1 8  ? -1.980  -1.151  -9.596  1.00 12.67  ? 8    ARG A CB  1 
ATOM   68   C  CG  . ARG A 1 8  ? -1.535  -2.600  -9.450  1.00 14.07  ? 8    ARG A CG  1 
ATOM   69   C  CD  . ARG A 1 8  ? -0.072  -2.778  -9.808  1.00 14.57  ? 8    ARG A CD  1 
ATOM   70   N  NE  . ARG A 1 8  ? 0.382   -4.102  -9.372  1.00 23.73  ? 8    ARG A NE  1 
ATOM   71   C  CZ  . ARG A 1 8  ? 1.384   -4.793  -9.895  1.00 40.65  ? 8    ARG A CZ  1 
ATOM   72   N  NH1 . ARG A 1 8  ? 2.093   -4.301  -10.913 1.00 43.22  ? 8    ARG A NH1 1 
ATOM   73   N  NH2 . ARG A 1 8  ? 1.700   -5.995  -9.405  1.00 29.34  ? 8    ARG A NH2 1 
ATOM   74   N  N   . PRO A 1 9  ? -4.034  1.225   -8.421  1.00 12.98  ? 9    PRO A N   1 
ATOM   75   C  CA  . PRO A 1 9  ? -4.436  2.623   -8.545  1.00 11.16  ? 9    PRO A CA  1 
ATOM   76   C  C   . PRO A 1 9  ? -3.316  3.519   -9.050  1.00 14.12  ? 9    PRO A C   1 
ATOM   77   O  O   . PRO A 1 9  ? -2.731  4.304   -8.313  1.00 11.96  ? 9    PRO A O   1 
ATOM   78   C  CB  . PRO A 1 9  ? -4.830  2.992   -7.113  1.00 11.60  ? 9    PRO A CB  1 
ATOM   79   C  CG  . PRO A 1 9  ? -3.970  2.089   -6.281  1.00 12.06  ? 9    PRO A CG  1 
ATOM   80   C  CD  . PRO A 1 9  ? -3.913  0.785   -7.023  1.00 17.41  ? 9    PRO A CD  1 
ATOM   81   N  N   . LEU A 1 10 ? -3.051  3.381   -10.334 1.00 12.81  ? 10   LEU A N   1 
ATOM   82   C  CA  . LEU A 1 10 ? -2.031  4.139   -11.040 1.00 14.01  ? 10   LEU A CA  1 
ATOM   83   C  C   . LEU A 1 10 ? -2.635  5.383   -11.668 1.00 17.44  ? 10   LEU A C   1 
ATOM   84   O  O   . LEU A 1 10 ? -3.649  5.329   -12.380 1.00 17.53  ? 10   LEU A O   1 
ATOM   85   C  CB  . LEU A 1 10 ? -1.349  3.289   -12.126 1.00 13.49  ? 10   LEU A CB  1 
ATOM   86   C  CG  . LEU A 1 10 ? -0.691  2.008   -11.588 1.00 17.84  ? 10   LEU A CG  1 
ATOM   87   C  CD1 . LEU A 1 10 ? -0.464  1.019   -12.719 1.00 33.27  ? 10   LEU A CD1 1 
ATOM   88   C  CD2 . LEU A 1 10 ? 0.605   2.361   -10.873 1.00 19.29  ? 10   LEU A CD2 1 
ATOM   89   N  N   . VAL A 1 11 ? -2.004  6.519   -11.382 1.00 13.12  ? 11   VAL A N   1 
ATOM   90   C  CA  . VAL A 1 11 ? -2.481  7.799   -11.873 1.00 11.16  ? 11   VAL A CA  1 
ATOM   91   C  C   . VAL A 1 11 ? -1.296  8.638   -12.348 1.00 12.60  ? 11   VAL A C   1 
ATOM   92   O  O   . VAL A 1 11 ? -0.169  8.299   -12.055 1.00 14.76  ? 11   VAL A O   1 
ATOM   93   C  CB  . VAL A 1 11 ? -3.226  8.613   -10.806 1.00 16.54  ? 11   VAL A CB  1 
ATOM   94   C  CG1 . VAL A 1 11 ? -4.311  7.790   -10.124 1.00 20.25  ? 11   VAL A CG1 1 
ATOM   95   C  CG2 . VAL A 1 11 ? -2.228  9.114   -9.783  1.00 17.29  ? 11   VAL A CG2 1 
ATOM   96   N  N   . THR A 1 12 ? -1.613  9.712   -13.074 1.00 13.17  ? 12   THR A N   1 
ATOM   97   C  CA  . THR A 1 12 ? -0.564  10.611  -13.527 1.00 14.78  ? 12   THR A CA  1 
ATOM   98   C  C   . THR A 1 12 ? -0.226  11.644  -12.460 1.00 18.83  ? 12   THR A C   1 
ATOM   99   O  O   . THR A 1 12 ? -1.034  12.286  -11.783 1.00 14.69  ? 12   THR A O   1 
ATOM   100  C  CB  . THR A 1 12 ? -1.036  11.261  -14.839 1.00 14.96  ? 12   THR A CB  1 
ATOM   101  O  OG1 . THR A 1 12 ? -1.281  10.220  -15.793 1.00 16.90  ? 12   THR A OG1 1 
ATOM   102  C  CG2 . THR A 1 12 ? 0.010   12.167  -15.463 1.00 20.02  ? 12   THR A CG2 1 
ATOM   103  N  N   . ILE A 1 13 ? 1.074   11.822  -12.280 1.00 9.86   ? 13   ILE A N   1 
ATOM   104  C  CA  . ILE A 1 13 ? 1.597   12.843  -11.397 1.00 11.39  ? 13   ILE A CA  1 
ATOM   105  C  C   . ILE A 1 13 ? 2.539   13.722  -12.210 1.00 12.87  ? 13   ILE A C   1 
ATOM   106  O  O   . ILE A 1 13 ? 2.955   13.336  -13.324 1.00 13.78  ? 13   ILE A O   1 
ATOM   107  C  CB  . ILE A 1 13 ? 2.370   12.258  -10.204 1.00 14.72  ? 13   ILE A CB  1 
ATOM   108  C  CG1 . ILE A 1 13 ? 3.602   11.478  -10.669 1.00 13.37  ? 13   ILE A CG1 1 
ATOM   109  C  CG2 . ILE A 1 13 ? 1.470   11.421  -9.301  1.00 14.23  ? 13   ILE A CG2 1 
ATOM   110  C  CD1 . ILE A 1 13 ? 4.620   11.235  -9.562  1.00 15.86  ? 13   ILE A CD1 1 
ATOM   111  N  N   . LYS A 1 14 ? 2.864   14.866  -11.659 1.00 10.34  ? 14   LYS A N   1 
ATOM   112  C  CA  . LYS A 1 14 ? 3.823   15.750  -12.310 1.00 12.70  ? 14   LYS A CA  1 
ATOM   113  C  C   . LYS A 1 14 ? 4.862   16.174  -11.281 1.00 18.88  ? 14   LYS A C   1 
ATOM   114  O  O   . LYS A 1 14 ? 4.529   16.516  -10.154 1.00 16.15  ? 14   LYS A O   1 
ATOM   115  C  CB  . LYS A 1 14 ? 3.133   16.950  -12.936 1.00 19.20  ? 14   LYS A CB  1 
ATOM   116  N  N   . ILE A 1 15 ? 6.126   16.122  -11.694 1.00 19.55  ? 15   ILE A N   1 
ATOM   117  C  CA  . ILE A 1 15 ? 7.228   16.627  -10.895 1.00 13.42  ? 15   ILE A CA  1 
ATOM   118  C  C   . ILE A 1 15 ? 8.130   17.449  -11.812 1.00 16.57  ? 15   ILE A C   1 
ATOM   119  O  O   . ILE A 1 15 ? 8.594   16.961  -12.840 1.00 17.48  ? 15   ILE A O   1 
ATOM   120  C  CB  A ILE A 1 15 ? 7.973   15.507  -10.157 0.38 17.82  ? 15   ILE A CB  1 
ATOM   121  C  CB  B ILE A 1 15 ? 8.112   15.522  -10.286 0.62 18.75  ? 15   ILE A CB  1 
ATOM   122  C  CG1 A ILE A 1 15 ? 9.188   15.977  -9.340  0.38 17.82  ? 15   ILE A CG1 1 
ATOM   123  C  CG1 B ILE A 1 15 ? 7.373   14.265  -9.840  0.62 15.67  ? 15   ILE A CG1 1 
ATOM   124  C  CG2 A ILE A 1 15 ? 8.399   14.386  -11.087 0.38 13.89  ? 15   ILE A CG2 1 
ATOM   125  C  CG2 B ILE A 1 15 ? 8.952   16.082  -9.143  0.62 21.23  ? 15   ILE A CG2 1 
ATOM   126  C  CD1 A ILE A 1 15 ? 9.527   15.008  -8.224  0.38 7.63   ? 15   ILE A CD1 1 
ATOM   127  C  CD1 B ILE A 1 15 ? 8.265   13.256  -9.132  0.62 14.39  ? 15   ILE A CD1 1 
ATOM   128  N  N   . GLY A 1 16 ? 8.350   18.723  -11.491 1.00 23.88  ? 16   GLY A N   1 
ATOM   129  C  CA  . GLY A 1 16 ? 9.085   19.554  -12.440 1.00 30.10  ? 16   GLY A CA  1 
ATOM   130  C  C   . GLY A 1 16 ? 8.299   19.702  -13.726 1.00 25.24  ? 16   GLY A C   1 
ATOM   131  O  O   . GLY A 1 16 ? 8.824   19.963  -14.805 1.00 24.99  ? 16   GLY A O   1 
ATOM   132  N  N   . GLY A 1 17 ? 6.985   19.524  -13.650 1.00 24.74  ? 17   GLY A N   1 
ATOM   133  C  CA  . GLY A 1 17 ? 6.191   19.608  -14.863 1.00 27.79  ? 17   GLY A CA  1 
ATOM   134  C  C   . GLY A 1 17 ? 6.286   18.357  -15.723 1.00 34.98  ? 17   GLY A C   1 
ATOM   135  O  O   . GLY A 1 17 ? 5.521   18.236  -16.687 1.00 25.46  ? 17   GLY A O   1 
ATOM   136  N  N   . GLN A 1 18 ? 7.187   17.437  -15.386 1.00 28.30  ? 18   GLN A N   1 
ATOM   137  C  CA  . GLN A 1 18 ? 7.316   16.169  -16.103 1.00 19.07  ? 18   GLN A CA  1 
ATOM   138  C  C   . GLN A 1 18 ? 6.297   15.140  -15.623 1.00 21.58  ? 18   GLN A C   1 
ATOM   139  O  O   . GLN A 1 18 ? 6.102   14.908  -14.433 1.00 21.93  ? 18   GLN A O   1 
ATOM   140  C  CB  . GLN A 1 18 ? 8.728   15.608  -15.942 1.00 16.32  ? 18   GLN A CB  1 
ATOM   141  C  CG  . GLN A 1 18 ? 9.793   16.595  -16.401 1.00 19.18  ? 18   GLN A CG  1 
ATOM   142  C  CD  . GLN A 1 18 ? 9.388   17.239  -17.725 1.00 24.76  ? 18   GLN A CD  1 
ATOM   143  O  OE1 . GLN A 1 18 ? 9.382   16.567  -18.761 1.00 25.68  ? 18   GLN A OE1 1 
ATOM   144  N  NE2 . GLN A 1 18 ? 9.053   18.519  -17.672 1.00 36.44  ? 18   GLN A NE2 1 
ATOM   145  N  N   . LEU A 1 19 ? 5.604   14.513  -16.565 1.00 18.80  ? 19   LEU A N   1 
ATOM   146  C  CA  . LEU A 1 19 ? 4.518   13.603  -16.213 1.00 12.90  ? 19   LEU A CA  1 
ATOM   147  C  C   . LEU A 1 19 ? 5.007   12.178  -16.024 1.00 16.69  ? 19   LEU A C   1 
ATOM   148  O  O   . LEU A 1 19 ? 5.795   11.639  -16.803 1.00 18.62  ? 19   LEU A O   1 
ATOM   149  C  CB  . LEU A 1 19 ? 3.443   13.648  -17.301 1.00 25.94  ? 19   LEU A CB  1 
ATOM   150  C  CG  . LEU A 1 19 ? 2.746   14.969  -17.635 1.00 34.23  ? 19   LEU A CG  1 
ATOM   151  C  CD1 . LEU A 1 19 ? 1.251   14.717  -17.799 1.00 36.56  ? 19   LEU A CD1 1 
ATOM   152  C  CD2 . LEU A 1 19 ? 3.028   16.045  -16.604 1.00 49.82  ? 19   LEU A CD2 1 
ATOM   153  N  N   . LYS A 1 20 ? 4.540   11.511  -14.977 1.00 14.80  ? 20   LYS A N   1 
ATOM   154  C  CA  . LYS A 1 20 ? 4.958   10.177  -14.610 1.00 10.68  ? 20   LYS A CA  1 
ATOM   155  C  C   . LYS A 1 20 ? 3.735   9.403   -14.095 1.00 14.62  ? 20   LYS A C   1 
ATOM   156  O  O   . LYS A 1 20 ? 2.794   10.063  -13.651 1.00 18.25  ? 20   LYS A O   1 
ATOM   157  C  CB  . LYS A 1 20 ? 5.986   10.162  -13.490 1.00 20.09  ? 20   LYS A CB  1 
ATOM   158  C  CG  . LYS A 1 20 ? 7.362   10.764  -13.636 1.00 20.12  ? 20   LYS A CG  1 
ATOM   159  C  CD  . LYS A 1 20 ? 8.111   10.644  -12.317 1.00 32.36  ? 20   LYS A CD  1 
ATOM   160  C  CE  . LYS A 1 20 ? 9.617   10.566  -12.479 1.00 43.38  ? 20   LYS A CE  1 
ATOM   161  N  NZ  . LYS A 1 20 ? 10.101  11.423  -13.596 1.00 57.22  ? 20   LYS A NZ  1 
ATOM   162  N  N   . GLU A 1 21 ? 3.814   8.086   -14.163 1.00 14.15  ? 21   GLU A N   1 
ATOM   163  C  CA  . GLU A 1 21 ? 2.838   7.196   -13.559 1.00 17.08  ? 21   GLU A CA  1 
ATOM   164  C  C   . GLU A 1 21 ? 3.205   6.935   -12.098 1.00 11.85  ? 21   GLU A C   1 
ATOM   165  O  O   . GLU A 1 21 ? 4.365   6.736   -11.759 1.00 11.38  ? 21   GLU A O   1 
ATOM   166  C  CB  . GLU A 1 21 ? 2.780   5.848   -14.277 1.00 20.78  ? 21   GLU A CB  1 
ATOM   167  C  CG  . GLU A 1 21 ? 1.829   4.831   -13.671 1.00 22.60  ? 21   GLU A CG  1 
ATOM   168  C  CD  . GLU A 1 21 ? 1.623   3.638   -14.592 1.00 26.19  ? 21   GLU A CD  1 
ATOM   169  O  OE1 . GLU A 1 21 ? 2.433   2.697   -14.505 1.00 25.33  ? 21   GLU A OE1 1 
ATOM   170  O  OE2 . GLU A 1 21 ? 0.665   3.649   -15.392 1.00 28.22  ? 21   GLU A OE2 1 
ATOM   171  N  N   . ALA A 1 22 ? 2.203   6.914   -11.230 1.00 12.92  ? 22   ALA A N   1 
ATOM   172  C  CA  . ALA A 1 22 ? 2.443   6.600   -9.834  1.00 12.43  ? 22   ALA A CA  1 
ATOM   173  C  C   . ALA A 1 22 ? 1.260   5.852   -9.214  1.00 14.54  ? 22   ALA A C   1 
ATOM   174  O  O   . ALA A 1 22 ? 0.111   6.037   -9.610  1.00 14.03  ? 22   ALA A O   1 
ATOM   175  C  CB  . ALA A 1 22 ? 2.684   7.877   -9.043  1.00 13.82  ? 22   ALA A CB  1 
ATOM   176  N  N   . LEU A 1 23 ? 1.576   5.034   -8.231  1.00 11.65  ? 23   LEU A N   1 
ATOM   177  C  CA  . LEU A 1 23 ? 0.639   4.226   -7.455  1.00 8.51   ? 23   LEU A CA  1 
ATOM   178  C  C   . LEU A 1 23 ? 0.234   4.943   -6.177  1.00 12.33  ? 23   LEU A C   1 
ATOM   179  O  O   . LEU A 1 23 ? 1.040   5.328   -5.326  1.00 12.50  ? 23   LEU A O   1 
ATOM   180  C  CB  . LEU A 1 23 ? 1.310   2.888   -7.175  1.00 8.73   ? 23   LEU A CB  1 
ATOM   181  C  CG  . LEU A 1 23 ? 0.581   1.829   -6.369  1.00 23.51  ? 23   LEU A CG  1 
ATOM   182  C  CD1 . LEU A 1 23 ? -0.511  1.165   -7.191  1.00 37.38  ? 23   LEU A CD1 1 
ATOM   183  C  CD2 . LEU A 1 23 ? 1.578   0.785   -5.861  1.00 23.18  ? 23   LEU A CD2 1 
ATOM   184  N  N   . LEU A 1 24 ? -1.066  5.155   -6.004  1.00 11.14  ? 24   LEU A N   1 
ATOM   185  C  CA  . LEU A 1 24 ? -1.602  5.720   -4.765  1.00 10.11  ? 24   LEU A CA  1 
ATOM   186  C  C   . LEU A 1 24 ? -1.701  4.621   -3.707  1.00 16.76  ? 24   LEU A C   1 
ATOM   187  O  O   . LEU A 1 24 ? -2.545  3.741   -3.838  1.00 13.66  ? 24   LEU A O   1 
ATOM   188  C  CB  . LEU A 1 24 ? -2.967  6.339   -5.008  1.00 12.86  ? 24   LEU A CB  1 
ATOM   189  C  CG  . LEU A 1 24 ? -3.089  7.366   -6.124  1.00 11.35  ? 24   LEU A CG  1 
ATOM   190  C  CD1 . LEU A 1 24 ? -4.486  7.971   -6.064  1.00 17.68  ? 24   LEU A CD1 1 
ATOM   191  C  CD2 . LEU A 1 24 ? -2.040  8.455   -6.016  1.00 16.36  ? 24   LEU A CD2 1 
ATOM   192  N  N   . ASP A 1 25 ? -0.836  4.689   -2.702  1.00 13.83  ? 25   ASP A N   1 
ATOM   193  C  CA  . ASP A 1 25 ? -0.513  3.600   -1.790  1.00 10.76  ? 25   ASP A CA  1 
ATOM   194  C  C   . ASP A 1 25 ? -0.786  3.978   -0.336  1.00 8.23   ? 25   ASP A C   1 
ATOM   195  O  O   . ASP A 1 25 ? 0.018   4.637   0.321   1.00 13.27  ? 25   ASP A O   1 
ATOM   196  C  CB  . ASP A 1 25 ? 0.956   3.215   -2.014  1.00 13.67  ? 25   ASP A CB  1 
ATOM   197  C  CG  . ASP A 1 25 ? 1.299   1.905   -1.355  1.00 20.64  ? 25   ASP A CG  1 
ATOM   198  O  OD1 . ASP A 1 25 ? 0.571   1.534   -0.407  1.00 18.79  ? 25   ASP A OD1 1 
ATOM   199  O  OD2 . ASP A 1 25 ? 2.283   1.288   -1.825  1.00 19.67  ? 25   ASP A OD2 1 
ATOM   200  N  N   . THR A 1 26 ? -1.958  3.551   0.147   1.00 8.64   ? 26   THR A N   1 
ATOM   201  C  CA  . THR A 1 26 ? -2.333  3.848   1.527   1.00 9.27   ? 26   THR A CA  1 
ATOM   202  C  C   . THR A 1 26 ? -1.532  3.042   2.530   1.00 11.52  ? 26   THR A C   1 
ATOM   203  O  O   . THR A 1 26 ? -1.552  3.327   3.735   1.00 13.60  ? 26   THR A O   1 
ATOM   204  C  CB  . THR A 1 26 ? -3.850  3.604   1.715   1.00 9.12   ? 26   THR A CB  1 
ATOM   205  O  OG1 . THR A 1 26 ? -4.082  2.213   1.466   1.00 9.99   ? 26   THR A OG1 1 
ATOM   206  C  CG2 . THR A 1 26 ? -4.573  4.463   0.709   1.00 13.30  ? 26   THR A CG2 1 
ATOM   207  N  N   . GLY A 1 27 ? -0.777  2.035   2.090   1.00 10.06  ? 27   GLY A N   1 
ATOM   208  C  CA  . GLY A 1 27 ? 0.073   1.272   2.989   1.00 9.37   ? 27   GLY A CA  1 
ATOM   209  C  C   . GLY A 1 27 ? 1.435   1.901   3.150   1.00 17.30  ? 27   GLY A C   1 
ATOM   210  O  O   . GLY A 1 27 ? 2.242   1.447   3.960   1.00 20.31  ? 27   GLY A O   1 
ATOM   211  N  N   . ALA A 1 28 ? 1.764   2.935   2.376   1.00 13.25  ? 28   ALA A N   1 
ATOM   212  C  CA  . ALA A 1 28 ? 3.073   3.570   2.493   1.00 11.59  ? 28   ALA A CA  1 
ATOM   213  C  C   . ALA A 1 28 ? 2.984   4.823   3.349   1.00 15.18  ? 28   ALA A C   1 
ATOM   214  O  O   . ALA A 1 28 ? 2.148   5.677   3.049   1.00 13.27  ? 28   ALA A O   1 
ATOM   215  C  CB  . ALA A 1 28 ? 3.580   3.919   1.109   1.00 10.99  ? 28   ALA A CB  1 
ATOM   216  N  N   . ASP A 1 29 ? 3.814   4.938   4.376   1.00 11.89  ? 29   ASP A N   1 
ATOM   217  C  CA  . ASP A 1 29 ? 3.830   6.129   5.204   1.00 9.18   ? 29   ASP A CA  1 
ATOM   218  C  C   . ASP A 1 29 ? 4.357   7.326   4.408   1.00 13.52  ? 29   ASP A C   1 
ATOM   219  O  O   . ASP A 1 29 ? 3.822   8.429   4.501   1.00 13.66  ? 29   ASP A O   1 
ATOM   220  C  CB  . ASP A 1 29 ? 4.697   5.961   6.439   1.00 18.86  ? 29   ASP A CB  1 
ATOM   221  C  CG  . ASP A 1 29 ? 4.145   5.014   7.481   1.00 19.07  ? 29   ASP A CG  1 
ATOM   222  O  OD1 . ASP A 1 29 ? 2.972   4.609   7.433   1.00 14.07  ? 29   ASP A OD1 1 
ATOM   223  O  OD2 . ASP A 1 29 ? 4.936   4.690   8.398   1.00 23.67  ? 29   ASP A OD2 1 
ATOM   224  N  N   . ASP A 1 30 ? 5.395   7.079   3.614   1.00 14.06  ? 30   ASP A N   1 
ATOM   225  C  CA  . ASP A 1 30 ? 5.967   8.165   2.823   1.00 14.46  ? 30   ASP A CA  1 
ATOM   226  C  C   . ASP A 1 30 ? 6.009   7.801   1.348   1.00 10.45  ? 30   ASP A C   1 
ATOM   227  O  O   . ASP A 1 30 ? 5.779   6.651   0.965   1.00 11.68  ? 30   ASP A O   1 
ATOM   228  C  CB  . ASP A 1 30 ? 7.354   8.557   3.337   1.00 26.40  ? 30   ASP A CB  1 
ATOM   229  C  CG  . ASP A 1 30 ? 7.303   9.450   4.567   1.00 35.01  ? 30   ASP A CG  1 
ATOM   230  O  OD1 . ASP A 1 30 ? 6.695   10.542  4.551   1.00 27.37  ? 30   ASP A OD1 1 
ATOM   231  O  OD2 . ASP A 1 30 ? 7.893   9.066   5.597   1.00 37.27  ? 30   ASP A OD2 1 
ATOM   232  N  N   . THR A 1 31 ? 6.297   8.812   0.546   1.00 12.54  ? 31   THR A N   1 
ATOM   233  C  CA  . THR A 1 31 ? 6.322   8.726   -0.914  1.00 9.17   ? 31   THR A CA  1 
ATOM   234  C  C   . THR A 1 31 ? 7.664   8.258   -1.417  1.00 9.75   ? 31   THR A C   1 
ATOM   235  O  O   . THR A 1 31 ? 8.690   8.755   -0.969  1.00 13.11  ? 31   THR A O   1 
ATOM   236  C  CB  . THR A 1 31 ? 5.948   10.107  -1.490  1.00 12.89  ? 31   THR A CB  1 
ATOM   237  O  OG1 . THR A 1 31 ? 4.560   10.302  -1.191  1.00 10.43  ? 31   THR A OG1 1 
ATOM   238  C  CG2 . THR A 1 31 ? 6.134   10.177  -2.997  1.00 15.36  ? 31   THR A CG2 1 
ATOM   239  N  N   . VAL A 1 32 ? 7.669   7.302   -2.330  1.00 9.01   ? 32   VAL A N   1 
ATOM   240  C  CA  . VAL A 1 32 ? 8.899   6.684   -2.828  1.00 10.51  ? 32   VAL A CA  1 
ATOM   241  C  C   . VAL A 1 32 ? 8.929   6.834   -4.346  1.00 16.58  ? 32   VAL A C   1 
ATOM   242  O  O   . VAL A 1 32 ? 8.065   6.287   -5.032  1.00 13.82  ? 32   VAL A O   1 
ATOM   243  C  CB  . VAL A 1 32 ? 8.979   5.208   -2.427  1.00 7.90   ? 32   VAL A CB  1 
ATOM   244  C  CG1 . VAL A 1 32 ? 10.283  4.590   -2.910  1.00 17.54  ? 32   VAL A CG1 1 
ATOM   245  C  CG2 . VAL A 1 32 ? 8.854   5.038   -0.921  1.00 15.06  ? 32   VAL A CG2 1 
ATOM   246  N  N   . LEU A 1 33 ? 9.905   7.568   -4.870  1.00 13.17  ? 33   LEU A N   1 
ATOM   247  C  CA  . LEU A 1 33 ? 10.003  7.749   -6.302  1.00 7.40   ? 33   LEU A CA  1 
ATOM   248  C  C   . LEU A 1 33 ? 11.142  6.976   -6.960  1.00 10.94  ? 33   LEU A C   1 
ATOM   249  O  O   . LEU A 1 33 ? 12.181  6.751   -6.324  1.00 14.84  ? 33   LEU A O   1 
ATOM   250  C  CB  . LEU A 1 33 ? 10.238  9.227   -6.632  1.00 13.35  ? 33   LEU A CB  1 
ATOM   251  C  CG  . LEU A 1 33 ? 9.206   10.233  -6.099  1.00 15.86  ? 33   LEU A CG  1 
ATOM   252  C  CD1 . LEU A 1 33 ? 9.584   11.623  -6.582  1.00 30.72  ? 33   LEU A CD1 1 
ATOM   253  C  CD2 . LEU A 1 33 ? 7.798   9.860   -6.515  1.00 18.12  ? 33   LEU A CD2 1 
ATOM   254  N  N   . GLU A 1 34 ? 10.901  6.607   -8.206  1.00 11.27  ? 34   GLU A N   1 
ATOM   255  C  CA  . GLU A 1 34 ? 11.949  5.935   -8.994  1.00 14.20  ? 34   GLU A CA  1 
ATOM   256  C  C   . GLU A 1 34 ? 13.152  6.847   -9.050  1.00 11.61  ? 34   GLU A C   1 
ATOM   257  O  O   . GLU A 1 34 ? 13.026  8.053   -8.863  1.00 13.68  ? 34   GLU A O   1 
ATOM   258  C  CB  . GLU A 1 34 ? 11.424  5.587   -10.381 1.00 23.41  ? 34   GLU A CB  1 
ATOM   259  C  CG  . GLU A 1 34 ? 10.900  6.768   -11.187 1.00 40.46  ? 34   GLU A CG  1 
ATOM   260  C  CD  . GLU A 1 34 ? 9.894   6.379   -12.261 1.00 48.49  ? 34   GLU A CD  1 
ATOM   261  O  OE1 . GLU A 1 34 ? 9.756   5.160   -12.524 1.00 36.97  ? 34   GLU A OE1 1 
ATOM   262  O  OE2 . GLU A 1 34 ? 9.247   7.295   -12.830 1.00 28.11  ? 34   GLU A OE2 1 
ATOM   263  N  N   . GLU A 1 35 ? 14.330  6.267   -9.312  1.00 13.51  ? 35   GLU A N   1 
ATOM   264  C  CA  . GLU A 1 35 ? 15.521  7.107   -9.431  1.00 14.25  ? 35   GLU A CA  1 
ATOM   265  C  C   . GLU A 1 35 ? 15.338  8.271   -10.398 1.00 12.14  ? 35   GLU A C   1 
ATOM   266  O  O   . GLU A 1 35 ? 14.852  8.119   -11.512 1.00 20.22  ? 35   GLU A O   1 
ATOM   267  C  CB  . GLU A 1 35 ? 16.685  6.239   -9.904  1.00 14.06  ? 35   GLU A CB  1 
ATOM   268  C  CG  . GLU A 1 35 ? 17.967  6.988   -10.195 1.00 15.74  ? 35   GLU A CG  1 
ATOM   269  C  CD  . GLU A 1 35 ? 18.570  7.652   -8.975  1.00 17.89  ? 35   GLU A CD  1 
ATOM   270  O  OE1 . GLU A 1 35 ? 19.084  8.793   -9.114  1.00 15.87  ? 35   GLU A OE1 1 
ATOM   271  O  OE2 . GLU A 1 35 ? 18.533  7.020   -7.894  1.00 16.62  ? 35   GLU A OE2 1 
ATOM   272  N  N   . MET A 1 36 ? 15.716  9.439   -9.943  1.00 14.67  ? 36   MET A N   1 
ATOM   273  C  CA  . MET A 1 36 ? 15.685  10.682  -10.690 1.00 13.47  ? 36   MET A CA  1 
ATOM   274  C  C   . MET A 1 36 ? 16.618  11.688  -10.008 1.00 18.30  ? 36   MET A C   1 
ATOM   275  O  O   . MET A 1 36 ? 16.875  11.588  -8.812  1.00 16.60  ? 36   MET A O   1 
ATOM   276  C  CB  . MET A 1 36 ? 14.289  11.267  -10.816 1.00 17.70  ? 36   MET A CB  1 
ATOM   277  C  CG  . MET A 1 36 ? 13.527  11.405  -9.512  1.00 24.77  ? 36   MET A CG  1 
ATOM   278  S  SD  . MET A 1 36 ? 11.928  12.219  -9.693  1.00 23.70  ? 36   MET A SD  1 
ATOM   279  C  CE  . MET A 1 36 ? 11.993  12.810  -11.378 1.00 157.91 ? 36   MET A CE  1 
ATOM   280  N  N   . SER A 1 37 ? 17.089  12.641  -10.796 1.00 17.56  ? 37   SER A N   1 
ATOM   281  C  CA  . SER A 1 37 ? 18.097  13.593  -10.357 1.00 23.15  ? 37   SER A CA  1 
ATOM   282  C  C   . SER A 1 37 ? 17.555  14.872  -9.739  1.00 25.40  ? 37   SER A C   1 
ATOM   283  O  O   . SER A 1 37 ? 17.740  15.953  -10.320 1.00 44.52  ? 37   SER A O   1 
ATOM   284  C  CB  . SER A 1 37 ? 18.976  13.929  -11.585 1.00 21.98  ? 37   SER A CB  1 
ATOM   285  O  OG  . SER A 1 37 ? 19.784  12.803  -11.928 1.00 32.06  ? 37   SER A OG  1 
ATOM   286  N  N   . LEU A 1 38 ? 16.904  14.832  -8.585  1.00 16.04  ? 38   LEU A N   1 
ATOM   287  C  CA  . LEU A 1 38 ? 16.430  16.023  -7.879  1.00 14.15  ? 38   LEU A CA  1 
ATOM   288  C  C   . LEU A 1 38 ? 17.574  16.889  -7.366  1.00 18.65  ? 38   LEU A C   1 
ATOM   289  O  O   . LEU A 1 38 ? 18.590  16.382  -6.898  1.00 25.51  ? 38   LEU A O   1 
ATOM   290  C  CB  . LEU A 1 38 ? 15.563  15.604  -6.698  1.00 14.06  ? 38   LEU A CB  1 
ATOM   291  C  CG  . LEU A 1 38 ? 14.214  14.971  -7.014  1.00 17.74  ? 38   LEU A CG  1 
ATOM   292  C  CD1 . LEU A 1 38 ? 13.565  14.443  -5.750  1.00 13.02  ? 38   LEU A CD1 1 
ATOM   293  C  CD2 . LEU A 1 38 ? 13.305  15.973  -7.716  1.00 32.40  ? 38   LEU A CD2 1 
ATOM   294  N  N   . PRO A 1 39 ? 17.533  18.215  -7.386  1.00 19.31  ? 39   PRO A N   1 
ATOM   295  C  CA  . PRO A 1 39 ? 18.683  18.986  -6.910  1.00 14.94  ? 39   PRO A CA  1 
ATOM   296  C  C   . PRO A 1 39 ? 18.757  19.147  -5.397  1.00 17.19  ? 39   PRO A C   1 
ATOM   297  O  O   . PRO A 1 39 ? 17.785  19.019  -4.663  1.00 22.34  ? 39   PRO A O   1 
ATOM   298  C  CB  . PRO A 1 39 ? 18.434  20.386  -7.501  1.00 16.35  ? 39   PRO A CB  1 
ATOM   299  C  CG  . PRO A 1 39 ? 16.947  20.452  -7.566  1.00 27.94  ? 39   PRO A CG  1 
ATOM   300  C  CD  . PRO A 1 39 ? 16.442  19.068  -7.857  1.00 24.66  ? 39   PRO A CD  1 
ATOM   301  N  N   . GLY A 1 40 ? 19.971  19.450  -4.923  1.00 17.23  ? 40   GLY A N   1 
ATOM   302  C  CA  . GLY A 1 40 ? 20.100  19.787  -3.524  1.00 18.77  ? 40   GLY A CA  1 
ATOM   303  C  C   . GLY A 1 40 ? 20.482  18.620  -2.645  1.00 15.67  ? 40   GLY A C   1 
ATOM   304  O  O   . GLY A 1 40 ? 20.647  17.497  -3.119  1.00 25.49  ? 40   GLY A O   1 
ATOM   305  N  N   . ARG A 1 41 ? 20.635  18.895  -1.351  1.00 17.25  ? 41   ARG A N   1 
ATOM   306  C  CA  . ARG A 1 41 ? 21.091  17.818  -0.473  1.00 20.02  ? 41   ARG A CA  1 
ATOM   307  C  C   . ARG A 1 41 ? 19.889  16.984  -0.030  1.00 16.07  ? 41   ARG A C   1 
ATOM   308  O  O   . ARG A 1 41 ? 18.714  17.372  -0.116  1.00 17.37  ? 41   ARG A O   1 
ATOM   309  C  CB  . ARG A 1 41 ? 21.906  18.379  0.703   1.00 22.06  ? 41   ARG A CB  1 
ATOM   310  C  CG  . ARG A 1 41 ? 23.095  19.206  0.245   1.00 22.79  ? 41   ARG A CG  1 
ATOM   311  C  CD  . ARG A 1 41 ? 24.084  19.586  1.314   1.00 31.23  ? 41   ARG A CD  1 
ATOM   312  N  NE  . ARG A 1 41 ? 23.584  19.360  2.655   1.00 39.46  ? 41   ARG A NE  1 
ATOM   313  C  CZ  . ARG A 1 41 ? 22.852  20.210  3.361   1.00 50.09  ? 41   ARG A CZ  1 
ATOM   314  N  NH1 . ARG A 1 41 ? 22.508  21.397  2.875   1.00 52.13  ? 41   ARG A NH1 1 
ATOM   315  N  NH2 . ARG A 1 41 ? 22.469  19.846  4.581   1.00 37.31  ? 41   ARG A NH2 1 
ATOM   316  N  N   . TRP A 1 42 ? 20.220  15.809  0.451   1.00 15.06  ? 42   TRP A N   1 
ATOM   317  C  CA  . TRP A 1 42 ? 19.274  14.777  0.861   1.00 12.89  ? 42   TRP A CA  1 
ATOM   318  C  C   . TRP A 1 42 ? 19.832  14.125  2.116   1.00 14.63  ? 42   TRP A C   1 
ATOM   319  O  O   . TRP A 1 42 ? 20.970  14.421  2.484   1.00 16.21  ? 42   TRP A O   1 
ATOM   320  C  CB  . TRP A 1 42 ? 19.046  13.754  -0.249  1.00 15.86  ? 42   TRP A CB  1 
ATOM   321  C  CG  . TRP A 1 42 ? 20.379  13.399  -0.858  1.00 25.49  ? 42   TRP A CG  1 
ATOM   322  C  CD1 . TRP A 1 42 ? 21.065  14.060  -1.833  1.00 32.57  ? 42   TRP A CD1 1 
ATOM   323  C  CD2 . TRP A 1 42 ? 21.172  12.272  -0.488  1.00 22.84  ? 42   TRP A CD2 1 
ATOM   324  N  NE1 . TRP A 1 42 ? 22.241  13.415  -2.104  1.00 34.17  ? 42   TRP A NE1 1 
ATOM   325  C  CE2 . TRP A 1 42 ? 22.329  12.311  -1.289  1.00 30.03  ? 42   TRP A CE2 1 
ATOM   326  C  CE3 . TRP A 1 42 ? 21.009  11.240  0.438   1.00 25.10  ? 42   TRP A CE3 1 
ATOM   327  C  CZ2 . TRP A 1 42 ? 23.324  11.347  -1.187  1.00 27.47  ? 42   TRP A CZ2 1 
ATOM   328  C  CZ3 . TRP A 1 42 ? 22.002  10.283  0.536   1.00 31.08  ? 42   TRP A CZ3 1 
ATOM   329  C  CH2 . TRP A 1 42 ? 23.145  10.346  -0.275  1.00 29.82  ? 42   TRP A CH2 1 
ATOM   330  N  N   . LYS A 1 43 ? 19.020  13.297  2.734   1.00 14.86  ? 43   LYS A N   1 
ATOM   331  C  CA  . LYS A 1 43 ? 19.398  12.584  3.957   1.00 14.36  ? 43   LYS A CA  1 
ATOM   332  C  C   . LYS A 1 43 ? 19.249  11.096  3.685   1.00 14.74  ? 43   LYS A C   1 
ATOM   333  O  O   . LYS A 1 43 ? 18.229  10.691  3.118   1.00 17.24  ? 43   LYS A O   1 
ATOM   334  C  CB  . LYS A 1 43 ? 18.516  13.030  5.105   1.00 14.49  ? 43   LYS A CB  1 
ATOM   335  C  CG  . LYS A 1 43 ? 18.821  12.483  6.485   1.00 23.47  ? 43   LYS A CG  1 
ATOM   336  C  CD  . LYS A 1 43 ? 17.816  13.034  7.502   1.00 23.33  ? 43   LYS A CD  1 
ATOM   337  C  CE  . LYS A 1 43 ? 18.035  12.444  8.886   1.00 25.60  ? 43   LYS A CE  1 
ATOM   338  N  NZ  . LYS A 1 43 ? 19.376  12.800  9.439   1.00 34.19  ? 43   LYS A NZ  1 
ATOM   339  N  N   . PRO A 1 44 ? 20.238  10.299  4.046   1.00 17.00  ? 44   PRO A N   1 
ATOM   340  C  CA  . PRO A 1 44 ? 20.139  8.847   3.889   1.00 18.84  ? 44   PRO A CA  1 
ATOM   341  C  C   . PRO A 1 44 ? 19.054  8.280   4.790   1.00 9.52   ? 44   PRO A C   1 
ATOM   342  O  O   . PRO A 1 44 ? 18.865  8.693   5.931   1.00 13.45  ? 44   PRO A O   1 
ATOM   343  C  CB  . PRO A 1 44 ? 21.495  8.307   4.360   1.00 13.45  ? 44   PRO A CB  1 
ATOM   344  C  CG  . PRO A 1 44 ? 22.363  9.487   4.580   1.00 23.71  ? 44   PRO A CG  1 
ATOM   345  C  CD  . PRO A 1 44 ? 21.530  10.723  4.613   1.00 18.06  ? 44   PRO A CD  1 
ATOM   346  N  N   . LYS A 1 45 ? 18.347  7.291   4.247   1.00 11.99  ? 45   LYS A N   1 
ATOM   347  C  CA  . LYS A 1 45 ? 17.251  6.650   4.970   1.00 15.34  ? 45   LYS A CA  1 
ATOM   348  C  C   . LYS A 1 45 ? 17.114  5.204   4.522   1.00 17.25  ? 45   LYS A C   1 
ATOM   349  O  O   . LYS A 1 45 ? 17.483  4.860   3.401   1.00 12.78  ? 45   LYS A O   1 
ATOM   350  C  CB  . LYS A 1 45 ? 15.947  7.398   4.736   1.00 18.94  ? 45   LYS A CB  1 
ATOM   351  C  CG  . LYS A 1 45 ? 14.778  6.927   5.573   1.00 17.66  ? 45   LYS A CG  1 
ATOM   352  C  CD  . LYS A 1 45 ? 13.523  7.737   5.257   1.00 28.35  ? 45   LYS A CD  1 
ATOM   353  C  CE  . LYS A 1 45 ? 12.283  7.082   5.845   1.00 33.96  ? 45   LYS A CE  1 
ATOM   354  N  NZ  . LYS A 1 45 ? 12.122  7.351   7.300   1.00 28.23  ? 45   LYS A NZ  1 
ATOM   355  N  N   . MET A 1 46 ? 16.604  4.380   5.424   1.00 12.22  ? 46   MET A N   1 
ATOM   356  C  CA  . MET A 1 46 ? 16.285  3.016   5.108   1.00 12.89  ? 46   MET A CA  1 
ATOM   357  C  C   . MET A 1 46 ? 14.791  2.772   5.263   1.00 8.86   ? 46   MET A C   1 
ATOM   358  O  O   . MET A 1 46 ? 14.238  3.141   6.292   1.00 15.83  ? 46   MET A O   1 
ATOM   359  C  CB  . MET A 1 46 ? 17.027  2.026   6.025   1.00 14.47  ? 46   MET A CB  1 
ATOM   360  C  CG  . MET A 1 46 ? 18.528  2.169   5.890   1.00 23.08  ? 46   MET A CG  1 
ATOM   361  S  SD  . MET A 1 46 ? 19.087  1.115   4.526   1.00 32.26  ? 46   MET A SD  1 
ATOM   362  C  CE  . MET A 1 46 ? 19.191  -0.436  5.452   1.00 26.32  ? 46   MET A CE  1 
ATOM   363  N  N   . ILE A 1 47 ? 14.178  2.153   4.251   1.00 8.82   ? 47   ILE A N   1 
ATOM   364  C  CA  . ILE A 1 47 ? 12.768  1.802   4.406   1.00 14.68  ? 47   ILE A CA  1 
ATOM   365  C  C   . ILE A 1 47 ? 12.545  0.323   4.171   1.00 10.16  ? 47   ILE A C   1 
ATOM   366  O  O   . ILE A 1 47 ? 13.208  -0.299  3.349   1.00 14.59  ? 47   ILE A O   1 
ATOM   367  C  CB  . ILE A 1 47 ? 11.868  2.620   3.465   1.00 19.33  ? 47   ILE A CB  1 
ATOM   368  C  CG1 . ILE A 1 47 ? 12.185  2.470   1.979   1.00 16.11  ? 47   ILE A CG1 1 
ATOM   369  C  CG2 . ILE A 1 47 ? 11.900  4.080   3.890   1.00 19.62  ? 47   ILE A CG2 1 
ATOM   370  C  CD1 . ILE A 1 47 ? 11.112  3.155   1.125   1.00 19.33  ? 47   ILE A CD1 1 
ATOM   371  N  N   . GLY A 1 48 ? 11.611  -0.247  4.925   1.00 14.13  ? 48   GLY A N   1 
ATOM   372  C  CA  . GLY A 1 48 ? 11.435  -1.693  4.876   1.00 16.21  ? 48   GLY A CA  1 
ATOM   373  C  C   . GLY A 1 48 ? 10.116  -2.139  4.296   1.00 17.08  ? 48   GLY A C   1 
ATOM   374  O  O   . GLY A 1 48 ? 9.079   -1.496  4.479   1.00 18.84  ? 48   GLY A O   1 
ATOM   375  N  N   . GLY A 1 49 ? 10.128  -3.260  3.585   1.00 17.07  ? 49   GLY A N   1 
ATOM   376  C  CA  . GLY A 1 49 ? 8.913   -3.889  3.097   1.00 23.74  ? 49   GLY A CA  1 
ATOM   377  C  C   . GLY A 1 49 ? 9.101   -5.394  3.105   1.00 29.78  ? 49   GLY A C   1 
ATOM   378  O  O   . GLY A 1 49 ? 10.112  -5.877  3.632   1.00 24.50  ? 49   GLY A O   1 
ATOM   379  N  N   . ILE A 1 50 ? 8.171   -6.153  2.527   1.00 29.42  ? 50   ILE A N   1 
ATOM   380  C  CA  . ILE A 1 50 ? 8.440   -7.586  2.442   1.00 32.97  ? 50   ILE A CA  1 
ATOM   381  C  C   . ILE A 1 50 ? 9.715   -7.785  1.633   1.00 30.15  ? 50   ILE A C   1 
ATOM   382  O  O   . ILE A 1 50 ? 9.966   -7.145  0.610   1.00 30.08  ? 50   ILE A O   1 
ATOM   383  C  CB  . ILE A 1 50 ? 7.288   -8.385  1.815   1.00 44.46  ? 50   ILE A CB  1 
ATOM   384  C  CG1 . ILE A 1 50 ? 7.311   -8.348  0.284   1.00 53.70  ? 50   ILE A CG1 1 
ATOM   385  C  CG2 . ILE A 1 50 ? 5.945   -7.935  2.364   1.00 46.35  ? 50   ILE A CG2 1 
ATOM   386  C  CD1 . ILE A 1 50 ? 6.711   -9.591  -0.342  1.00 85.54  ? 50   ILE A CD1 1 
ATOM   387  N  N   . GLY A 1 51 ? 10.545  -8.683  2.148   1.00 40.02  ? 51   GLY A N   1 
ATOM   388  C  CA  . GLY A 1 51 ? 11.860  -8.895  1.555   1.00 45.65  ? 51   GLY A CA  1 
ATOM   389  C  C   . GLY A 1 51 ? 12.907  -8.253  2.450   1.00 43.61  ? 51   GLY A C   1 
ATOM   390  O  O   . GLY A 1 51 ? 13.959  -8.836  2.701   1.00 44.42  ? 51   GLY A O   1 
ATOM   391  N  N   . GLY A 1 52 ? 12.607  -7.051  2.940   1.00 32.49  ? 52   GLY A N   1 
ATOM   392  C  CA  . GLY A 1 52 ? 13.580  -6.331  3.742   1.00 21.65  ? 52   GLY A CA  1 
ATOM   393  C  C   . GLY A 1 52 ? 13.720  -4.876  3.347   1.00 25.10  ? 52   GLY A C   1 
ATOM   394  O  O   . GLY A 1 52 ? 12.788  -4.272  2.810   1.00 25.75  ? 52   GLY A O   1 
ATOM   395  N  N   . PHE A 1 53 ? 14.884  -4.291  3.627   1.00 14.28  ? 53   PHE A N   1 
ATOM   396  C  CA  . PHE A 1 53 ? 15.049  -2.844  3.517   1.00 11.14  ? 53   PHE A CA  1 
ATOM   397  C  C   . PHE A 1 53 ? 15.927  -2.448  2.347   1.00 18.18  ? 53   PHE A C   1 
ATOM   398  O  O   . PHE A 1 53 ? 16.817  -3.189  1.947   1.00 18.94  ? 53   PHE A O   1 
ATOM   399  C  CB  . PHE A 1 53 ? 15.675  -2.312  4.803   1.00 13.49  ? 53   PHE A CB  1 
ATOM   400  C  CG  . PHE A 1 53 ? 14.803  -2.238  6.029   1.00 13.59  ? 53   PHE A CG  1 
ATOM   401  C  CD1 . PHE A 1 53 ? 14.374  -3.386  6.675   1.00 16.86  ? 53   PHE A CD1 1 
ATOM   402  C  CD2 . PHE A 1 53 ? 14.435  -1.005  6.524   1.00 12.02  ? 53   PHE A CD2 1 
ATOM   403  C  CE1 . PHE A 1 53 ? 13.579  -3.301  7.798   1.00 13.80  ? 53   PHE A CE1 1 
ATOM   404  C  CE2 . PHE A 1 53 ? 13.636  -0.915  7.643   1.00 17.21  ? 53   PHE A CE2 1 
ATOM   405  C  CZ  . PHE A 1 53 ? 13.222  -2.065  8.288   1.00 22.86  ? 53   PHE A CZ  1 
ATOM   406  N  N   . ILE A 1 54 ? 15.669  -1.262  1.829   1.00 16.59  ? 54   ILE A N   1 
ATOM   407  C  CA  . ILE A 1 54 ? 16.438  -0.667  0.759   1.00 17.39  ? 54   ILE A CA  1 
ATOM   408  C  C   . ILE A 1 54 ? 16.801  0.762   1.157   1.00 15.78  ? 54   ILE A C   1 
ATOM   409  O  O   . ILE A 1 54 ? 16.053  1.382   1.925   1.00 14.65  ? 54   ILE A O   1 
ATOM   410  C  CB  . ILE A 1 54 ? 15.649  -0.606  -0.552  1.00 28.91  ? 54   ILE A CB  1 
ATOM   411  C  CG1 . ILE A 1 54 ? 14.422  0.294   -0.419  1.00 28.10  ? 54   ILE A CG1 1 
ATOM   412  C  CG2 . ILE A 1 54 ? 15.295  -2.008  -1.028  1.00 30.26  ? 54   ILE A CG2 1 
ATOM   413  C  CD1 . ILE A 1 54 ? 13.939  0.891   -1.727  1.00 30.20  ? 54   ILE A CD1 1 
ATOM   414  N  N   . LYS A 1 55 ? 17.926  1.188   0.605   1.00 14.56  ? 55   LYS A N   1 
ATOM   415  C  CA  . LYS A 1 55 ? 18.440  2.510   0.898   1.00 11.11  ? 55   LYS A CA  1 
ATOM   416  C  C   . LYS A 1 55 ? 17.892  3.528   -0.079  1.00 14.24  ? 55   LYS A C   1 
ATOM   417  O  O   . LYS A 1 55 ? 17.855  3.319   -1.278  1.00 14.22  ? 55   LYS A O   1 
ATOM   418  C  CB  . LYS A 1 55 ? 19.978  2.511   0.887   1.00 14.58  ? 55   LYS A CB  1 
ATOM   419  C  CG  . LYS A 1 55 ? 20.503  3.732   1.659   1.00 26.59  ? 55   LYS A CG  1 
ATOM   420  C  CD  . LYS A 1 55 ? 21.932  3.522   2.128   1.00 33.72  ? 55   LYS A CD  1 
ATOM   421  C  CE  . LYS A 1 55 ? 22.804  2.996   0.998   1.00 45.63  ? 55   LYS A CE  1 
ATOM   422  N  NZ  . LYS A 1 55 ? 23.428  1.686   1.369   1.00 72.21  ? 55   LYS A NZ  1 
ATOM   423  N  N   . VAL A 1 56 ? 17.427  4.649   0.451   1.00 12.34  ? 56   VAL A N   1 
ATOM   424  C  CA  . VAL A 1 56 ? 16.833  5.709   -0.355  1.00 9.98   ? 56   VAL A CA  1 
ATOM   425  C  C   . VAL A 1 56 ? 17.432  7.054   0.028   1.00 13.03  ? 56   VAL A C   1 
ATOM   426  O  O   . VAL A 1 56 ? 18.038  7.198   1.095   1.00 12.52  ? 56   VAL A O   1 
ATOM   427  C  CB  . VAL A 1 56 ? 15.305  5.711   -0.172  1.00 11.61  ? 56   VAL A CB  1 
ATOM   428  C  CG1 . VAL A 1 56 ? 14.714  4.384   -0.614  1.00 13.73  ? 56   VAL A CG1 1 
ATOM   429  C  CG2 . VAL A 1 56 ? 14.900  5.916   1.276   1.00 15.36  ? 56   VAL A CG2 1 
ATOM   430  N  N   . ARG A 1 57 ? 17.259  8.056   -0.833  1.00 12.07  ? 57   ARG A N   1 
ATOM   431  C  CA  . ARG A 1 57 ? 17.627  9.426   -0.545  1.00 9.24   ? 57   ARG A CA  1 
ATOM   432  C  C   . ARG A 1 57 ? 16.381  10.222  -0.194  1.00 14.96  ? 57   ARG A C   1 
ATOM   433  O  O   . ARG A 1 57 ? 15.461  10.318  -1.001  1.00 13.74  ? 57   ARG A O   1 
ATOM   434  C  CB  . ARG A 1 57 ? 18.294  10.109  -1.738  1.00 10.57  ? 57   ARG A CB  1 
ATOM   435  C  CG  . ARG A 1 57 ? 19.424  9.274   -2.304  1.00 13.66  ? 57   ARG A CG  1 
ATOM   436  C  CD  . ARG A 1 57 ? 20.259  10.063  -3.283  1.00 17.03  ? 57   ARG A CD  1 
ATOM   437  N  NE  . ARG A 1 57 ? 19.631  10.507  -4.494  1.00 15.96  ? 57   ARG A NE  1 
ATOM   438  C  CZ  . ARG A 1 57 ? 19.343  9.813   -5.577  1.00 16.06  ? 57   ARG A CZ  1 
ATOM   439  N  NH1 . ARG A 1 57 ? 19.613  8.520   -5.664  1.00 15.44  ? 57   ARG A NH1 1 
ATOM   440  N  NH2 . ARG A 1 57 ? 18.767  10.440  -6.592  1.00 14.81  ? 57   ARG A NH2 1 
ATOM   441  N  N   . GLN A 1 58 ? 16.357  10.790  1.000   1.00 10.43  ? 58   GLN A N   1 
ATOM   442  C  CA  . GLN A 1 58 ? 15.204  11.598  1.379   1.00 11.90  ? 58   GLN A CA  1 
ATOM   443  C  C   . GLN A 1 58 ? 15.420  13.044  0.957   1.00 12.74  ? 58   GLN A C   1 
ATOM   444  O  O   . GLN A 1 58 ? 16.396  13.680  1.354   1.00 14.92  ? 58   GLN A O   1 
ATOM   445  C  CB  . GLN A 1 58 ? 15.010  11.454  2.888   1.00 13.40  ? 58   GLN A CB  1 
ATOM   446  C  CG  . GLN A 1 58 ? 13.933  12.330  3.500   1.00 13.99  ? 58   GLN A CG  1 
ATOM   447  C  CD  . GLN A 1 58 ? 13.891  12.269  5.012   1.00 18.30  ? 58   GLN A CD  1 
ATOM   448  O  OE1 . GLN A 1 58 ? 14.343  11.342  5.674   1.00 21.81  ? 58   GLN A OE1 1 
ATOM   449  N  NE2 . GLN A 1 58 ? 13.316  13.296  5.633   1.00 24.42  ? 58   GLN A NE2 1 
ATOM   450  N  N   . TYR A 1 59 ? 14.514  13.588  0.166   1.00 10.17  ? 59   TYR A N   1 
ATOM   451  C  CA  . TYR A 1 59 ? 14.411  15.005  -0.178  1.00 10.54  ? 59   TYR A CA  1 
ATOM   452  C  C   . TYR A 1 59 ? 13.178  15.605  0.498   1.00 13.53  ? 59   TYR A C   1 
ATOM   453  O  O   . TYR A 1 59 ? 12.114  14.987  0.475   1.00 14.37  ? 59   TYR A O   1 
ATOM   454  C  CB  . TYR A 1 59 ? 14.340  15.188  -1.689  1.00 10.01  ? 59   TYR A CB  1 
ATOM   455  C  CG  . TYR A 1 59 ? 15.549  14.712  -2.447  1.00 10.54  ? 59   TYR A CG  1 
ATOM   456  C  CD1 . TYR A 1 59 ? 15.681  13.402  -2.858  1.00 15.30  ? 59   TYR A CD1 1 
ATOM   457  C  CD2 . TYR A 1 59 ? 16.582  15.585  -2.774  1.00 14.69  ? 59   TYR A CD2 1 
ATOM   458  C  CE1 . TYR A 1 59 ? 16.777  12.954  -3.558  1.00 10.90  ? 59   TYR A CE1 1 
ATOM   459  C  CE2 . TYR A 1 59 ? 17.691  15.149  -3.470  1.00 17.89  ? 59   TYR A CE2 1 
ATOM   460  C  CZ  . TYR A 1 59 ? 17.793  13.840  -3.862  1.00 14.68  ? 59   TYR A CZ  1 
ATOM   461  O  OH  . TYR A 1 59 ? 18.893  13.380  -4.560  1.00 19.55  ? 59   TYR A OH  1 
ATOM   462  N  N   . ASP A 1 60 ? 13.338  16.781  1.082   1.00 13.76  ? 60   ASP A N   1 
ATOM   463  C  CA  . ASP A 1 60 ? 12.273  17.502  1.754   1.00 15.85  ? 60   ASP A CA  1 
ATOM   464  C  C   . ASP A 1 60 ? 11.682  18.628  0.919   1.00 11.19  ? 60   ASP A C   1 
ATOM   465  O  O   . ASP A 1 60 ? 12.333  19.146  0.014   1.00 16.39  ? 60   ASP A O   1 
ATOM   466  C  CB  . ASP A 1 60 ? 12.773  18.094  3.075   1.00 25.31  ? 60   ASP A CB  1 
ATOM   467  C  CG  . ASP A 1 60 ? 13.065  16.972  4.054   1.00 27.81  ? 60   ASP A CG  1 
ATOM   468  O  OD1 . ASP A 1 60 ? 12.436  15.903  3.944   1.00 23.75  ? 60   ASP A OD1 1 
ATOM   469  O  OD2 . ASP A 1 60 ? 13.935  17.167  4.920   1.00 35.87  ? 60   ASP A OD2 1 
ATOM   470  N  N   . GLN A 1 61 ? 10.436  18.945  1.252   1.00 15.28  ? 61   GLN A N   1 
ATOM   471  C  CA  . GLN A 1 61 ? 9.660   19.988  0.595   1.00 23.07  ? 61   GLN A CA  1 
ATOM   472  C  C   . GLN A 1 61 ? 9.713   19.933  -0.926  1.00 19.86  ? 61   GLN A C   1 
ATOM   473  O  O   . GLN A 1 61 ? 10.021  20.912  -1.600  1.00 15.81  ? 61   GLN A O   1 
ATOM   474  C  CB  . GLN A 1 61 ? 10.136  21.360  1.118   1.00 24.53  ? 61   GLN A CB  1 
ATOM   475  C  CG  . GLN A 1 61 ? 9.959   21.514  2.624   1.00 27.65  ? 61   GLN A CG  1 
ATOM   476  C  CD  . GLN A 1 61 ? 8.520   21.322  3.060   1.00 26.96  ? 61   GLN A CD  1 
ATOM   477  O  OE1 . GLN A 1 61 ? 8.201   20.397  3.799   1.00 47.35  ? 61   GLN A OE1 1 
ATOM   478  N  NE2 . GLN A 1 61 ? 7.638   22.195  2.589   1.00 37.00  ? 61   GLN A NE2 1 
ATOM   479  N  N   . ILE A 1 62 ? 9.400   18.783  -1.504  1.00 13.42  ? 62   ILE A N   1 
ATOM   480  C  CA  . ILE A 1 62 ? 9.274   18.538  -2.922  1.00 12.26  ? 62   ILE A CA  1 
ATOM   481  C  C   . ILE A 1 62 ? 7.816   18.609  -3.382  1.00 16.97  ? 62   ILE A C   1 
ATOM   482  O  O   . ILE A 1 62 ? 6.976   17.959  -2.766  1.00 14.61  ? 62   ILE A O   1 
ATOM   483  C  CB  . ILE A 1 62 ? 9.823   17.146  -3.291  1.00 15.32  ? 62   ILE A CB  1 
ATOM   484  C  CG1 . ILE A 1 62 ? 11.292  16.960  -2.891  1.00 15.85  ? 62   ILE A CG1 1 
ATOM   485  C  CG2 . ILE A 1 62 ? 9.620   16.823  -4.765  1.00 13.25  ? 62   ILE A CG2 1 
ATOM   486  C  CD1 . ILE A 1 62 ? 12.222  17.974  -3.499  1.00 15.84  ? 62   ILE A CD1 1 
ATOM   487  N  N   . LEU A 1 63 ? 7.551   19.397  -4.417  1.00 14.28  ? 63   LEU A N   1 
ATOM   488  C  CA  . LEU A 1 63 ? 6.239   19.533  -5.020  1.00 11.25  ? 63   LEU A CA  1 
ATOM   489  C  C   . LEU A 1 63 ? 5.930   18.431  -6.021  1.00 17.11  ? 63   LEU A C   1 
ATOM   490  O  O   . LEU A 1 63 ? 6.677   18.227  -6.977  1.00 14.49  ? 63   LEU A O   1 
ATOM   491  C  CB  . LEU A 1 63 ? 6.110   20.855  -5.781  1.00 14.58  ? 63   LEU A CB  1 
ATOM   492  C  CG  . LEU A 1 63 ? 4.833   21.076  -6.593  1.00 16.38  ? 63   LEU A CG  1 
ATOM   493  C  CD1 . LEU A 1 63 ? 3.644   21.313  -5.685  1.00 21.04  ? 63   LEU A CD1 1 
ATOM   494  C  CD2 . LEU A 1 63 ? 4.988   22.259  -7.532  1.00 26.79  ? 63   LEU A CD2 1 
ATOM   495  N  N   . ILE A 1 64 ? 4.813   17.754  -5.757  1.00 12.18  ? 64   ILE A N   1 
ATOM   496  C  CA  . ILE A 1 64 ? 4.300   16.779  -6.691  1.00 14.55  ? 64   ILE A CA  1 
ATOM   497  C  C   . ILE A 1 64 ? 2.828   17.094  -6.945  1.00 16.00  ? 64   ILE A C   1 
ATOM   498  O  O   . ILE A 1 64 ? 2.092   17.296  -5.986  1.00 19.04  ? 64   ILE A O   1 
ATOM   499  C  CB  . ILE A 1 64 ? 4.412   15.330  -6.211  1.00 15.80  ? 64   ILE A CB  1 
ATOM   500  C  CG1 . ILE A 1 64 ? 5.850   14.909  -5.923  1.00 23.61  ? 64   ILE A CG1 1 
ATOM   501  C  CG2 . ILE A 1 64 ? 3.718   14.452  -7.250  1.00 16.52  ? 64   ILE A CG2 1 
ATOM   502  C  CD1 . ILE A 1 64 ? 6.047   13.410  -5.843  1.00 22.52  ? 64   ILE A CD1 1 
ATOM   503  N  N   . GLU A 1 65 ? 2.469   17.151  -8.216  1.00 11.43  ? 65   GLU A N   1 
ATOM   504  C  CA  . GLU A 1 65 ? 1.067   17.365  -8.547  1.00 12.28  ? 65   GLU A CA  1 
ATOM   505  C  C   . GLU A 1 65 ? 0.429   16.033  -8.882  1.00 14.57  ? 65   GLU A C   1 
ATOM   506  O  O   . GLU A 1 65 ? 0.943   15.259  -9.695  1.00 17.11  ? 65   GLU A O   1 
ATOM   507  C  CB  . GLU A 1 65 ? 0.950   18.370  -9.677  1.00 19.44  ? 65   GLU A CB  1 
ATOM   508  C  CG  . GLU A 1 65 ? -0.481  18.883  -9.835  1.00 25.51  ? 65   GLU A CG  1 
ATOM   509  C  CD  . GLU A 1 65 ? -0.557  19.741  -11.090 1.00 30.00  ? 65   GLU A CD  1 
ATOM   510  O  OE1 . GLU A 1 65 ? -0.134  20.908  -11.002 1.00 31.46  ? 65   GLU A OE1 1 
ATOM   511  O  OE2 . GLU A 1 65 ? -1.012  19.205  -12.115 1.00 50.08  ? 65   GLU A OE2 1 
ATOM   512  N  N   . ILE A 1 66 ? -0.683  15.764  -8.210  1.00 14.88  ? 66   ILE A N   1 
ATOM   513  C  CA  . ILE A 1 66 ? -1.354  14.466  -8.269  1.00 17.02  ? 66   ILE A CA  1 
ATOM   514  C  C   . ILE A 1 66 ? -2.771  14.652  -8.805  1.00 19.38  ? 66   ILE A C   1 
ATOM   515  O  O   . ILE A 1 66 ? -3.644  15.134  -8.087  1.00 18.42  ? 66   ILE A O   1 
ATOM   516  C  CB  . ILE A 1 66 ? -1.356  13.787  -6.890  1.00 20.85  ? 66   ILE A CB  1 
ATOM   517  C  CG1 . ILE A 1 66 ? 0.052   13.615  -6.320  1.00 11.29  ? 66   ILE A CG1 1 
ATOM   518  C  CG2 . ILE A 1 66 ? -2.102  12.458  -6.903  1.00 21.34  ? 66   ILE A CG2 1 
ATOM   519  C  CD1 . ILE A 1 66 ? 0.140   13.735  -4.811  1.00 15.52  ? 66   ILE A CD1 1 
ATOM   520  N  N   . CYS A 1 67 ? -2.931  14.270  -10.067 1.00 24.29  ? 67   CYS A N   1 
ATOM   521  C  CA  . CYS A 1 67 ? -4.147  14.517  -10.829 1.00 26.20  ? 67   CYS A CA  1 
ATOM   522  C  C   . CYS A 1 67 ? -4.637  15.936  -10.575 1.00 15.69  ? 67   CYS A C   1 
ATOM   523  O  O   . CYS A 1 67 ? -5.796  16.164  -10.205 1.00 25.03  ? 67   CYS A O   1 
ATOM   524  C  CB  . CYS A 1 67 ? -5.268  13.539  -10.486 1.00 31.24  ? 67   CYS A CB  1 
ATOM   525  S  SG  . CYS A 1 67 ? -4.802  11.795  -10.491 1.00 37.70  ? 67   CYS A SG  1 
ATOM   526  N  N   . GLY A 1 68 ? -3.749  16.904  -10.750 1.00 25.18  ? 68   GLY A N   1 
ATOM   527  C  CA  . GLY A 1 68 ? -4.121  18.300  -10.640 1.00 27.22  ? 68   GLY A CA  1 
ATOM   528  C  C   . GLY A 1 68 ? -4.141  18.876  -9.252  1.00 23.62  ? 68   GLY A C   1 
ATOM   529  O  O   . GLY A 1 68 ? -4.465  20.055  -9.112  1.00 28.08  ? 68   GLY A O   1 
ATOM   530  N  N   . HIS A 1 69 ? -3.778  18.088  -8.249  1.00 15.03  ? 69   HIS A N   1 
ATOM   531  C  CA  . HIS A 1 69 ? -3.712  18.537  -6.873  1.00 16.89  ? 69   HIS A CA  1 
ATOM   532  C  C   . HIS A 1 69 ? -2.272  18.645  -6.379  1.00 18.41  ? 69   HIS A C   1 
ATOM   533  O  O   . HIS A 1 69 ? -1.596  17.614  -6.363  1.00 17.83  ? 69   HIS A O   1 
ATOM   534  C  CB  . HIS A 1 69 ? -4.436  17.556  -5.944  1.00 17.67  ? 69   HIS A CB  1 
ATOM   535  C  CG  . HIS A 1 69 ? -5.886  17.409  -6.282  1.00 15.05  ? 69   HIS A CG  1 
ATOM   536  N  ND1 . HIS A 1 69 ? -6.867  17.926  -5.484  1.00 24.05  ? 69   HIS A ND1 1 
ATOM   537  C  CD2 . HIS A 1 69 ? -6.496  16.802  -7.334  1.00 15.15  ? 69   HIS A CD2 1 
ATOM   538  C  CE1 . HIS A 1 69 ? -8.042  17.644  -6.025  1.00 19.09  ? 69   HIS A CE1 1 
ATOM   539  N  NE2 . HIS A 1 69 ? -7.845  16.973  -7.141  1.00 23.15  ? 69   HIS A NE2 1 
ATOM   540  N  N   . LYS A 1 70 ? -1.870  19.844  -5.990  1.00 18.86  ? 70   LYS A N   1 
ATOM   541  C  CA  . LYS A 1 70 ? -0.467  20.053  -5.633  1.00 18.75  ? 70   LYS A CA  1 
ATOM   542  C  C   . LYS A 1 70 ? -0.206  19.690  -4.180  1.00 18.73  ? 70   LYS A C   1 
ATOM   543  O  O   . LYS A 1 70 ? -0.814  20.258  -3.280  1.00 20.49  ? 70   LYS A O   1 
ATOM   544  C  CB  . LYS A 1 70 ? -0.052  21.502  -5.892  1.00 23.95  ? 70   LYS A CB  1 
ATOM   545  C  CG  . LYS A 1 70 ? 0.105   21.863  -7.362  1.00 15.59  ? 70   LYS A CG  1 
ATOM   546  C  CD  . LYS A 1 70 ? 0.542   23.319  -7.497  1.00 27.44  ? 70   LYS A CD  1 
ATOM   547  C  CE  . LYS A 1 70 ? -0.055  23.991  -8.716  1.00 38.58  ? 70   LYS A CE  1 
ATOM   548  N  NZ  . LYS A 1 70 ? -1.542  24.084  -8.624  1.00 50.47  ? 70   LYS A NZ  1 
ATOM   549  N  N   . ALA A 1 71 ? 0.701   18.755  -3.961  1.00 11.41  ? 71   ALA A N   1 
ATOM   550  C  CA  . ALA A 1 71 ? 1.169   18.387  -2.627  1.00 14.73  ? 71   ALA A CA  1 
ATOM   551  C  C   . ALA A 1 71 ? 2.652   18.699  -2.565  1.00 9.11   ? 71   ALA A C   1 
ATOM   552  O  O   . ALA A 1 71 ? 3.370   18.643  -3.559  1.00 14.12  ? 71   ALA A O   1 
ATOM   553  C  CB  . ALA A 1 71 ? 0.851   16.927  -2.381  1.00 17.08  ? 71   ALA A CB  1 
ATOM   554  N  N   . ILE A 1 72 ? 3.189   19.071  -1.445  1.00 16.54  ? 72   ILE A N   1 
ATOM   555  C  CA  . ILE A 1 72 ? 4.541   19.405  -1.062  1.00 12.49  ? 72   ILE A CA  1 
ATOM   556  C  C   . ILE A 1 72 ? 4.983   18.729  0.220   1.00 9.90   ? 72   ILE A C   1 
ATOM   557  O  O   . ILE A 1 72 ? 4.444   18.933  1.303   1.00 13.34  ? 72   ILE A O   1 
ATOM   558  C  CB  . ILE A 1 72 ? 4.664   20.932  -0.881  1.00 10.73  ? 72   ILE A CB  1 
ATOM   559  C  CG1 . ILE A 1 72 ? 4.188   21.682  -2.121  1.00 18.15  ? 72   ILE A CG1 1 
ATOM   560  C  CG2 . ILE A 1 72 ? 6.066   21.312  -0.446  1.00 12.94  ? 72   ILE A CG2 1 
ATOM   561  C  CD1 . ILE A 1 72 ? 4.267   23.184  -1.988  1.00 18.48  ? 72   ILE A CD1 1 
ATOM   562  N  N   . GLY A 1 73 ? 6.004   17.890  0.074   1.00 8.21   ? 73   GLY A N   1 
ATOM   563  C  CA  . GLY A 1 73 ? 6.541   17.219  1.251   1.00 11.04  ? 73   GLY A CA  1 
ATOM   564  C  C   . GLY A 1 73 ? 7.759   16.377  0.920   1.00 12.61  ? 73   GLY A C   1 
ATOM   565  O  O   . GLY A 1 73 ? 8.442   16.512  -0.102  1.00 12.04  ? 73   GLY A O   1 
ATOM   566  N  N   . THR A 1 74 ? 7.999   15.435  1.840   1.00 13.03  ? 74   THR A N   1 
ATOM   567  C  CA  . THR A 1 74 ? 9.127   14.524  1.724   1.00 12.43  ? 74   THR A CA  1 
ATOM   568  C  C   . THR A 1 74 ? 8.916   13.476  0.654   1.00 12.83  ? 74   THR A C   1 
ATOM   569  O  O   . THR A 1 74 ? 7.841   12.877  0.590   1.00 13.32  ? 74   THR A O   1 
ATOM   570  C  CB  . THR A 1 74 ? 9.324   13.778  3.069   1.00 24.61  ? 74   THR A CB  1 
ATOM   571  O  OG1 . THR A 1 74 ? 9.613   14.726  4.102   1.00 23.08  ? 74   THR A OG1 1 
ATOM   572  C  CG2 . THR A 1 74 ? 10.479  12.806  2.967   1.00 15.64  ? 74   THR A CG2 1 
ATOM   573  N  N   . VAL A 1 75 ? 9.936   13.255  -0.161  1.00 10.52  ? 75   VAL A N   1 
ATOM   574  C  CA  . VAL A 1 75 ? 9.957   12.154  -1.105  1.00 11.16  ? 75   VAL A CA  1 
ATOM   575  C  C   . VAL A 1 75 ? 11.276  11.387  -0.927  1.00 10.16  ? 75   VAL A C   1 
ATOM   576  O  O   . VAL A 1 75 ? 12.307  11.958  -0.627  1.00 12.98  ? 75   VAL A O   1 
ATOM   577  C  CB  . VAL A 1 75 ? 9.820   12.607  -2.560  1.00 12.92  ? 75   VAL A CB  1 
ATOM   578  C  CG1 . VAL A 1 75 ? 8.553   13.426  -2.781  1.00 10.74  ? 75   VAL A CG1 1 
ATOM   579  C  CG2 . VAL A 1 75 ? 11.079  13.378  -2.938  1.00 17.21  ? 75   VAL A CG2 1 
ATOM   580  N  N   . LEU A 1 76 ? 11.188  10.091  -1.116  1.00 9.56   ? 76   LEU A N   1 
ATOM   581  C  CA  . LEU A 1 76 ? 12.287  9.166   -0.972  1.00 13.92  ? 76   LEU A CA  1 
ATOM   582  C  C   . LEU A 1 76 ? 12.623  8.581   -2.344  1.00 14.40  ? 76   LEU A C   1 
ATOM   583  O  O   . LEU A 1 76 ? 11.758  8.003   -2.997  1.00 18.86  ? 76   LEU A O   1 
ATOM   584  C  CB  . LEU A 1 76 ? 11.929  8.044   -0.005  1.00 14.18  ? 76   LEU A CB  1 
ATOM   585  C  CG  . LEU A 1 76 ? 11.308  8.469   1.317   1.00 9.78   ? 76   LEU A CG  1 
ATOM   586  C  CD1 . LEU A 1 76 ? 10.948  7.233   2.128   1.00 16.12  ? 76   LEU A CD1 1 
ATOM   587  C  CD2 . LEU A 1 76 ? 12.241  9.406   2.063   1.00 17.01  ? 76   LEU A CD2 1 
ATOM   588  N  N   . VAL A 1 77 ? 13.876  8.778   -2.767  1.00 9.99   ? 77   VAL A N   1 
ATOM   589  C  CA  . VAL A 1 77 ? 14.274  8.347   -4.102  1.00 9.80   ? 77   VAL A CA  1 
ATOM   590  C  C   . VAL A 1 77 ? 15.147  7.096   -4.021  1.00 11.90  ? 77   VAL A C   1 
ATOM   591  O  O   . VAL A 1 77 ? 16.114  7.065   -3.255  1.00 11.80  ? 77   VAL A O   1 
ATOM   592  C  CB  . VAL A 1 77 ? 15.003  9.485   -4.844  1.00 15.29  ? 77   VAL A CB  1 
ATOM   593  C  CG1 . VAL A 1 77 ? 15.512  9.037   -6.200  1.00 11.92  ? 77   VAL A CG1 1 
ATOM   594  C  CG2 . VAL A 1 77 ? 14.039  10.659  -4.988  1.00 19.43  ? 77   VAL A CG2 1 
ATOM   595  N  N   . GLY A 1 78 ? 14.774  6.094   -4.801  1.00 10.73  ? 78   GLY A N   1 
ATOM   596  C  CA  . GLY A 1 78 ? 15.453  4.800   -4.813  1.00 14.74  ? 78   GLY A CA  1 
ATOM   597  C  C   . GLY A 1 78 ? 15.026  3.919   -5.966  1.00 14.42  ? 78   GLY A C   1 
ATOM   598  O  O   . GLY A 1 78 ? 14.176  4.277   -6.795  1.00 17.04  ? 78   GLY A O   1 
ATOM   599  N  N   . PRO A 1 79 ? 15.628  2.726   -6.092  1.00 13.98  ? 79   PRO A N   1 
ATOM   600  C  CA  . PRO A 1 79 ? 15.441  1.902   -7.284  1.00 12.52  ? 79   PRO A CA  1 
ATOM   601  C  C   . PRO A 1 79 ? 14.113  1.172   -7.430  1.00 25.42  ? 79   PRO A C   1 
ATOM   602  O  O   . PRO A 1 79 ? 14.078  0.071   -7.995  1.00 23.78  ? 79   PRO A O   1 
ATOM   603  C  CB  . PRO A 1 79 ? 16.562  0.854   -7.127  1.00 17.15  ? 79   PRO A CB  1 
ATOM   604  C  CG  . PRO A 1 79 ? 16.825  0.778   -5.662  1.00 18.21  ? 79   PRO A CG  1 
ATOM   605  C  CD  . PRO A 1 79 ? 16.548  2.147   -5.108  1.00 19.29  ? 79   PRO A CD  1 
ATOM   606  N  N   . THR A 1 80 ? 13.017  1.757   -6.976  1.00 23.33  ? 80   THR A N   1 
ATOM   607  C  CA  . THR A 1 80 ? 11.692  1.142   -7.136  1.00 15.84  ? 80   THR A CA  1 
ATOM   608  C  C   . THR A 1 80 ? 11.298  1.042   -8.580  1.00 12.42  ? 80   THR A C   1 
ATOM   609  O  O   . THR A 1 80 ? 11.672  1.861   -9.436  1.00 17.46  ? 80   THR A O   1 
ATOM   610  C  CB  . THR A 1 80 ? 10.669  1.950   -6.304  1.00 16.29  ? 80   THR A CB  1 
ATOM   611  O  OG1 . THR A 1 80 ? 9.352   1.418   -6.510  1.00 18.04  ? 80   THR A OG1 1 
ATOM   612  C  CG2 . THR A 1 80 ? 10.594  3.409   -6.719  1.00 12.67  ? 80   THR A CG2 1 
ATOM   613  N  N   . PRO A 1 81 ? 10.526  0.027   -8.980  1.00 16.01  ? 81   PRO A N   1 
ATOM   614  C  CA  . PRO A 1 81 ? 10.037  -0.036  -10.353 1.00 22.19  ? 81   PRO A CA  1 
ATOM   615  C  C   . PRO A 1 81 ? 8.849   0.879   -10.633 1.00 16.59  ? 81   PRO A C   1 
ATOM   616  O  O   . PRO A 1 81 ? 8.451   1.113   -11.768 1.00 22.00  ? 81   PRO A O   1 
ATOM   617  C  CB  . PRO A 1 81 ? 9.563   -1.490  -10.482 1.00 25.62  ? 81   PRO A CB  1 
ATOM   618  C  CG  . PRO A 1 81 ? 9.274   -1.939  -9.101  1.00 20.90  ? 81   PRO A CG  1 
ATOM   619  C  CD  . PRO A 1 81 ? 10.106  -1.118  -8.166  1.00 23.15  ? 81   PRO A CD  1 
ATOM   620  N  N   . VAL A 1 82 ? 8.300   1.409   -9.555  1.00 19.68  ? 82   VAL A N   1 
ATOM   621  C  CA  . VAL A 1 82 ? 7.101   2.238   -9.665  1.00 16.17  ? 82   VAL A CA  1 
ATOM   622  C  C   . VAL A 1 82 ? 7.104   3.303   -8.584  1.00 8.98   ? 82   VAL A C   1 
ATOM   623  O  O   . VAL A 1 82 ? 7.463   3.113   -7.426  1.00 11.62  ? 82   VAL A O   1 
ATOM   624  C  CB  . VAL A 1 82 ? 5.832   1.367   -9.621  1.00 19.91  ? 82   VAL A CB  1 
ATOM   625  C  CG1 . VAL A 1 82 ? 5.611   0.739   -8.262  1.00 19.19  ? 82   VAL A CG1 1 
ATOM   626  C  CG2 . VAL A 1 82 ? 4.653   2.237   -10.058 1.00 30.66  ? 82   VAL A CG2 1 
ATOM   627  N  N   . ASN A 1 83 ? 6.754   4.499   -9.021  1.00 10.34  ? 83   ASN A N   1 
ATOM   628  C  CA  . ASN A 1 83 ? 6.560   5.624   -8.123  1.00 12.01  ? 83   ASN A CA  1 
ATOM   629  C  C   . ASN A 1 83 ? 5.384   5.321   -7.195  1.00 12.49  ? 83   ASN A C   1 
ATOM   630  O  O   . ASN A 1 83 ? 4.321   4.916   -7.639  1.00 11.80  ? 83   ASN A O   1 
ATOM   631  C  CB  . ASN A 1 83 ? 6.291   6.914   -8.894  1.00 14.06  ? 83   ASN A CB  1 
ATOM   632  C  CG  . ASN A 1 83 ? 7.426   7.272   -9.835  1.00 16.15  ? 83   ASN A CG  1 
ATOM   633  O  OD1 . ASN A 1 83 ? 8.553   7.423   -9.375  1.00 14.53  ? 83   ASN A OD1 1 
ATOM   634  N  ND2 . ASN A 1 83 ? 7.133   7.400   -11.127 1.00 21.16  ? 83   ASN A ND2 1 
ATOM   635  N  N   . ILE A 1 84 ? 5.599   5.551   -5.918  1.00 11.07  ? 84   ILE A N   1 
ATOM   636  C  CA  . ILE A 1 84 ? 4.609   5.306   -4.881  1.00 9.89   ? 84   ILE A CA  1 
ATOM   637  C  C   . ILE A 1 84 ? 4.275   6.596   -4.153  1.00 13.19  ? 84   ILE A C   1 
ATOM   638  O  O   . ILE A 1 84 ? 5.164   7.233   -3.570  1.00 11.95  ? 84   ILE A O   1 
ATOM   639  C  CB  . ILE A 1 84 ? 5.155   4.274   -3.876  1.00 12.86  ? 84   ILE A CB  1 
ATOM   640  C  CG1 . ILE A 1 84 ? 5.390   2.887   -4.509  1.00 18.78  ? 84   ILE A CG1 1 
ATOM   641  C  CG2 . ILE A 1 84 ? 4.283   4.158   -2.642  1.00 15.92  ? 84   ILE A CG2 1 
ATOM   642  C  CD1 . ILE A 1 84 ? 6.833   2.452   -4.341  1.00 41.43  ? 84   ILE A CD1 1 
ATOM   643  N  N   . ILE A 1 85 ? 3.010   6.979   -4.183  1.00 10.07  ? 85   ILE A N   1 
ATOM   644  C  CA  . ILE A 1 85 ? 2.534   8.155   -3.457  1.00 11.40  ? 85   ILE A CA  1 
ATOM   645  C  C   . ILE A 1 85 ? 1.954   7.672   -2.126  1.00 10.08  ? 85   ILE A C   1 
ATOM   646  O  O   . ILE A 1 85 ? 0.957   6.957   -2.128  1.00 11.48  ? 85   ILE A O   1 
ATOM   647  C  CB  . ILE A 1 85 ? 1.474   8.959   -4.207  1.00 9.56   ? 85   ILE A CB  1 
ATOM   648  C  CG1 . ILE A 1 85 ? 1.832   9.289   -5.670  1.00 15.37  ? 85   ILE A CG1 1 
ATOM   649  C  CG2 . ILE A 1 85 ? 1.123   10.247  -3.485  1.00 8.40   ? 85   ILE A CG2 1 
ATOM   650  C  CD1 . ILE A 1 85 ? 3.178   10.000  -5.740  1.00 20.24  ? 85   ILE A CD1 1 
ATOM   651  N  N   . GLY A 1 86 ? 2.576   8.062   -1.035  1.00 10.32  ? 86   GLY A N   1 
ATOM   652  C  CA  . GLY A 1 86 ? 2.217   7.571   0.288   1.00 11.85  ? 86   GLY A CA  1 
ATOM   653  C  C   . GLY A 1 86 ? 1.351   8.560   1.035   1.00 12.04  ? 86   GLY A C   1 
ATOM   654  O  O   . GLY A 1 86 ? 0.998   9.628   0.528   1.00 11.77  ? 86   GLY A O   1 
ATOM   655  N  N   . ARG A 1 87 ? 1.022   8.197   2.276   1.00 9.22   ? 87   ARG A N   1 
ATOM   656  C  CA  . ARG A 1 87 ? 0.072   8.999   3.033   1.00 8.73   ? 87   ARG A CA  1 
ATOM   657  C  C   . ARG A 1 87 ? 0.511   10.439  3.232   1.00 10.14  ? 87   ARG A C   1 
ATOM   658  O  O   . ARG A 1 87 ? -0.346  11.345  3.306   1.00 10.36  ? 87   ARG A O   1 
ATOM   659  C  CB  . ARG A 1 87 ? -0.184  8.316   4.386   1.00 14.70  ? 87   ARG A CB  1 
ATOM   660  C  CG  . ARG A 1 87 ? -0.832  6.935   4.208   1.00 10.81  ? 87   ARG A CG  1 
ATOM   661  C  CD  . ARG A 1 87 ? -1.356  6.469   5.579   1.00 10.87  ? 87   ARG A CD  1 
ATOM   662  N  NE  . ARG A 1 87 ? -0.244  6.293   6.492   1.00 11.84  ? 87   ARG A NE  1 
ATOM   663  C  CZ  . ARG A 1 87 ? 0.164   7.065   7.474   1.00 16.43  ? 87   ARG A CZ  1 
ATOM   664  N  NH1 . ARG A 1 87 ? -0.418  8.211   7.821   1.00 10.90  ? 87   ARG A NH1 1 
ATOM   665  N  NH2 . ARG A 1 87 ? 1.225   6.710   8.190   1.00 16.19  ? 87   ARG A NH2 1 
ATOM   666  N  N   . ASN A 1 88 ? 1.823   10.653  3.318   1.00 9.61   ? 88   ASN A N   1 
ATOM   667  C  CA  . ASN A 1 88 ? 2.295   12.020  3.585   1.00 11.88  ? 88   ASN A CA  1 
ATOM   668  C  C   . ASN A 1 88 ? 1.780   13.002  2.551   1.00 16.23  ? 88   ASN A C   1 
ATOM   669  O  O   . ASN A 1 88 ? 1.545   14.166  2.902   1.00 13.40  ? 88   ASN A O   1 
ATOM   670  C  CB  . ASN A 1 88 ? 3.827   12.075  3.676   1.00 11.93  ? 88   ASN A CB  1 
ATOM   671  C  CG  . ASN A 1 88 ? 4.531   11.874  2.346   1.00 13.56  ? 88   ASN A CG  1 
ATOM   672  O  OD1 . ASN A 1 88 ? 4.232   10.924  1.634   1.00 14.18  ? 88   ASN A OD1 1 
ATOM   673  N  ND2 . ASN A 1 88 ? 5.467   12.755  1.995   1.00 12.71  ? 88   ASN A ND2 1 
ATOM   674  N  N   . LEU A 1 89 ? 1.592   12.569  1.304   1.00 12.52  ? 89   LEU A N   1 
ATOM   675  C  CA  . LEU A 1 89 ? 1.065   13.459  0.272   1.00 8.31   ? 89   LEU A CA  1 
ATOM   676  C  C   . LEU A 1 89 ? -0.407  13.187  -0.006  1.00 15.55  ? 89   LEU A C   1 
ATOM   677  O  O   . LEU A 1 89 ? -1.156  14.102  -0.358  1.00 12.56  ? 89   LEU A O   1 
ATOM   678  C  CB  . LEU A 1 89 ? 1.888   13.342  -1.014  1.00 11.02  ? 89   LEU A CB  1 
ATOM   679  C  CG  . LEU A 1 89 ? 3.388   13.641  -0.912  1.00 9.07   ? 89   LEU A CG  1 
ATOM   680  C  CD1 . LEU A 1 89 ? 4.031   13.552  -2.293  1.00 14.13  ? 89   LEU A CD1 1 
ATOM   681  C  CD2 . LEU A 1 89 ? 3.643   14.995  -0.266  1.00 8.74   ? 89   LEU A CD2 1 
ATOM   682  N  N   . LEU A 1 90 ? -0.849  11.939  0.166   1.00 12.13  ? 90   LEU A N   1 
ATOM   683  C  CA  . LEU A 1 90 ? -2.263  11.641  -0.056  1.00 11.64  ? 90   LEU A CA  1 
ATOM   684  C  C   . LEU A 1 90 ? -3.155  12.479  0.854   1.00 11.52  ? 90   LEU A C   1 
ATOM   685  O  O   . LEU A 1 90 ? -4.203  12.978  0.434   1.00 10.11  ? 90   LEU A O   1 
ATOM   686  C  CB  . LEU A 1 90 ? -2.525  10.146  0.158   1.00 8.98   ? 90   LEU A CB  1 
ATOM   687  C  CG  . LEU A 1 90 ? -1.938  9.192   -0.874  1.00 6.92   ? 90   LEU A CG  1 
ATOM   688  C  CD1 . LEU A 1 90 ? -2.238  7.737   -0.529  1.00 14.66  ? 90   LEU A CD1 1 
ATOM   689  C  CD2 . LEU A 1 90 ? -2.443  9.490   -2.282  1.00 12.38  ? 90   LEU A CD2 1 
ATOM   690  N  N   . THR A 1 91 ? -2.751  12.623  2.117   1.00 11.45  ? 91   THR A N   1 
ATOM   691  C  CA  . THR A 1 91 ? -3.505  13.482  3.029   1.00 8.11   ? 91   THR A CA  1 
ATOM   692  C  C   . THR A 1 91 ? -3.667  14.911  2.536   1.00 13.30  ? 91   THR A C   1 
ATOM   693  O  O   . THR A 1 91 ? -4.709  15.531  2.736   1.00 15.13  ? 91   THR A O   1 
ATOM   694  C  CB  . THR A 1 91 ? -2.838  13.549  4.414   1.00 10.85  ? 91   THR A CB  1 
ATOM   695  O  OG1 . THR A 1 91 ? -1.452  13.845  4.300   1.00 12.33  ? 91   THR A OG1 1 
ATOM   696  C  CG2 . THR A 1 91 ? -2.926  12.176  5.047   1.00 16.76  ? 91   THR A CG2 1 
ATOM   697  N  N   . GLN A 1 92 ? -2.643  15.443  1.882   1.00 11.47  ? 92   GLN A N   1 
ATOM   698  C  CA  . GLN A 1 92 ? -2.681  16.830  1.442   1.00 10.92  ? 92   GLN A CA  1 
ATOM   699  C  C   . GLN A 1 92 ? -3.644  17.083  0.300   1.00 18.34  ? 92   GLN A C   1 
ATOM   700  O  O   . GLN A 1 92 ? -4.052  18.210  0.015   1.00 15.29  ? 92   GLN A O   1 
ATOM   701  C  CB  . GLN A 1 92 ? -1.250  17.201  1.033   1.00 9.60   ? 92   GLN A CB  1 
ATOM   702  C  CG  . GLN A 1 92 ? -0.253  17.084  2.185   1.00 10.08  ? 92   GLN A CG  1 
ATOM   703  C  CD  . GLN A 1 92 ? 1.174   17.479  1.899   1.00 19.91  ? 92   GLN A CD  1 
ATOM   704  O  OE1 . GLN A 1 92 ? 2.243   16.919  2.159   1.00 21.52  ? 92   GLN A OE1 1 
ATOM   705  N  NE2 . GLN A 1 92 ? 1.254   18.661  1.322   1.00 18.01  ? 92   GLN A NE2 1 
ATOM   706  N  N   . ILE A 1 93 ? -4.019  16.027  -0.424  1.00 15.13  ? 93   ILE A N   1 
ATOM   707  C  CA  . ILE A 1 93 ? -4.933  16.231  -1.548  1.00 14.52  ? 93   ILE A CA  1 
ATOM   708  C  C   . ILE A 1 93 ? -6.343  15.818  -1.138  1.00 18.09  ? 93   ILE A C   1 
ATOM   709  O  O   . ILE A 1 93 ? -7.271  15.799  -1.943  1.00 16.71  ? 93   ILE A O   1 
ATOM   710  C  CB  . ILE A 1 93 ? -4.438  15.465  -2.776  1.00 14.91  ? 93   ILE A CB  1 
ATOM   711  C  CG1 . ILE A 1 93 ? -4.490  13.952  -2.640  1.00 18.09  ? 93   ILE A CG1 1 
ATOM   712  C  CG2 . ILE A 1 93 ? -3.013  15.908  -3.124  1.00 14.94  ? 93   ILE A CG2 1 
ATOM   713  C  CD1 . ILE A 1 93 ? -4.156  13.215  -3.933  1.00 17.06  ? 93   ILE A CD1 1 
ATOM   714  N  N   . GLY A 1 94 ? -6.513  15.528  0.154   1.00 13.77  ? 94   GLY A N   1 
ATOM   715  C  CA  . GLY A 1 94 ? -7.824  15.157  0.659   1.00 18.61  ? 94   GLY A CA  1 
ATOM   716  C  C   . GLY A 1 94 ? -8.281  13.768  0.272   1.00 21.16  ? 94   GLY A C   1 
ATOM   717  O  O   . GLY A 1 94 ? -9.480  13.476  0.194   1.00 15.88  ? 94   GLY A O   1 
ATOM   718  N  N   . CYS A 1 95 ? -7.337  12.865  0.035   1.00 16.27  ? 95   CYS A N   1 
ATOM   719  C  CA  . CYS A 1 95 ? -7.667  11.500  -0.358  1.00 15.00  ? 95   CYS A CA  1 
ATOM   720  C  C   . CYS A 1 95 ? -8.137  10.629  0.791   1.00 15.15  ? 95   CYS A C   1 
ATOM   721  O  O   . CYS A 1 95 ? -7.484  10.598  1.830   1.00 12.45  ? 95   CYS A O   1 
ATOM   722  C  CB  . CYS A 1 95 ? -6.426  10.849  -0.975  1.00 14.06  ? 95   CYS A CB  1 
ATOM   723  S  SG  . CYS A 1 95 ? -6.710  9.209   -1.696  1.00 14.85  ? 95   CYS A SG  1 
ATOM   724  N  N   . THR A 1 96 ? -9.231  9.912   0.579   1.00 12.09  ? 96   THR A N   1 
ATOM   725  C  CA  . THR A 1 96 ? -9.767  8.974   1.544   1.00 11.66  ? 96   THR A CA  1 
ATOM   726  C  C   . THR A 1 96 ? -9.975  7.580   0.924   1.00 9.86   ? 96   THR A C   1 
ATOM   727  O  O   . THR A 1 96 ? -10.005 7.450   -0.301  1.00 11.70  ? 96   THR A O   1 
ATOM   728  C  CB  . THR A 1 96 ? -11.121 9.466   2.117   1.00 11.78  ? 96   THR A CB  1 
ATOM   729  O  OG1 . THR A 1 96 ? -11.971 9.824   1.015   1.00 12.93  ? 96   THR A OG1 1 
ATOM   730  C  CG2 . THR A 1 96 ? -10.996 10.716  2.963   1.00 11.51  ? 96   THR A CG2 1 
ATOM   731  N  N   . LEU A 1 97 ? -10.108 6.610   1.806   1.00 11.04  ? 97   LEU A N   1 
ATOM   732  C  CA  . LEU A 1 97 ? -10.613 5.273   1.573   1.00 12.54  ? 97   LEU A CA  1 
ATOM   733  C  C   . LEU A 1 97 ? -12.101 5.265   1.905   1.00 16.42  ? 97   LEU A C   1 
ATOM   734  O  O   . LEU A 1 97 ? -12.529 5.756   2.945   1.00 13.01  ? 97   LEU A O   1 
ATOM   735  C  CB  . LEU A 1 97 ? -9.922  4.228   2.421   1.00 14.95  ? 97   LEU A CB  1 
ATOM   736  C  CG  . LEU A 1 97 ? -8.525  3.799   1.965   1.00 17.77  ? 97   LEU A CG  1 
ATOM   737  C  CD1 . LEU A 1 97 ? -7.855  3.043   3.100   1.00 18.54  ? 97   LEU A CD1 1 
ATOM   738  C  CD2 . LEU A 1 97 ? -8.628  2.976   0.695   1.00 16.57  ? 97   LEU A CD2 1 
ATOM   739  N  N   . ASN A 1 98 ? -12.885 4.716   0.980   1.00 10.59  ? 98   ASN A N   1 
ATOM   740  C  CA  . ASN A 1 98 ? -14.324 4.684   1.185   1.00 10.73  ? 98   ASN A CA  1 
ATOM   741  C  C   . ASN A 1 98 ? -14.924 3.339   0.795   1.00 16.48  ? 98   ASN A C   1 
ATOM   742  O  O   . ASN A 1 98 ? -14.634 2.862   -0.316  1.00 12.74  ? 98   ASN A O   1 
ATOM   743  C  CB  . ASN A 1 98 ? -15.001 5.741   0.304   1.00 11.37  ? 98   ASN A CB  1 
ATOM   744  C  CG  . ASN A 1 98 ? -14.495 7.125   0.641   1.00 15.71  ? 98   ASN A CG  1 
ATOM   745  O  OD1 . ASN A 1 98 ? -13.459 7.568   0.169   1.00 16.17  ? 98   ASN A OD1 1 
ATOM   746  N  ND2 . ASN A 1 98 ? -15.241 7.725   1.529   1.00 16.47  ? 98   ASN A ND2 1 
ATOM   747  N  N   . PHE A 1 99 ? -15.753 2.818   1.694   1.00 16.62  ? 99   PHE A N   1 
ATOM   748  C  CA  . PHE A 1 99 ? -16.557 1.648   1.387   1.00 15.08  ? 99   PHE A CA  1 
ATOM   749  C  C   . PHE A 1 99 ? -17.778 1.608   2.300   1.00 20.42  ? 99   PHE A C   1 
ATOM   750  O  O   . PHE A 1 99 ? -18.611 0.695   2.141   1.00 22.92  ? 99   PHE A O   1 
ATOM   751  C  CB  . PHE A 1 99 ? -15.737 0.370   1.496   1.00 12.77  ? 99   PHE A CB  1 
ATOM   752  C  CG  . PHE A 1 99 ? -15.122 0.116   2.862   1.00 16.40  ? 99   PHE A CG  1 
ATOM   753  C  CD1 . PHE A 1 99 ? -13.930 0.715   3.214   1.00 21.62  ? 99   PHE A CD1 1 
ATOM   754  C  CD2 . PHE A 1 99 ? -15.725 -0.717  3.783   1.00 17.45  ? 99   PHE A CD2 1 
ATOM   755  C  CE1 . PHE A 1 99 ? -13.325 0.501   4.435   1.00 23.18  ? 99   PHE A CE1 1 
ATOM   756  C  CE2 . PHE A 1 99 ? -15.128 -0.947  5.004   1.00 19.78  ? 99   PHE A CE2 1 
ATOM   757  C  CZ  . PHE A 1 99 ? -13.934 -0.341  5.345   1.00 19.38  ? 99   PHE A CZ  1 
ATOM   758  O  OXT . PHE A 1 99 ? -17.896 2.506   3.172   1.00 24.60  ? 99   PHE A OXT 1 
ATOM   759  N  N   . PRO B 1 1  ? -17.678 3.106   5.670   1.00 22.56  ? 1    PRO B N   1 
ATOM   760  C  CA  . PRO B 1 1  ? -17.064 4.295   6.269   1.00 20.23  ? 1    PRO B CA  1 
ATOM   761  C  C   . PRO B 1 1  ? -16.125 5.024   5.315   1.00 15.10  ? 1    PRO B C   1 
ATOM   762  O  O   . PRO B 1 1  ? -15.650 4.420   4.352   1.00 15.69  ? 1    PRO B O   1 
ATOM   763  C  CB  . PRO B 1 1  ? -16.223 3.718   7.409   1.00 26.21  ? 1    PRO B CB  1 
ATOM   764  C  CG  . PRO B 1 1  ? -15.908 2.334   6.957   1.00 23.15  ? 1    PRO B CG  1 
ATOM   765  C  CD  . PRO B 1 1  ? -17.115 1.856   6.203   1.00 28.65  ? 1    PRO B CD  1 
ATOM   766  N  N   . GLN B 1 2  ? -15.876 6.282   5.641   1.00 12.40  ? 2    GLN B N   1 
ATOM   767  C  CA  . GLN B 1 2  ? -14.798 7.068   5.059   1.00 12.76  ? 2    GLN B CA  1 
ATOM   768  C  C   . GLN B 1 2  ? -13.624 7.056   6.037   1.00 13.22  ? 2    GLN B C   1 
ATOM   769  O  O   . GLN B 1 2  ? -13.821 7.349   7.217   1.00 16.74  ? 2    GLN B O   1 
ATOM   770  C  CB  . GLN B 1 2  ? -15.209 8.506   4.793   1.00 10.98  ? 2    GLN B CB  1 
ATOM   771  C  CG  . GLN B 1 2  ? -14.116 9.432   4.297   1.00 10.57  ? 2    GLN B CG  1 
ATOM   772  C  CD  . GLN B 1 2  ? -14.639 10.827  3.991   1.00 30.10  ? 2    GLN B CD  1 
ATOM   773  O  OE1 . GLN B 1 2  ? -14.766 11.674  4.887   1.00 32.98  ? 2    GLN B OE1 1 
ATOM   774  N  NE2 . GLN B 1 2  ? -14.954 11.126  2.739   1.00 29.35  ? 2    GLN B NE2 1 
ATOM   775  N  N   . ILE B 1 3  ? -12.435 6.725   5.558   1.00 10.77  ? 3    ILE B N   1 
ATOM   776  C  CA  . ILE B 1 3  ? -11.260 6.647   6.409   1.00 12.38  ? 3    ILE B CA  1 
ATOM   777  C  C   . ILE B 1 3  ? -10.170 7.556   5.860   1.00 15.79  ? 3    ILE B C   1 
ATOM   778  O  O   . ILE B 1 3  ? -9.803  7.434   4.687   1.00 11.31  ? 3    ILE B O   1 
ATOM   779  C  CB  . ILE B 1 3  ? -10.765 5.193   6.498   1.00 22.43  ? 3    ILE B CB  1 
ATOM   780  C  CG1 . ILE B 1 3  ? -11.819 4.198   7.015   1.00 18.26  ? 3    ILE B CG1 1 
ATOM   781  C  CG2 . ILE B 1 3  ? -9.488  5.095   7.321   1.00 19.57  ? 3    ILE B CG2 1 
ATOM   782  C  CD1 . ILE B 1 3  ? -11.382 2.758   6.862   1.00 19.21  ? 3    ILE B CD1 1 
ATOM   783  N  N   . THR B 1 4  ? -9.695  8.475   6.691   1.00 11.86  ? 4    THR B N   1 
ATOM   784  C  CA  . THR B 1 4  ? -8.671  9.420   6.281   1.00 10.25  ? 4    THR B CA  1 
ATOM   785  C  C   . THR B 1 4  ? -7.305  8.792   6.505   1.00 8.66   ? 4    THR B C   1 
ATOM   786  O  O   . THR B 1 4  ? -7.167  7.709   7.074   1.00 12.53  ? 4    THR B O   1 
ATOM   787  C  CB  . THR B 1 4  ? -8.742  10.755  7.049   1.00 20.04  ? 4    THR B CB  1 
ATOM   788  O  OG1 . THR B 1 4  ? -8.701  10.477  8.460   1.00 14.45  ? 4    THR B OG1 1 
ATOM   789  C  CG2 . THR B 1 4  ? -10.053 11.460  6.764   1.00 15.86  ? 4    THR B CG2 1 
ATOM   790  N  N   . LEU B 1 5  ? -6.281  9.475   6.041   1.00 10.60  ? 5    LEU B N   1 
ATOM   791  C  CA  . LEU B 1 5  ? -4.944  8.888   5.981   1.00 10.16  ? 5    LEU B CA  1 
ATOM   792  C  C   . LEU B 1 5  ? -3.924  9.616   6.833   1.00 11.54  ? 5    LEU B C   1 
ATOM   793  O  O   . LEU B 1 5  ? -2.720  9.404   6.648   1.00 13.34  ? 5    LEU B O   1 
ATOM   794  C  CB  . LEU B 1 5  ? -4.554  8.818   4.496   1.00 10.54  ? 5    LEU B CB  1 
ATOM   795  C  CG  . LEU B 1 5  ? -5.468  7.901   3.656   1.00 11.72  ? 5    LEU B CG  1 
ATOM   796  C  CD1 . LEU B 1 5  ? -5.140  8.038   2.177   1.00 13.35  ? 5    LEU B CD1 1 
ATOM   797  C  CD2 . LEU B 1 5  ? -5.352  6.453   4.108   1.00 13.33  ? 5    LEU B CD2 1 
ATOM   798  N  N   . TRP B 1 6  ? -4.382  10.457  7.766   1.00 14.31  ? 6    TRP B N   1 
ATOM   799  C  CA  . TRP B 1 6  ? -3.489  11.128  8.701   1.00 18.48  ? 6    TRP B CA  1 
ATOM   800  C  C   . TRP B 1 6  ? -2.751  10.134  9.584   1.00 17.04  ? 6    TRP B C   1 
ATOM   801  O  O   . TRP B 1 6  ? -1.615  10.339  10.016  1.00 19.39  ? 6    TRP B O   1 
ATOM   802  C  CB  . TRP B 1 6  ? -4.307  12.134  9.548   1.00 14.95  ? 6    TRP B CB  1 
ATOM   803  C  CG  . TRP B 1 6  ? -4.981  13.134  8.635   1.00 23.17  ? 6    TRP B CG  1 
ATOM   804  C  CD1 . TRP B 1 6  ? -6.303  13.205  8.277   1.00 23.56  ? 6    TRP B CD1 1 
ATOM   805  C  CD2 . TRP B 1 6  ? -4.346  14.219  7.947   1.00 14.06  ? 6    TRP B CD2 1 
ATOM   806  N  NE1 . TRP B 1 6  ? -6.527  14.259  7.420   1.00 19.26  ? 6    TRP B NE1 1 
ATOM   807  C  CE2 . TRP B 1 6  ? -5.330  14.896  7.207   1.00 14.20  ? 6    TRP B CE2 1 
ATOM   808  C  CE3 . TRP B 1 6  ? -3.021  14.678  7.902   1.00 13.40  ? 6    TRP B CE3 1 
ATOM   809  C  CZ2 . TRP B 1 6  ? -5.066  16.004  6.420   1.00 21.57  ? 6    TRP B CZ2 1 
ATOM   810  C  CZ3 . TRP B 1 6  ? -2.766  15.783  7.116   1.00 17.87  ? 6    TRP B CZ3 1 
ATOM   811  C  CH2 . TRP B 1 6  ? -3.769  16.429  6.393   1.00 22.84  ? 6    TRP B CH2 1 
ATOM   812  N  N   . GLN B 1 7  ? -3.400  9.012   9.891   1.00 12.78  ? 7    GLN B N   1 
ATOM   813  C  CA  . GLN B 1 7  ? -2.767  7.909   10.570  1.00 11.64  ? 7    GLN B CA  1 
ATOM   814  C  C   . GLN B 1 7  ? -2.812  6.661   9.695   1.00 11.32  ? 7    GLN B C   1 
ATOM   815  O  O   . GLN B 1 7  ? -3.567  6.640   8.706   1.00 12.26  ? 7    GLN B O   1 
ATOM   816  C  CB  . GLN B 1 7  ? -3.434  7.590   11.902  1.00 15.11  ? 7    GLN B CB  1 
ATOM   817  N  N   . ARG B 1 8  ? -2.055  5.642   10.049  1.00 13.00  ? 8    ARG B N   1 
ATOM   818  C  CA  . ARG B 1 8  ? -2.184  4.394   9.278   1.00 10.73  ? 8    ARG B CA  1 
ATOM   819  C  C   . ARG B 1 8  ? -3.611  3.859   9.313   1.00 10.97  ? 8    ARG B C   1 
ATOM   820  O  O   . ARG B 1 8  ? -4.226  3.791   10.387  1.00 12.61  ? 8    ARG B O   1 
ATOM   821  C  CB  . ARG B 1 8  ? -1.232  3.328   9.805   1.00 11.19  ? 8    ARG B CB  1 
ATOM   822  C  CG  . ARG B 1 8  ? 0.221   3.589   9.440   1.00 13.00  ? 8    ARG B CG  1 
ATOM   823  C  CD  . ARG B 1 8  ? 1.096   2.614   10.226  1.00 24.29  ? 8    ARG B CD  1 
ATOM   824  N  NE  . ARG B 1 8  ? 2.031   1.947   9.331   1.00 38.47  ? 8    ARG B NE  1 
ATOM   825  C  CZ  . ARG B 1 8  ? 2.700   0.843   9.636   1.00 50.34  ? 8    ARG B CZ  1 
ATOM   826  N  NH1 . ARG B 1 8  ? 2.535   0.283   10.828  1.00 78.22  ? 8    ARG B NH1 1 
ATOM   827  N  NH2 . ARG B 1 8  ? 3.522   0.321   8.740   1.00 44.56  ? 8    ARG B NH2 1 
ATOM   828  N  N   . PRO B 1 9  ? -4.169  3.503   8.165   1.00 12.39  ? 9    PRO B N   1 
ATOM   829  C  CA  . PRO B 1 9  ? -5.532  2.969   8.139   1.00 10.93  ? 9    PRO B CA  1 
ATOM   830  C  C   . PRO B 1 9  ? -5.567  1.522   8.612   1.00 15.36  ? 9    PRO B C   1 
ATOM   831  O  O   . PRO B 1 9  ? -5.753  0.605   7.826   1.00 14.74  ? 9    PRO B O   1 
ATOM   832  C  CB  . PRO B 1 9  ? -5.915  3.046   6.663   1.00 11.43  ? 9    PRO B CB  1 
ATOM   833  C  CG  . PRO B 1 9  ? -4.635  2.898   5.938   1.00 8.12   ? 9    PRO B CG  1 
ATOM   834  C  CD  . PRO B 1 9  ? -3.615  3.613   6.791   1.00 10.15  ? 9    PRO B CD  1 
ATOM   835  N  N   . LEU B 1 10 ? -5.390  1.362   9.907   1.00 11.12  ? 10   LEU B N   1 
ATOM   836  C  CA  . LEU B 1 10 ? -5.495  0.071   10.567  1.00 12.63  ? 10   LEU B CA  1 
ATOM   837  C  C   . LEU B 1 10 ? -6.924  -0.149  11.050  1.00 17.71  ? 10   LEU B C   1 
ATOM   838  O  O   . LEU B 1 10 ? -7.495  0.749   11.665  1.00 15.01  ? 10   LEU B O   1 
ATOM   839  C  CB  . LEU B 1 10 ? -4.548  -0.020  11.751  1.00 16.84  ? 10   LEU B CB  1 
ATOM   840  C  CG  . LEU B 1 10 ? -3.063  0.157   11.457  1.00 17.16  ? 10   LEU B CG  1 
ATOM   841  C  CD1 . LEU B 1 10 ? -2.337  0.552   12.738  1.00 18.11  ? 10   LEU B CD1 1 
ATOM   842  C  CD2 . LEU B 1 10 ? -2.475  -1.094  10.840  1.00 17.92  ? 10   LEU B CD2 1 
ATOM   843  N  N   . VAL B 1 11 ? -7.462  -1.328  10.731  1.00 11.88  ? 11   VAL B N   1 
ATOM   844  C  CA  . VAL B 1 11 ? -8.804  -1.718  11.104  1.00 8.07   ? 11   VAL B CA  1 
ATOM   845  C  C   . VAL B 1 11 ? -8.818  -3.127  11.685  1.00 11.31  ? 11   VAL B C   1 
ATOM   846  O  O   . VAL B 1 11 ? -7.881  -3.911  11.549  1.00 13.68  ? 11   VAL B O   1 
ATOM   847  C  CB  . VAL B 1 11 ? -9.788  -1.649  9.922   1.00 16.74  ? 11   VAL B CB  1 
ATOM   848  C  CG1 . VAL B 1 11 ? -9.805  -0.256  9.298   1.00 16.65  ? 11   VAL B CG1 1 
ATOM   849  C  CG2 . VAL B 1 11 ? -9.462  -2.697  8.880   1.00 13.92  ? 11   VAL B CG2 1 
ATOM   850  N  N   . THR B 1 12 ? -9.898  -3.428  12.385  1.00 13.67  ? 12   THR B N   1 
ATOM   851  C  CA  . THR B 1 12 ? -10.068 -4.744  12.991  1.00 8.73   ? 12   THR B CA  1 
ATOM   852  C  C   . THR B 1 12 ? -10.633 -5.697  11.936  1.00 9.49   ? 12   THR B C   1 
ATOM   853  O  O   . THR B 1 12 ? -11.589 -5.343  11.250  1.00 12.61  ? 12   THR B O   1 
ATOM   854  C  CB  . THR B 1 12 ? -11.008 -4.699  14.200  1.00 12.24  ? 12   THR B CB  1 
ATOM   855  O  OG1 . THR B 1 12 ? -10.382 -3.894  15.223  1.00 16.79  ? 12   THR B OG1 1 
ATOM   856  C  CG2 . THR B 1 12 ? -11.238 -6.058  14.828  1.00 14.29  ? 12   THR B CG2 1 
ATOM   857  N  N   . ILE B 1 13 ? -10.029 -6.876  11.876  1.00 10.48  ? 13   ILE B N   1 
ATOM   858  C  CA  . ILE B 1 13 ? -10.502 -7.948  11.025  1.00 9.74   ? 13   ILE B CA  1 
ATOM   859  C  C   . ILE B 1 13 ? -10.855 -9.129  11.914  1.00 13.83  ? 13   ILE B C   1 
ATOM   860  O  O   . ILE B 1 13 ? -10.340 -9.243  13.024  1.00 12.56  ? 13   ILE B O   1 
ATOM   861  C  CB  . ILE B 1 13 ? -9.463  -8.362  9.977   1.00 9.93   ? 13   ILE B CB  1 
ATOM   862  C  CG1 . ILE B 1 13 ? -8.219  -9.030  10.537  1.00 13.78  ? 13   ILE B CG1 1 
ATOM   863  C  CG2 . ILE B 1 13 ? -9.055  -7.166  9.116   1.00 14.33  ? 13   ILE B CG2 1 
ATOM   864  C  CD1 . ILE B 1 13 ? -7.297  -9.561  9.434   1.00 14.08  ? 13   ILE B CD1 1 
ATOM   865  N  N   . LYS B 1 14 ? -11.721 -9.977  11.402  1.00 12.07  ? 14   LYS B N   1 
ATOM   866  C  CA  . LYS B 1 14 ? -12.008 -11.260 12.029  1.00 11.78  ? 14   LYS B CA  1 
ATOM   867  C  C   . LYS B 1 14 ? -11.759 -12.377 11.022  1.00 10.84  ? 14   LYS B C   1 
ATOM   868  O  O   . LYS B 1 14 ? -12.347 -12.442 9.936   1.00 13.17  ? 14   LYS B O   1 
ATOM   869  C  CB  . LYS B 1 14 ? -13.427 -11.260 12.597  1.00 13.13  ? 14   LYS B CB  1 
ATOM   870  C  CG  . LYS B 1 14 ? -13.735 -12.490 13.438  1.00 20.12  ? 14   LYS B CG  1 
ATOM   871  C  CD  . LYS B 1 14 ? -15.177 -12.397 13.940  1.00 28.37  ? 14   LYS B CD  1 
ATOM   872  C  CE  . LYS B 1 14 ? -15.564 -13.609 14.769  1.00 33.29  ? 14   LYS B CE  1 
ATOM   873  N  NZ  . LYS B 1 14 ? -17.018 -13.610 15.086  1.00 30.46  ? 14   LYS B NZ  1 
ATOM   874  N  N   . ILE B 1 15 ? -10.827 -13.254 11.367  1.00 14.79  ? 15   ILE B N   1 
ATOM   875  C  CA  . ILE B 1 15 ? -10.467 -14.369 10.498  1.00 13.69  ? 15   ILE B CA  1 
ATOM   876  C  C   . ILE B 1 15 ? -10.208 -15.597 11.356  1.00 17.72  ? 15   ILE B C   1 
ATOM   877  O  O   . ILE B 1 15 ? -9.466  -15.557 12.343  1.00 15.48  ? 15   ILE B O   1 
ATOM   878  C  CB  . ILE B 1 15 ? -9.228  -14.076 9.641   1.00 16.74  ? 15   ILE B CB  1 
ATOM   879  C  CG1 . ILE B 1 15 ? -8.914  -15.248 8.710   1.00 14.09  ? 15   ILE B CG1 1 
ATOM   880  C  CG2 . ILE B 1 15 ? -8.055  -13.697 10.521  1.00 19.49  ? 15   ILE B CG2 1 
ATOM   881  C  CD1 . ILE B 1 15 ? -7.975  -14.993 7.581   1.00 17.52  ? 15   ILE B CD1 1 
ATOM   882  N  N   . GLY B 1 16 ? -10.828 -16.712 11.006  1.00 17.74  ? 16   GLY B N   1 
ATOM   883  C  CA  . GLY B 1 16 ? -10.647 -17.912 11.820  1.00 17.45  ? 16   GLY B CA  1 
ATOM   884  C  C   . GLY B 1 16 ? -11.202 -17.757 13.220  1.00 14.34  ? 16   GLY B C   1 
ATOM   885  O  O   . GLY B 1 16 ? -10.772 -18.488 14.121  1.00 19.94  ? 16   GLY B O   1 
ATOM   886  N  N   . GLY B 1 17 ? -12.128 -16.837 13.445  1.00 15.90  ? 17   GLY B N   1 
ATOM   887  C  CA  . GLY B 1 17 ? -12.683 -16.666 14.788  1.00 21.18  ? 17   GLY B CA  1 
ATOM   888  C  C   . GLY B 1 17 ? -11.850 -15.743 15.657  1.00 23.38  ? 17   GLY B C   1 
ATOM   889  O  O   . GLY B 1 17 ? -12.164 -15.501 16.819  1.00 21.10  ? 17   GLY B O   1 
ATOM   890  N  N   . GLN B 1 18 ? -10.777 -15.211 15.083  1.00 15.23  ? 18   GLN B N   1 
ATOM   891  C  CA  . GLN B 1 18 ? -9.827  -14.378 15.797  1.00 11.40  ? 18   GLN B CA  1 
ATOM   892  C  C   . GLN B 1 18 ? -9.922  -12.935 15.319  1.00 16.08  ? 18   GLN B C   1 
ATOM   893  O  O   . GLN B 1 18 ? -10.056 -12.686 14.126  1.00 15.38  ? 18   GLN B O   1 
ATOM   894  C  CB  . GLN B 1 18 ? -8.417  -14.894 15.531  1.00 12.77  ? 18   GLN B CB  1 
ATOM   895  C  CG  . GLN B 1 18 ? -8.130  -16.318 15.955  1.00 18.46  ? 18   GLN B CG  1 
ATOM   896  C  CD  . GLN B 1 18 ? -8.025  -16.414 17.468  1.00 28.37  ? 18   GLN B CD  1 
ATOM   897  O  OE1 . GLN B 1 18 ? -8.871  -17.019 18.122  1.00 46.02  ? 18   GLN B OE1 1 
ATOM   898  N  NE2 . GLN B 1 18 ? -6.993  -15.795 18.027  1.00 42.95  ? 18   GLN B NE2 1 
ATOM   899  N  N   . LEU B 1 19 ? -9.816  -12.003 16.252  1.00 12.64  ? 19   LEU B N   1 
ATOM   900  C  CA  . LEU B 1 19 ? -9.726  -10.593 15.874  1.00 13.06  ? 19   LEU B CA  1 
ATOM   901  C  C   . LEU B 1 19 ? -8.249  -10.207 15.768  1.00 15.38  ? 19   LEU B C   1 
ATOM   902  O  O   . LEU B 1 19 ? -7.416  -10.540 16.627  1.00 14.27  ? 19   LEU B O   1 
ATOM   903  C  CB  . LEU B 1 19 ? -10.452 -9.692  16.869  1.00 12.59  ? 19   LEU B CB  1 
ATOM   904  C  CG  . LEU B 1 19 ? -11.944 -9.988  17.051  1.00 13.71  ? 19   LEU B CG  1 
ATOM   905  C  CD1 . LEU B 1 19 ? -12.559 -9.070  18.093  1.00 20.41  ? 19   LEU B CD1 1 
ATOM   906  C  CD2 . LEU B 1 19 ? -12.667 -9.871  15.717  1.00 21.35  ? 19   LEU B CD2 1 
ATOM   907  N  N   . LYS B 1 20 ? -7.944  -9.508  14.692  1.00 13.96  ? 20   LYS B N   1 
ATOM   908  C  CA  . LYS B 1 20 ? -6.611  -8.983  14.431  1.00 17.20  ? 20   LYS B CA  1 
ATOM   909  C  C   . LYS B 1 20 ? -6.727  -7.547  13.905  1.00 10.90  ? 20   LYS B C   1 
ATOM   910  O  O   . LYS B 1 20 ? -7.789  -7.085  13.495  1.00 12.63  ? 20   LYS B O   1 
ATOM   911  C  CB  . LYS B 1 20 ? -5.847  -9.886  13.462  1.00 14.57  ? 20   LYS B CB  1 
ATOM   912  C  CG  . LYS B 1 20 ? -5.634  -11.318 13.937  1.00 17.19  ? 20   LYS B CG  1 
ATOM   913  C  CD  . LYS B 1 20 ? -4.955  -12.207 12.917  1.00 21.75  ? 20   LYS B CD  1 
ATOM   914  C  CE  . LYS B 1 20 ? -4.734  -13.626 13.427  1.00 19.99  ? 20   LYS B CE  1 
ATOM   915  N  NZ  . LYS B 1 20 ? -4.131  -13.676 14.780  1.00 29.85  ? 20   LYS B NZ  1 
ATOM   916  N  N   . GLU B 1 21 ? -5.619  -6.828  13.935  1.00 14.14  ? 21   GLU B N   1 
ATOM   917  C  CA  . GLU B 1 21 ? -5.512  -5.491  13.368  1.00 12.73  ? 21   GLU B CA  1 
ATOM   918  C  C   . GLU B 1 21 ? -4.764  -5.621  12.042  1.00 9.95   ? 21   GLU B C   1 
ATOM   919  O  O   . GLU B 1 21 ? -3.728  -6.286  12.026  1.00 10.94  ? 21   GLU B O   1 
ATOM   920  C  CB  . GLU B 1 21 ? -4.801  -4.534  14.318  1.00 13.12  ? 21   GLU B CB  1 
ATOM   921  C  CG  . GLU B 1 21 ? -4.489  -3.153  13.801  1.00 19.86  ? 21   GLU B CG  1 
ATOM   922  C  CD  . GLU B 1 21 ? -4.088  -2.197  14.917  1.00 39.59  ? 21   GLU B CD  1 
ATOM   923  O  OE1 . GLU B 1 21 ? -2.875  -2.145  15.246  1.00 28.73  ? 21   GLU B OE1 1 
ATOM   924  O  OE2 . GLU B 1 21 ? -4.992  -1.503  15.443  1.00 22.90  ? 21   GLU B OE2 1 
ATOM   925  N  N   . ALA B 1 22 ? -5.295  -5.012  10.987  1.00 7.64   ? 22   ALA B N   1 
ATOM   926  C  CA  . ALA B 1 22 ? -4.606  -5.068  9.712   1.00 7.67   ? 22   ALA B CA  1 
ATOM   927  C  C   . ALA B 1 22 ? -4.685  -3.725  8.999   1.00 12.86  ? 22   ALA B C   1 
ATOM   928  O  O   . ALA B 1 22 ? -5.591  -2.940  9.242   1.00 13.33  ? 22   ALA B O   1 
ATOM   929  C  CB  . ALA B 1 22 ? -5.195  -6.154  8.818   1.00 15.22  ? 22   ALA B CB  1 
ATOM   930  N  N   . LEU B 1 23 ? -3.705  -3.521  8.132   1.00 10.32  ? 23   LEU B N   1 
ATOM   931  C  CA  . LEU B 1 23 ? -3.572  -2.270  7.387   1.00 10.78  ? 23   LEU B CA  1 
ATOM   932  C  C   . LEU B 1 23 ? -4.239  -2.337  6.021   1.00 10.18  ? 23   LEU B C   1 
ATOM   933  O  O   . LEU B 1 23 ? -4.004  -3.253  5.233   1.00 11.72  ? 23   LEU B O   1 
ATOM   934  C  CB  . LEU B 1 23 ? -2.083  -1.976  7.250   1.00 10.42  ? 23   LEU B CB  1 
ATOM   935  C  CG  . LEU B 1 23 ? -1.640  -0.810  6.383   1.00 10.71  ? 23   LEU B CG  1 
ATOM   936  C  CD1 . LEU B 1 23 ? -1.977  0.498   7.064   1.00 15.16  ? 23   LEU B CD1 1 
ATOM   937  C  CD2 . LEU B 1 23 ? -0.147  -0.938  6.088   1.00 14.96  ? 23   LEU B CD2 1 
ATOM   938  N  N   . LEU B 1 24 ? -5.069  -1.362  5.698   1.00 10.00  ? 24   LEU B N   1 
ATOM   939  C  CA  . LEU B 1 24 ? -5.726  -1.317  4.387   1.00 8.25   ? 24   LEU B CA  1 
ATOM   940  C  C   . LEU B 1 24 ? -4.698  -0.732  3.426   1.00 11.40  ? 24   LEU B C   1 
ATOM   941  O  O   . LEU B 1 24 ? -4.343  0.430   3.574   1.00 13.73  ? 24   LEU B O   1 
ATOM   942  C  CB  . LEU B 1 24 ? -6.991  -0.501  4.444   1.00 11.63  ? 24   LEU B CB  1 
ATOM   943  C  CG  . LEU B 1 24 ? -8.093  -0.890  5.431   1.00 10.18  ? 24   LEU B CG  1 
ATOM   944  C  CD1 . LEU B 1 24 ? -9.232  0.115   5.298   1.00 11.68  ? 24   LEU B CD1 1 
ATOM   945  C  CD2 . LEU B 1 24 ? -8.588  -2.313  5.260   1.00 14.22  ? 24   LEU B CD2 1 
ATOM   946  N  N   . ASP B 1 25 ? -4.200  -1.544  2.503   1.00 11.80  ? 25   ASP B N   1 
ATOM   947  C  CA  . ASP B 1 25 ? -3.052  -1.191  1.669   1.00 11.56  ? 25   ASP B CA  1 
ATOM   948  C  C   . ASP B 1 25 ? -3.389  -1.262  0.189   1.00 12.66  ? 25   ASP B C   1 
ATOM   949  O  O   . ASP B 1 25 ? -3.403  -2.312  -0.447  1.00 12.38  ? 25   ASP B O   1 
ATOM   950  C  CB  . ASP B 1 25 ? -1.889  -2.128  2.002   1.00 15.74  ? 25   ASP B CB  1 
ATOM   951  C  CG  . ASP B 1 25 ? -0.576  -1.757  1.367   1.00 16.74  ? 25   ASP B CG  1 
ATOM   952  O  OD1 . ASP B 1 25 ? -0.575  -0.895  0.472   1.00 16.61  ? 25   ASP B OD1 1 
ATOM   953  O  OD2 . ASP B 1 25 ? 0.460   -2.334  1.762   1.00 16.94  ? 25   ASP B OD2 1 
ATOM   954  N  N   . THR B 1 26 ? -3.687  -0.101  -0.410  1.00 9.98   ? 26   THR B N   1 
ATOM   955  C  CA  . THR B 1 26 ? -4.036  -0.101  -1.816  1.00 9.08   ? 26   THR B CA  1 
ATOM   956  C  C   . THR B 1 26 ? -2.815  -0.375  -2.689  1.00 6.42   ? 26   THR B C   1 
ATOM   957  O  O   . THR B 1 26 ? -2.985  -0.620  -3.881  1.00 12.17  ? 26   THR B O   1 
ATOM   958  C  CB  . THR B 1 26 ? -4.657  1.245   -2.253  1.00 12.31  ? 26   THR B CB  1 
ATOM   959  O  OG1 . THR B 1 26 ? -3.765  2.323   -1.904  1.00 10.86  ? 26   THR B OG1 1 
ATOM   960  C  CG2 . THR B 1 26 ? -5.954  1.506   -1.510  1.00 8.23   ? 26   THR B CG2 1 
ATOM   961  N  N   . GLY B 1 27 ? -1.625  -0.334  -2.106  1.00 9.59   ? 27   GLY B N   1 
ATOM   962  C  CA  . GLY B 1 27 ? -0.417  -0.696  -2.824  1.00 12.02  ? 27   GLY B CA  1 
ATOM   963  C  C   . GLY B 1 27 ? -0.159  -2.186  -2.917  1.00 18.34  ? 27   GLY B C   1 
ATOM   964  O  O   . GLY B 1 27 ? 0.745   -2.666  -3.607  1.00 16.27  ? 27   GLY B O   1 
ATOM   965  N  N   . ALA B 1 28 ? -0.931  -2.992  -2.200  1.00 10.54  ? 28   ALA B N   1 
ATOM   966  C  CA  . ALA B 1 28 ? -0.771  -4.433  -2.148  1.00 9.99   ? 28   ALA B CA  1 
ATOM   967  C  C   . ALA B 1 28 ? -1.746  -5.161  -3.062  1.00 14.52  ? 28   ALA B C   1 
ATOM   968  O  O   . ALA B 1 28 ? -2.955  -5.002  -2.935  1.00 11.59  ? 28   ALA B O   1 
ATOM   969  C  CB  . ALA B 1 28 ? -0.961  -4.936  -0.729  1.00 12.08  ? 28   ALA B CB  1 
ATOM   970  N  N   . ASP B 1 29 ? -1.272  -5.976  -4.009  1.00 11.58  ? 29   ASP B N   1 
ATOM   971  C  CA  . ASP B 1 29 ? -2.222  -6.711  -4.831  1.00 11.25  ? 29   ASP B CA  1 
ATOM   972  C  C   . ASP B 1 29 ? -3.001  -7.747  -4.017  1.00 9.29   ? 29   ASP B C   1 
ATOM   973  O  O   . ASP B 1 29 ? -4.171  -7.974  -4.281  1.00 11.59  ? 29   ASP B O   1 
ATOM   974  C  CB  . ASP B 1 29 ? -1.495  -7.498  -5.935  1.00 10.76  ? 29   ASP B CB  1 
ATOM   975  C  CG  . ASP B 1 29 ? -0.844  -6.567  -6.933  1.00 14.47  ? 29   ASP B CG  1 
ATOM   976  O  OD1 . ASP B 1 29 ? -1.229  -5.385  -7.040  1.00 16.20  ? 29   ASP B OD1 1 
ATOM   977  O  OD2 . ASP B 1 29 ? 0.091   -7.043  -7.621  1.00 22.90  ? 29   ASP B OD2 1 
ATOM   978  N  N   . ASP B 1 30 ? -2.263  -8.356  -3.086  1.00 12.48  ? 30   ASP B N   1 
ATOM   979  C  CA  . ASP B 1 30 ? -2.686  -9.432  -2.230  1.00 10.63  ? 30   ASP B CA  1 
ATOM   980  C  C   . ASP B 1 30 ? -2.789  -9.079  -0.744  1.00 12.54  ? 30   ASP B C   1 
ATOM   981  O  O   . ASP B 1 30 ? -2.294  -8.068  -0.251  1.00 15.84  ? 30   ASP B O   1 
ATOM   982  C  CB  . ASP B 1 30 ? -1.682  -10.586 -2.344  1.00 12.60  ? 30   ASP B CB  1 
ATOM   983  C  CG  . ASP B 1 30 ? -1.411  -10.967 -3.785  1.00 21.50  ? 30   ASP B CG  1 
ATOM   984  O  OD1 . ASP B 1 30 ? -0.215  -10.938 -4.143  1.00 24.89  ? 30   ASP B OD1 1 
ATOM   985  O  OD2 . ASP B 1 30 ? -2.378  -11.286 -4.509  1.00 22.03  ? 30   ASP B OD2 1 
ATOM   986  N  N   . THR B 1 31 ? -3.457  -10.000 -0.046  1.00 11.36  ? 31   THR B N   1 
ATOM   987  C  CA  . THR B 1 31 ? -3.710  -9.927  1.381   1.00 11.30  ? 31   THR B CA  1 
ATOM   988  C  C   . THR B 1 31 ? -2.730  -10.877 2.055   1.00 13.32  ? 31   THR B C   1 
ATOM   989  O  O   . THR B 1 31 ? -2.652  -12.053 1.680   1.00 11.41  ? 31   THR B O   1 
ATOM   990  C  CB  . THR B 1 31 ? -5.150  -10.307 1.760   1.00 7.83   ? 31   THR B CB  1 
ATOM   991  O  OG1 . THR B 1 31 ? -6.046  -9.291  1.274   1.00 11.89  ? 31   THR B OG1 1 
ATOM   992  C  CG2 . THR B 1 31 ? -5.336  -10.380 3.269   1.00 8.52   ? 31   THR B CG2 1 
ATOM   993  N  N   . VAL B 1 32 ? -1.975  -10.339 3.015   1.00 9.44   ? 32   VAL B N   1 
ATOM   994  C  CA  . VAL B 1 32 ? -0.917  -11.106 3.651   1.00 10.09  ? 32   VAL B CA  1 
ATOM   995  C  C   . VAL B 1 32 ? -0.974  -10.898 5.158   1.00 10.51  ? 32   VAL B C   1 
ATOM   996  O  O   . VAL B 1 32 ? -0.815  -9.769  5.617   1.00 10.80  ? 32   VAL B O   1 
ATOM   997  C  CB  . VAL B 1 32 ? 0.482   -10.694 3.152   1.00 11.33  ? 32   VAL B CB  1 
ATOM   998  C  CG1 . VAL B 1 32 ? 1.506   -11.699 3.665   1.00 20.33  ? 32   VAL B CG1 1 
ATOM   999  C  CG2 . VAL B 1 32 ? 0.532   -10.592 1.637   1.00 18.58  ? 32   VAL B CG2 1 
ATOM   1000 N  N   . LEU B 1 33 ? -1.159  -11.975 5.895   1.00 8.89   ? 33   LEU B N   1 
ATOM   1001 C  CA  . LEU B 1 33 ? -1.184  -11.962 7.346   1.00 9.07   ? 33   LEU B CA  1 
ATOM   1002 C  C   . LEU B 1 33 ? -0.018  -12.693 7.983   1.00 11.82  ? 33   LEU B C   1 
ATOM   1003 O  O   . LEU B 1 33 ? 0.626   -13.600 7.439   1.00 13.70  ? 33   LEU B O   1 
ATOM   1004 C  CB  . LEU B 1 33 ? -2.479  -12.641 7.791   1.00 15.54  ? 33   LEU B CB  1 
ATOM   1005 C  CG  . LEU B 1 33 ? -3.792  -12.095 7.232   1.00 17.69  ? 33   LEU B CG  1 
ATOM   1006 C  CD1 . LEU B 1 33 ? -4.937  -12.748 7.990   1.00 11.46  ? 33   LEU B CD1 1 
ATOM   1007 C  CD2 . LEU B 1 33 ? -3.890  -10.583 7.315   1.00 25.04  ? 33   LEU B CD2 1 
ATOM   1008 N  N   . GLU B 1 34 ? 0.254   -12.281 9.225   1.00 9.98   ? 34   GLU B N   1 
ATOM   1009 C  CA  . GLU B 1 34 ? 1.263   -12.967 9.994   1.00 13.65  ? 34   GLU B CA  1 
ATOM   1010 C  C   . GLU B 1 34 ? 0.891   -14.434 10.155  1.00 12.45  ? 34   GLU B C   1 
ATOM   1011 O  O   . GLU B 1 34 ? -0.285  -14.779 10.016  1.00 14.24  ? 34   GLU B O   1 
ATOM   1012 C  CB  . GLU B 1 34 ? 1.377   -12.358 11.380  1.00 12.95  ? 34   GLU B CB  1 
ATOM   1013 C  CG  . GLU B 1 34 ? 1.810   -10.920 11.507  1.00 10.40  ? 34   GLU B CG  1 
ATOM   1014 C  CD  . GLU B 1 34 ? 1.708   -10.500 12.972  1.00 23.81  ? 34   GLU B CD  1 
ATOM   1015 O  OE1 . GLU B 1 34 ? 1.132   -9.435  13.260  1.00 20.88  ? 34   GLU B OE1 1 
ATOM   1016 O  OE2 . GLU B 1 34 ? 2.203   -11.253 13.848  1.00 22.48  ? 34   GLU B OE2 1 
ATOM   1017 N  N   . GLU B 1 35 ? 1.879   -15.242 10.494  1.00 12.60  ? 35   GLU B N   1 
ATOM   1018 C  CA  . GLU B 1 35 ? 1.709   -16.658 10.730  1.00 17.82  ? 35   GLU B CA  1 
ATOM   1019 C  C   . GLU B 1 35 ? 0.480   -16.949 11.595  1.00 13.66  ? 35   GLU B C   1 
ATOM   1020 O  O   . GLU B 1 35 ? 0.267   -16.343 12.640  1.00 17.91  ? 35   GLU B O   1 
ATOM   1021 C  CB  . GLU B 1 35 ? 2.926   -17.246 11.448  1.00 16.16  ? 35   GLU B CB  1 
ATOM   1022 C  CG  . GLU B 1 35 ? 2.592   -18.573 12.125  1.00 27.23  ? 35   GLU B CG  1 
ATOM   1023 C  CD  . GLU B 1 35 ? 2.324   -19.626 11.055  1.00 36.15  ? 35   GLU B CD  1 
ATOM   1024 O  OE1 . GLU B 1 35 ? 1.775   -20.687 11.405  1.00 30.45  ? 35   GLU B OE1 1 
ATOM   1025 O  OE2 . GLU B 1 35 ? 2.669   -19.333 9.888   1.00 37.25  ? 35   GLU B OE2 1 
ATOM   1026 N  N   . MET B 1 36 ? -0.298  -17.903 11.110  1.00 18.09  ? 36   MET B N   1 
ATOM   1027 C  CA  . MET B 1 36 ? -1.464  -18.419 11.821  1.00 13.34  ? 36   MET B CA  1 
ATOM   1028 C  C   . MET B 1 36 ? -1.900  -19.726 11.176  1.00 20.33  ? 36   MET B C   1 
ATOM   1029 O  O   . MET B 1 36 ? -1.546  -20.024 10.039  1.00 17.26  ? 36   MET B O   1 
ATOM   1030 C  CB  . MET B 1 36 ? -2.590  -17.373 11.855  1.00 17.55  ? 36   MET B CB  1 
ATOM   1031 C  CG  . MET B 1 36 ? -3.371  -17.266 10.551  1.00 17.64  ? 36   MET B CG  1 
ATOM   1032 S  SD  . MET B 1 36 ? -4.697  -16.054 10.572  1.00 17.76  ? 36   MET B SD  1 
ATOM   1033 C  CE  . MET B 1 36 ? -5.864  -16.863 11.668  1.00 20.07  ? 36   MET B CE  1 
ATOM   1034 N  N   . SER B 1 37 ? -2.687  -20.542 11.875  1.00 19.93  ? 37   SER B N   1 
ATOM   1035 C  CA  . SER B 1 37 ? -3.228  -21.725 11.206  1.00 23.25  ? 37   SER B CA  1 
ATOM   1036 C  C   . SER B 1 37 ? -4.576  -21.394 10.573  1.00 23.11  ? 37   SER B C   1 
ATOM   1037 O  O   . SER B 1 37 ? -5.393  -20.727 11.202  1.00 20.17  ? 37   SER B O   1 
ATOM   1038 C  CB  . SER B 1 37 ? -3.412  -22.903 12.161  1.00 32.67  ? 37   SER B CB  1 
ATOM   1039 O  OG  . SER B 1 37 ? -2.192  -23.314 12.751  1.00 39.20  ? 37   SER B OG  1 
ATOM   1040 N  N   . LEU B 1 38 ? -4.827  -21.851 9.352   1.00 17.82  ? 38   LEU B N   1 
ATOM   1041 C  CA  . LEU B 1 38 ? -6.167  -21.704 8.793   1.00 18.16  ? 38   LEU B CA  1 
ATOM   1042 C  C   . LEU B 1 38 ? -6.672  -23.064 8.345   1.00 18.85  ? 38   LEU B C   1 
ATOM   1043 O  O   . LEU B 1 38 ? -5.843  -23.875 7.911   1.00 26.94  ? 38   LEU B O   1 
ATOM   1044 C  CB  . LEU B 1 38 ? -6.205  -20.723 7.621   1.00 18.05  ? 38   LEU B CB  1 
ATOM   1045 C  CG  . LEU B 1 38 ? -6.080  -19.251 8.036   1.00 21.64  ? 38   LEU B CG  1 
ATOM   1046 C  CD1 . LEU B 1 38 ? -5.763  -18.372 6.851   1.00 18.66  ? 38   LEU B CD1 1 
ATOM   1047 C  CD2 . LEU B 1 38 ? -7.361  -18.803 8.734   1.00 18.79  ? 38   LEU B CD2 1 
ATOM   1048 N  N   . PRO B 1 39 ? -7.959  -23.328 8.459   1.00 20.73  ? 39   PRO B N   1 
ATOM   1049 C  CA  . PRO B 1 39 ? -8.454  -24.626 7.983   1.00 26.98  ? 39   PRO B CA  1 
ATOM   1050 C  C   . PRO B 1 39 ? -8.337  -24.782 6.474   1.00 22.40  ? 39   PRO B C   1 
ATOM   1051 O  O   . PRO B 1 39 ? -8.191  -23.848 5.692   1.00 27.77  ? 39   PRO B O   1 
ATOM   1052 C  CB  . PRO B 1 39 ? -9.928  -24.608 8.402   1.00 33.85  ? 39   PRO B CB  1 
ATOM   1053 C  CG  . PRO B 1 39 ? -9.980  -23.620 9.529   1.00 24.59  ? 39   PRO B CG  1 
ATOM   1054 C  CD  . PRO B 1 39 ? -9.051  -22.525 9.045   1.00 26.89  ? 39   PRO B CD  1 
ATOM   1055 N  N   . GLY B 1 40 ? -8.419  -26.039 6.035   1.00 27.66  ? 40   GLY B N   1 
ATOM   1056 C  CA  . GLY B 1 40 ? -8.432  -26.377 4.629   1.00 21.34  ? 40   GLY B CA  1 
ATOM   1057 C  C   . GLY B 1 40 ? -7.056  -26.386 3.985   1.00 25.55  ? 40   GLY B C   1 
ATOM   1058 O  O   . GLY B 1 40 ? -6.032  -26.239 4.637   1.00 35.26  ? 40   GLY B O   1 
ATOM   1059 N  N   . ARG B 1 41 ? -7.056  -26.576 2.671   1.00 26.62  ? 41   ARG B N   1 
ATOM   1060 C  CA  . ARG B 1 41 ? -5.864  -26.824 1.873   1.00 30.30  ? 41   ARG B CA  1 
ATOM   1061 C  C   . ARG B 1 41 ? -5.005  -25.580 1.739   1.00 33.57  ? 41   ARG B C   1 
ATOM   1062 O  O   . ARG B 1 41 ? -5.577  -24.482 1.730   1.00 24.12  ? 41   ARG B O   1 
ATOM   1063 C  CB  . ARG B 1 41 ? -6.324  -27.326 0.498   1.00 24.75  ? 41   ARG B CB  1 
ATOM   1064 N  N   . TRP B 1 42 ? -3.681  -25.705 1.620   1.00 26.61  ? 42   TRP B N   1 
ATOM   1065 C  CA  . TRP B 1 42 ? -2.854  -24.559 1.260   1.00 21.69  ? 42   TRP B CA  1 
ATOM   1066 C  C   . TRP B 1 42 ? -1.745  -25.030 0.317   1.00 23.94  ? 42   TRP B C   1 
ATOM   1067 O  O   . TRP B 1 42 ? -1.519  -26.237 0.181   1.00 29.74  ? 42   TRP B O   1 
ATOM   1068 C  CB  . TRP B 1 42 ? -2.254  -23.824 2.470   1.00 20.73  ? 42   TRP B CB  1 
ATOM   1069 C  CG  . TRP B 1 42 ? -1.383  -24.748 3.262   1.00 22.18  ? 42   TRP B CG  1 
ATOM   1070 C  CD1 . TRP B 1 42 ? -1.751  -25.600 4.256   1.00 24.19  ? 42   TRP B CD1 1 
ATOM   1071 C  CD2 . TRP B 1 42 ? 0.033   -24.891 3.088   1.00 17.73  ? 42   TRP B CD2 1 
ATOM   1072 N  NE1 . TRP B 1 42 ? -0.635  -26.271 4.711   1.00 24.27  ? 42   TRP B NE1 1 
ATOM   1073 C  CE2 . TRP B 1 42 ? 0.466   -25.857 4.019   1.00 20.49  ? 42   TRP B CE2 1 
ATOM   1074 C  CE3 . TRP B 1 42 ? 0.956   -24.286 2.227   1.00 20.18  ? 42   TRP B CE3 1 
ATOM   1075 C  CZ2 . TRP B 1 42 ? 1.804   -26.234 4.114   1.00 30.72  ? 42   TRP B CZ2 1 
ATOM   1076 C  CZ3 . TRP B 1 42 ? 2.277   -24.664 2.326   1.00 16.78  ? 42   TRP B CZ3 1 
ATOM   1077 C  CH2 . TRP B 1 42 ? 2.686   -25.623 3.258   1.00 26.16  ? 42   TRP B CH2 1 
ATOM   1078 N  N   . LYS B 1 43 ? -1.075  -24.061 -0.299  1.00 21.29  ? 43   LYS B N   1 
ATOM   1079 C  CA  . LYS B 1 43 ? 0.085   -24.296 -1.146  1.00 16.91  ? 43   LYS B CA  1 
ATOM   1080 C  C   . LYS B 1 43 ? 1.144   -23.204 -0.980  1.00 17.35  ? 43   LYS B C   1 
ATOM   1081 O  O   . LYS B 1 43 ? 0.827   -22.056 -0.622  1.00 13.89  ? 43   LYS B O   1 
ATOM   1082 C  CB  . LYS B 1 43 ? -0.338  -24.382 -2.597  1.00 25.77  ? 43   LYS B CB  1 
ATOM   1083 N  N   . PRO B 1 44 ? 2.405   -23.529 -1.233  1.00 13.97  ? 44   PRO B N   1 
ATOM   1084 C  CA  . PRO B 1 44 ? 3.459   -22.520 -1.140  1.00 19.85  ? 44   PRO B CA  1 
ATOM   1085 C  C   . PRO B 1 44 ? 3.386   -21.525 -2.295  1.00 16.03  ? 44   PRO B C   1 
ATOM   1086 O  O   . PRO B 1 44 ? 3.052   -21.863 -3.425  1.00 22.11  ? 44   PRO B O   1 
ATOM   1087 C  CB  . PRO B 1 44 ? 4.756   -23.317 -1.259  1.00 28.87  ? 44   PRO B CB  1 
ATOM   1088 C  CG  . PRO B 1 44 ? 4.399   -24.754 -1.336  1.00 32.12  ? 44   PRO B CG  1 
ATOM   1089 C  CD  . PRO B 1 44 ? 2.932   -24.843 -1.619  1.00 29.38  ? 44   PRO B CD  1 
ATOM   1090 N  N   . LYS B 1 45 ? 3.719   -20.283 -2.001  1.00 16.38  ? 45   LYS B N   1 
ATOM   1091 C  CA  . LYS B 1 45 ? 3.683   -19.188 -2.939  1.00 20.98  ? 45   LYS B CA  1 
ATOM   1092 C  C   . LYS B 1 45 ? 4.839   -18.244 -2.604  1.00 22.21  ? 45   LYS B C   1 
ATOM   1093 O  O   . LYS B 1 45 ? 5.177   -18.154 -1.427  1.00 19.49  ? 45   LYS B O   1 
ATOM   1094 C  CB  . LYS B 1 45 ? 2.339   -18.459 -2.878  1.00 19.32  ? 45   LYS B CB  1 
ATOM   1095 C  CG  . LYS B 1 45 ? 2.130   -17.383 -3.926  1.00 23.49  ? 45   LYS B CG  1 
ATOM   1096 C  CD  . LYS B 1 45 ? 0.740   -16.798 -3.934  1.00 29.56  ? 45   LYS B CD  1 
ATOM   1097 C  CE  . LYS B 1 45 ? 0.676   -15.438 -4.614  1.00 32.43  ? 45   LYS B CE  1 
ATOM   1098 N  NZ  . LYS B 1 45 ? 0.838   -15.533 -6.092  1.00 34.75  ? 45   LYS B NZ  1 
ATOM   1099 N  N   . MET B 1 46 ? 5.410   -17.587 -3.604  1.00 20.37  ? 46   MET B N   1 
ATOM   1100 C  CA  . MET B 1 46 ? 6.376   -16.518 -3.406  1.00 21.26  ? 46   MET B CA  1 
ATOM   1101 C  C   . MET B 1 46 ? 5.769   -15.164 -3.760  1.00 18.57  ? 46   MET B C   1 
ATOM   1102 O  O   . MET B 1 46 ? 5.119   -15.061 -4.802  1.00 20.07  ? 46   MET B O   1 
ATOM   1103 C  CB  . MET B 1 46 ? 7.605   -16.727 -4.289  1.00 25.73  ? 46   MET B CB  1 
ATOM   1104 C  CG  . MET B 1 46 ? 8.090   -18.162 -4.385  1.00 28.67  ? 46   MET B CG  1 
ATOM   1105 S  SD  . MET B 1 46 ? 8.710   -18.730 -2.799  1.00 29.56  ? 46   MET B SD  1 
ATOM   1106 C  CE  . MET B 1 46 ? 10.032  -17.556 -2.504  1.00 48.37  ? 46   MET B CE  1 
ATOM   1107 N  N   . ILE B 1 47 ? 5.967   -14.130 -2.956  1.00 14.34  ? 47   ILE B N   1 
ATOM   1108 C  CA  . ILE B 1 47 ? 5.529   -12.782 -3.257  1.00 16.45  ? 47   ILE B CA  1 
ATOM   1109 C  C   . ILE B 1 47 ? 6.707   -11.860 -2.975  1.00 15.72  ? 47   ILE B C   1 
ATOM   1110 O  O   . ILE B 1 47 ? 7.558   -12.147 -2.147  1.00 15.91  ? 47   ILE B O   1 
ATOM   1111 C  CB  . ILE B 1 47 ? 4.314   -12.285 -2.464  1.00 21.42  ? 47   ILE B CB  1 
ATOM   1112 C  CG1 . ILE B 1 47 ? 4.498   -12.350 -0.947  1.00 21.29  ? 47   ILE B CG1 1 
ATOM   1113 C  CG2 . ILE B 1 47 ? 3.061   -13.026 -2.888  1.00 18.29  ? 47   ILE B CG2 1 
ATOM   1114 C  CD1 . ILE B 1 47 ? 3.400   -11.660 -0.165  1.00 17.88  ? 47   ILE B CD1 1 
ATOM   1115 N  N   . GLY B 1 48 ? 6.762   -10.732 -3.681  1.00 23.92  ? 48   GLY B N   1 
ATOM   1116 C  CA  . GLY B 1 48 ? 7.982   -9.971  -3.435  1.00 27.32  ? 48   GLY B CA  1 
ATOM   1117 C  C   . GLY B 1 48 ? 7.730   -8.492  -3.280  1.00 26.14  ? 48   GLY B C   1 
ATOM   1118 O  O   . GLY B 1 48 ? 6.711   -8.009  -3.763  1.00 29.67  ? 48   GLY B O   1 
ATOM   1119 N  N   . GLY B 1 49 ? 8.678   -7.868  -2.618  1.00 27.71  ? 49   GLY B N   1 
ATOM   1120 C  CA  . GLY B 1 49 ? 8.806   -6.460  -2.338  1.00 32.79  ? 49   GLY B CA  1 
ATOM   1121 C  C   . GLY B 1 49 ? 9.954   -5.861  -3.124  1.00 43.01  ? 49   GLY B C   1 
ATOM   1122 O  O   . GLY B 1 49 ? 10.429  -6.477  -4.082  1.00 28.16  ? 49   GLY B O   1 
ATOM   1123 N  N   . ILE B 1 50 ? 10.412  -4.671  -2.738  1.00 46.62  ? 50   ILE B N   1 
ATOM   1124 C  CA  . ILE B 1 50 ? 11.403  -3.995  -3.583  1.00 51.98  ? 50   ILE B CA  1 
ATOM   1125 C  C   . ILE B 1 50 ? 12.730  -4.731  -3.654  1.00 59.11  ? 50   ILE B C   1 
ATOM   1126 O  O   . ILE B 1 50 ? 13.411  -4.691  -4.695  1.00 68.58  ? 50   ILE B O   1 
ATOM   1127 C  CB  . ILE B 1 50 ? 11.566  -2.536  -3.096  1.00 55.35  ? 50   ILE B CB  1 
ATOM   1128 C  CG1 . ILE B 1 50 ? 10.222  -1.825  -2.901  1.00 52.59  ? 50   ILE B CG1 1 
ATOM   1129 C  CG2 . ILE B 1 50 ? 12.485  -1.766  -4.025  1.00 53.55  ? 50   ILE B CG2 1 
ATOM   1130 C  CD1 . ILE B 1 50 ? 10.231  -0.326  -3.059  1.00 34.21  ? 50   ILE B CD1 1 
ATOM   1131 N  N   . GLY B 1 51 ? 13.178  -5.447  -2.617  1.00 48.28  ? 51   GLY B N   1 
ATOM   1132 C  CA  . GLY B 1 51 ? 14.486  -6.081  -2.730  1.00 44.09  ? 51   GLY B CA  1 
ATOM   1133 C  C   . GLY B 1 51 ? 14.536  -7.583  -2.767  1.00 24.71  ? 51   GLY B C   1 
ATOM   1134 O  O   . GLY B 1 51 ? 15.592  -8.165  -2.488  1.00 23.73  ? 51   GLY B O   1 
ATOM   1135 N  N   . GLY B 1 52 ? 13.455  -8.272  -3.106  1.00 25.30  ? 52   GLY B N   1 
ATOM   1136 C  CA  . GLY B 1 52 ? 13.468  -9.721  -3.172  1.00 27.04  ? 52   GLY B CA  1 
ATOM   1137 C  C   . GLY B 1 52 ? 12.135  -10.348 -2.781  1.00 32.42  ? 52   GLY B C   1 
ATOM   1138 O  O   . GLY B 1 52 ? 11.241  -9.635  -2.309  1.00 25.04  ? 52   GLY B O   1 
ATOM   1139 N  N   . PHE B 1 53 ? 12.006  -11.654 -2.963  1.00 17.53  ? 53   PHE B N   1 
ATOM   1140 C  CA  . PHE B 1 53 ? 10.825  -12.453 -2.667  1.00 22.69  ? 53   PHE B CA  1 
ATOM   1141 C  C   . PHE B 1 53 ? 10.860  -13.211 -1.348  1.00 27.39  ? 53   PHE B C   1 
ATOM   1142 O  O   . PHE B 1 53 ? 11.934  -13.611 -0.893  1.00 23.18  ? 53   PHE B O   1 
ATOM   1143 C  CB  . PHE B 1 53 ? 10.659  -13.466 -3.811  1.00 17.75  ? 53   PHE B CB  1 
ATOM   1144 C  CG  . PHE B 1 53 ? 10.016  -12.877 -5.054  1.00 21.70  ? 53   PHE B CG  1 
ATOM   1145 C  CD1 . PHE B 1 53 ? 10.708  -12.009 -5.886  1.00 22.65  ? 53   PHE B CD1 1 
ATOM   1146 C  CD2 . PHE B 1 53 ? 8.715   -13.190 -5.382  1.00 21.21  ? 53   PHE B CD2 1 
ATOM   1147 C  CE1 . PHE B 1 53 ? 10.067  -11.489 -6.993  1.00 22.11  ? 53   PHE B CE1 1 
ATOM   1148 C  CE2 . PHE B 1 53 ? 8.081   -12.670 -6.490  1.00 23.57  ? 53   PHE B CE2 1 
ATOM   1149 C  CZ  . PHE B 1 53 ? 8.771   -11.800 -7.321  1.00 27.54  ? 53   PHE B CZ  1 
ATOM   1150 N  N   . ILE B 1 54 ? 9.696   -13.432 -0.740  1.00 22.84  ? 54   ILE B N   1 
ATOM   1151 C  CA  . ILE B 1 54 ? 9.523   -14.226 0.458   1.00 14.00  ? 54   ILE B CA  1 
ATOM   1152 C  C   . ILE B 1 54 ? 8.516   -15.353 0.206   1.00 13.90  ? 54   ILE B C   1 
ATOM   1153 O  O   . ILE B 1 54 ? 7.670   -15.288 -0.685  1.00 17.15  ? 54   ILE B O   1 
ATOM   1154 C  CB  . ILE B 1 54 ? 8.985   -13.459 1.672   1.00 17.03  ? 54   ILE B CB  1 
ATOM   1155 C  CG1 . ILE B 1 54 ? 7.531   -12.988 1.480   1.00 23.19  ? 54   ILE B CG1 1 
ATOM   1156 C  CG2 . ILE B 1 54 ? 9.850   -12.276 2.056   1.00 27.44  ? 54   ILE B CG2 1 
ATOM   1157 C  CD1 . ILE B 1 54 ? 6.856   -12.566 2.774   1.00 18.83  ? 54   ILE B CD1 1 
ATOM   1158 N  N   . LYS B 1 55 ? 8.640   -16.393 1.032   1.00 17.76  ? 55   LYS B N   1 
ATOM   1159 C  CA  . LYS B 1 55 ? 7.734   -17.523 0.952   1.00 15.98  ? 55   LYS B CA  1 
ATOM   1160 C  C   . LYS B 1 55 ? 6.528   -17.333 1.877   1.00 13.84  ? 55   LYS B C   1 
ATOM   1161 O  O   . LYS B 1 55 ? 6.710   -16.979 3.050   1.00 14.18  ? 55   LYS B O   1 
ATOM   1162 C  CB  . LYS B 1 55 ? 8.436   -18.829 1.302   1.00 18.40  ? 55   LYS B CB  1 
ATOM   1163 N  N   . VAL B 1 56 ? 5.344   -17.588 1.328   1.00 13.49  ? 56   VAL B N   1 
ATOM   1164 C  CA  . VAL B 1 56 ? 4.107   -17.596 2.099   1.00 9.33   ? 56   VAL B CA  1 
ATOM   1165 C  C   . VAL B 1 56 ? 3.284   -18.843 1.811   1.00 15.04  ? 56   VAL B C   1 
ATOM   1166 O  O   . VAL B 1 56 ? 3.552   -19.593 0.864   1.00 15.19  ? 56   VAL B O   1 
ATOM   1167 C  CB  . VAL B 1 56 ? 3.239   -16.363 1.798   1.00 14.81  ? 56   VAL B CB  1 
ATOM   1168 C  CG1 . VAL B 1 56 ? 3.970   -15.100 2.212   1.00 18.58  ? 56   VAL B CG1 1 
ATOM   1169 C  CG2 . VAL B 1 56 ? 2.878   -16.308 0.327   1.00 15.96  ? 56   VAL B CG2 1 
ATOM   1170 N  N   . ARG B 1 57 ? 2.269   -19.058 2.644   1.00 12.38  ? 57   ARG B N   1 
ATOM   1171 C  CA  . ARG B 1 57 ? 1.318   -20.131 2.408   1.00 14.99  ? 57   ARG B CA  1 
ATOM   1172 C  C   . ARG B 1 57 ? 0.045   -19.499 1.858   1.00 15.11  ? 57   ARG B C   1 
ATOM   1173 O  O   . ARG B 1 57 ? -0.416  -18.520 2.445   1.00 13.27  ? 57   ARG B O   1 
ATOM   1174 C  CB  . ARG B 1 57 ? 1.007   -20.902 3.690   1.00 14.40  ? 57   ARG B CB  1 
ATOM   1175 C  CG  . ARG B 1 57 ? 2.264   -21.550 4.261   1.00 17.76  ? 57   ARG B CG  1 
ATOM   1176 C  CD  . ARG B 1 57 ? 1.947   -22.678 5.210   1.00 18.20  ? 57   ARG B CD  1 
ATOM   1177 N  NE  . ARG B 1 57 ? 1.299   -22.186 6.402   1.00 24.37  ? 57   ARG B NE  1 
ATOM   1178 C  CZ  . ARG B 1 57 ? 1.615   -21.550 7.494   1.00 22.11  ? 57   ARG B CZ  1 
ATOM   1179 N  NH1 . ARG B 1 57 ? 2.865   -21.189 7.711   1.00 23.98  ? 57   ARG B NH1 1 
ATOM   1180 N  NH2 . ARG B 1 57 ? 0.687   -21.258 8.404   1.00 23.43  ? 57   ARG B NH2 1 
ATOM   1181 N  N   . GLN B 1 58 ? -0.473  -20.047 0.776   1.00 10.98  ? 58   GLN B N   1 
ATOM   1182 C  CA  . GLN B 1 58 ? -1.695  -19.534 0.169   1.00 10.34  ? 58   GLN B CA  1 
ATOM   1183 C  C   . GLN B 1 58 ? -2.918  -20.368 0.552   1.00 16.53  ? 58   GLN B C   1 
ATOM   1184 O  O   . GLN B 1 58 ? -2.969  -21.571 0.280   1.00 12.46  ? 58   GLN B O   1 
ATOM   1185 C  CB  . GLN B 1 58 ? -1.537  -19.533 -1.353  1.00 14.33  ? 58   GLN B CB  1 
ATOM   1186 C  CG  . GLN B 1 58 ? -2.796  -19.114 -2.104  1.00 17.31  ? 58   GLN B CG  1 
ATOM   1187 C  CD  . GLN B 1 58 ? -2.582  -19.114 -3.611  1.00 17.19  ? 58   GLN B CD  1 
ATOM   1188 O  OE1 . GLN B 1 58 ? -1.443  -19.168 -4.064  1.00 19.63  ? 58   GLN B OE1 1 
ATOM   1189 N  NE2 . GLN B 1 58 ? -3.671  -19.071 -4.361  1.00 20.31  ? 58   GLN B NE2 1 
ATOM   1190 N  N   . TYR B 1 59 ? -3.903  -19.708 1.151   1.00 14.34  ? 59   TYR B N   1 
ATOM   1191 C  CA  . TYR B 1 59 ? -5.190  -20.316 1.467   1.00 9.24   ? 59   TYR B CA  1 
ATOM   1192 C  C   . TYR B 1 59 ? -6.294  -19.641 0.664   1.00 10.89  ? 59   TYR B C   1 
ATOM   1193 O  O   . TYR B 1 59 ? -6.472  -18.428 0.747   1.00 12.92  ? 59   TYR B O   1 
ATOM   1194 C  CB  . TYR B 1 59 ? -5.546  -20.147 2.924   1.00 9.71   ? 59   TYR B CB  1 
ATOM   1195 C  CG  . TYR B 1 59 ? -4.617  -20.768 3.928   1.00 11.40  ? 59   TYR B CG  1 
ATOM   1196 C  CD1 . TYR B 1 59 ? -3.442  -20.131 4.306   1.00 12.66  ? 59   TYR B CD1 1 
ATOM   1197 C  CD2 . TYR B 1 59 ? -4.972  -21.995 4.476   1.00 15.51  ? 59   TYR B CD2 1 
ATOM   1198 C  CE1 . TYR B 1 59 ? -2.622  -20.743 5.233   1.00 13.10  ? 59   TYR B CE1 1 
ATOM   1199 C  CE2 . TYR B 1 59 ? -4.158  -22.606 5.407   1.00 19.16  ? 59   TYR B CE2 1 
ATOM   1200 C  CZ  . TYR B 1 59 ? -3.001  -21.958 5.757   1.00 22.91  ? 59   TYR B CZ  1 
ATOM   1201 O  OH  . TYR B 1 59 ? -2.201  -22.566 6.688   1.00 20.95  ? 59   TYR B OH  1 
ATOM   1202 N  N   . ASP B 1 60 ? -7.039  -20.422 -0.111  1.00 15.81  ? 60   ASP B N   1 
ATOM   1203 C  CA  . ASP B 1 60 ? -8.073  -19.812 -0.941  1.00 17.52  ? 60   ASP B CA  1 
ATOM   1204 C  C   . ASP B 1 60 ? -9.457  -19.945 -0.306  1.00 12.55  ? 60   ASP B C   1 
ATOM   1205 O  O   . ASP B 1 60 ? -9.686  -20.809 0.547   1.00 13.03  ? 60   ASP B O   1 
ATOM   1206 C  CB  . ASP B 1 60 ? -8.023  -20.467 -2.321  1.00 13.70  ? 60   ASP B CB  1 
ATOM   1207 C  CG  . ASP B 1 60 ? -6.695  -20.384 -3.029  1.00 20.09  ? 60   ASP B CG  1 
ATOM   1208 O  OD1 . ASP B 1 60 ? -6.066  -19.300 -3.093  1.00 17.60  ? 60   ASP B OD1 1 
ATOM   1209 O  OD2 . ASP B 1 60 ? -6.255  -21.436 -3.554  1.00 24.75  ? 60   ASP B OD2 1 
ATOM   1210 N  N   . GLN B 1 61 ? -10.338 -19.074 -0.763  1.00 11.99  ? 61   GLN B N   1 
ATOM   1211 C  CA  . GLN B 1 61 ? -11.744 -19.095 -0.372  1.00 15.24  ? 61   GLN B CA  1 
ATOM   1212 C  C   . GLN B 1 61 ? -11.926 -19.122 1.143   1.00 16.07  ? 61   GLN B C   1 
ATOM   1213 O  O   . GLN B 1 61 ? -12.658 -19.939 1.688   1.00 18.11  ? 61   GLN B O   1 
ATOM   1214 C  CB  . GLN B 1 61 ? -12.450 -20.292 -1.039  1.00 19.66  ? 61   GLN B CB  1 
ATOM   1215 C  CG  . GLN B 1 61 ? -13.622 -19.891 -1.923  1.00 27.38  ? 61   GLN B CG  1 
ATOM   1216 C  CD  . GLN B 1 61 ? -14.320 -21.050 -2.610  1.00 33.83  ? 61   GLN B CD  1 
ATOM   1217 O  OE1 . GLN B 1 61 ? -13.752 -21.734 -3.460  1.00 37.23  ? 61   GLN B OE1 1 
ATOM   1218 N  NE2 . GLN B 1 61 ? -15.580 -21.275 -2.254  1.00 32.87  ? 61   GLN B NE2 1 
ATOM   1219 N  N   . ILE B 1 62 ? -11.279 -18.192 1.823   1.00 10.58  ? 62   ILE B N   1 
ATOM   1220 C  CA  . ILE B 1 62 ? -11.332 -18.024 3.265   1.00 11.93  ? 62   ILE B CA  1 
ATOM   1221 C  C   . ILE B 1 62 ? -12.281 -16.898 3.628   1.00 12.51  ? 62   ILE B C   1 
ATOM   1222 O  O   . ILE B 1 62 ? -12.198 -15.801 3.047   1.00 13.86  ? 62   ILE B O   1 
ATOM   1223 C  CB  . ILE B 1 62 ? -9.930  -17.697 3.827   1.00 15.17  ? 62   ILE B CB  1 
ATOM   1224 C  CG1 . ILE B 1 62 ? -8.890  -18.793 3.605   1.00 17.01  ? 62   ILE B CG1 1 
ATOM   1225 C  CG2 . ILE B 1 62 ? -10.013 -17.305 5.296   1.00 17.78  ? 62   ILE B CG2 1 
ATOM   1226 C  CD1 . ILE B 1 62 ? -9.212  -20.123 4.240   1.00 16.73  ? 62   ILE B CD1 1 
ATOM   1227 N  N   . LEU B 1 63 ? -13.194 -17.126 4.564   1.00 13.48  ? 63   LEU B N   1 
ATOM   1228 C  CA  . LEU B 1 63 ? -14.032 -16.056 5.079   1.00 11.66  ? 63   LEU B CA  1 
ATOM   1229 C  C   . LEU B 1 63 ? -13.212 -15.116 5.960   1.00 15.18  ? 63   LEU B C   1 
ATOM   1230 O  O   . LEU B 1 63 ? -12.475 -15.546 6.852   1.00 11.79  ? 63   LEU B O   1 
ATOM   1231 C  CB  . LEU B 1 63 ? -15.231 -16.556 5.882   1.00 15.26  ? 63   LEU B CB  1 
ATOM   1232 N  N   . ILE B 1 64 ? -13.356 -13.826 5.671   1.00 11.65  ? 64   ILE B N   1 
ATOM   1233 C  CA  . ILE B 1 64 ? -12.703 -12.822 6.500   1.00 10.11  ? 64   ILE B CA  1 
ATOM   1234 C  C   . ILE B 1 64 ? -13.574 -11.579 6.605   1.00 15.28  ? 64   ILE B C   1 
ATOM   1235 O  O   . ILE B 1 64 ? -14.096 -11.114 5.590   1.00 18.22  ? 64   ILE B O   1 
ATOM   1236 C  CB  . ILE B 1 64 ? -11.351 -12.406 5.906   1.00 13.32  ? 64   ILE B CB  1 
ATOM   1237 C  CG1 . ILE B 1 64 ? -10.674 -11.245 6.625   1.00 15.90  ? 64   ILE B CG1 1 
ATOM   1238 C  CG2 . ILE B 1 64 ? -11.552 -12.089 4.436   1.00 22.18  ? 64   ILE B CG2 1 
ATOM   1239 C  CD1 . ILE B 1 64 ? -9.208  -11.081 6.268   1.00 17.86  ? 64   ILE B CD1 1 
ATOM   1240 N  N   . GLU B 1 65 ? -13.747 -11.029 7.792   1.00 12.90  ? 65   GLU B N   1 
ATOM   1241 C  CA  . GLU B 1 65 ? -14.554 -9.808  7.925   1.00 12.25  ? 65   GLU B CA  1 
ATOM   1242 C  C   . GLU B 1 65 ? -13.647 -8.623  8.212   1.00 13.90  ? 65   GLU B C   1 
ATOM   1243 O  O   . GLU B 1 65 ? -12.781 -8.661  9.088   1.00 16.45  ? 65   GLU B O   1 
ATOM   1244 C  CB  . GLU B 1 65 ? -15.597 -9.985  9.020   1.00 13.80  ? 65   GLU B CB  1 
ATOM   1245 N  N   . ILE B 1 66 ? -13.841 -7.560  7.448   1.00 14.27  ? 66   ILE B N   1 
ATOM   1246 C  CA  . ILE B 1 66 ? -12.987 -6.389  7.504   1.00 14.56  ? 66   ILE B CA  1 
ATOM   1247 C  C   . ILE B 1 66 ? -13.835 -5.166  7.838   1.00 14.61  ? 66   ILE B C   1 
ATOM   1248 O  O   . ILE B 1 66 ? -14.652 -4.806  7.004   1.00 15.63  ? 66   ILE B O   1 
ATOM   1249 C  CB  . ILE B 1 66 ? -12.303 -6.174  6.143   1.00 12.40  ? 66   ILE B CB  1 
ATOM   1250 C  CG1 . ILE B 1 66 ? -11.449 -7.378  5.736   1.00 16.22  ? 66   ILE B CG1 1 
ATOM   1251 C  CG2 . ILE B 1 66 ? -11.537 -4.869  6.133   1.00 15.88  ? 66   ILE B CG2 1 
ATOM   1252 C  CD1 . ILE B 1 66 ? -11.435 -7.620  4.244   1.00 14.95  ? 66   ILE B CD1 1 
ATOM   1253 N  N   . CYS B 1 67 ? -13.627 -4.622  9.020   1.00 12.89  ? 67   CYS B N   1 
ATOM   1254 C  CA  . CYS B 1 67 ? -14.412 -3.458  9.422   1.00 13.21  ? 67   CYS B CA  1 
ATOM   1255 C  C   . CYS B 1 67 ? -15.898 -3.732  9.227   1.00 19.28  ? 67   CYS B C   1 
ATOM   1256 O  O   . CYS B 1 67 ? -16.668 -2.911  8.750   1.00 27.24  ? 67   CYS B O   1 
ATOM   1257 C  CB  . CYS B 1 67 ? -13.896 -2.241  8.635   1.00 21.26  ? 67   CYS B CB  1 
ATOM   1258 S  SG  . CYS B 1 67 ? -14.206 -0.639  9.419   1.00 34.15  ? 67   CYS B SG  1 
ATOM   1259 N  N   . GLY B 1 68 ? -16.304 -4.966  9.534   1.00 13.54  ? 68   GLY B N   1 
ATOM   1260 C  CA  . GLY B 1 68 ? -17.710 -5.315  9.424   1.00 18.16  ? 68   GLY B CA  1 
ATOM   1261 C  C   . GLY B 1 68 ? -18.195 -5.768  8.076   1.00 26.34  ? 68   GLY B C   1 
ATOM   1262 O  O   . GLY B 1 68 ? -19.364 -6.129  7.910   1.00 40.54  ? 68   GLY B O   1 
ATOM   1263 N  N   . HIS B 1 69 ? -17.340 -5.762  7.059   1.00 18.86  ? 69   HIS B N   1 
ATOM   1264 C  CA  . HIS B 1 69 ? -17.756 -6.173  5.718   1.00 17.24  ? 69   HIS B CA  1 
ATOM   1265 C  C   . HIS B 1 69 ? -17.236 -7.548  5.364   1.00 14.46  ? 69   HIS B C   1 
ATOM   1266 O  O   . HIS B 1 69 ? -16.060 -7.825  5.624   1.00 16.51  ? 69   HIS B O   1 
ATOM   1267 C  CB  . HIS B 1 69 ? -17.220 -5.152  4.711   1.00 19.83  ? 69   HIS B CB  1 
ATOM   1268 C  CG  . HIS B 1 69 ? -17.875 -3.817  4.855   1.00 25.20  ? 69   HIS B CG  1 
ATOM   1269 N  ND1 . HIS B 1 69 ? -18.677 -3.281  3.874   1.00 23.94  ? 69   HIS B ND1 1 
ATOM   1270 C  CD2 . HIS B 1 69 ? -17.841 -2.919  5.868   1.00 23.87  ? 69   HIS B CD2 1 
ATOM   1271 C  CE1 . HIS B 1 69 ? -19.107 -2.100  4.283   1.00 30.51  ? 69   HIS B CE1 1 
ATOM   1272 N  NE2 . HIS B 1 69 ? -18.620 -1.857  5.489   1.00 27.65  ? 69   HIS B NE2 1 
ATOM   1273 N  N   . LYS B 1 70 ? -18.045 -8.425  4.783   1.00 13.92  ? 70   LYS B N   1 
ATOM   1274 C  CA  . LYS B 1 70 ? -17.599 -9.796  4.585   1.00 19.45  ? 70   LYS B CA  1 
ATOM   1275 C  C   . LYS B 1 70 ? -16.929 -9.970  3.225   1.00 19.57  ? 70   LYS B C   1 
ATOM   1276 O  O   . LYS B 1 70 ? -17.298 -9.420  2.181   1.00 17.64  ? 70   LYS B O   1 
ATOM   1277 C  CB  . LYS B 1 70 ? -18.762 -10.760 4.773   1.00 26.50  ? 70   LYS B CB  1 
ATOM   1278 N  N   . ALA B 1 71 ? -15.854 -10.753 3.265   1.00 12.64  ? 71   ALA B N   1 
ATOM   1279 C  CA  . ALA B 1 71 ? -15.135 -11.104 2.045   1.00 14.00  ? 71   ALA B CA  1 
ATOM   1280 C  C   . ALA B 1 71 ? -14.862 -12.603 2.096   1.00 12.85  ? 71   ALA B C   1 
ATOM   1281 O  O   . ALA B 1 71 ? -14.776 -13.170 3.200   1.00 16.11  ? 71   ALA B O   1 
ATOM   1282 C  CB  . ALA B 1 71 ? -13.836 -10.335 1.873   1.00 12.43  ? 71   ALA B CB  1 
ATOM   1283 N  N   . ILE B 1 72 ? -14.739 -13.229 0.943   1.00 10.30  ? 72   ILE B N   1 
ATOM   1284 C  CA  . ILE B 1 72 ? -14.342 -14.627 0.888   1.00 9.92   ? 72   ILE B CA  1 
ATOM   1285 C  C   . ILE B 1 72 ? -13.289 -14.728 -0.215  1.00 13.36  ? 72   ILE B C   1 
ATOM   1286 O  O   . ILE B 1 72 ? -13.583 -14.519 -1.391  1.00 11.95  ? 72   ILE B O   1 
ATOM   1287 C  CB  . ILE B 1 72 ? -15.476 -15.623 0.612   1.00 9.65   ? 72   ILE B CB  1 
ATOM   1288 C  CG1 . ILE B 1 72 ? -16.629 -15.544 1.603   1.00 14.14  ? 72   ILE B CG1 1 
ATOM   1289 C  CG2 . ILE B 1 72 ? -14.895 -17.026 0.560   1.00 11.56  ? 72   ILE B CG2 1 
ATOM   1290 C  CD1 . ILE B 1 72 ? -17.860 -16.343 1.225   1.00 13.43  ? 72   ILE B CD1 1 
ATOM   1291 N  N   . GLY B 1 73 ? -12.044 -15.002 0.182   1.00 10.63  ? 73   GLY B N   1 
ATOM   1292 C  CA  . GLY B 1 73 ? -11.029 -15.004 -0.855  1.00 11.46  ? 73   GLY B CA  1 
ATOM   1293 C  C   . GLY B 1 73 ? -9.696  -15.520 -0.358  1.00 12.30  ? 73   GLY B C   1 
ATOM   1294 O  O   . GLY B 1 73 ? -9.602  -16.144 0.702   1.00 13.84  ? 73   GLY B O   1 
ATOM   1295 N  N   . THR B 1 74 ? -8.679  -15.246 -1.153  1.00 12.20  ? 74   THR B N   1 
ATOM   1296 C  CA  . THR B 1 74 ? -7.335  -15.726 -0.899  1.00 9.76   ? 74   THR B CA  1 
ATOM   1297 C  C   . THR B 1 74 ? -6.632  -14.892 0.165   1.00 11.40  ? 74   THR B C   1 
ATOM   1298 O  O   . THR B 1 74 ? -6.602  -13.668 0.097   1.00 12.83  ? 74   THR B O   1 
ATOM   1299 C  CB  . THR B 1 74 ? -6.523  -15.652 -2.208  1.00 16.06  ? 74   THR B CB  1 
ATOM   1300 O  OG1 . THR B 1 74 ? -7.141  -16.546 -3.148  1.00 15.13  ? 74   THR B OG1 1 
ATOM   1301 C  CG2 . THR B 1 74 ? -5.079  -16.079 -1.983  1.00 15.87  ? 74   THR B CG2 1 
ATOM   1302 N  N   . VAL B 1 75 ? -6.084  -15.609 1.126   1.00 11.11  ? 75   VAL B N   1 
ATOM   1303 C  CA  . VAL B 1 75 ? -5.273  -15.030 2.179   1.00 10.48  ? 75   VAL B CA  1 
ATOM   1304 C  C   . VAL B 1 75 ? -3.903  -15.694 2.184   1.00 14.30  ? 75   VAL B C   1 
ATOM   1305 O  O   . VAL B 1 75 ? -3.862  -16.928 2.219   1.00 12.97  ? 75   VAL B O   1 
ATOM   1306 C  CB  . VAL B 1 75 ? -5.969  -15.241 3.535   1.00 13.42  ? 75   VAL B CB  1 
ATOM   1307 C  CG1 . VAL B 1 75 ? -5.079  -14.822 4.682   1.00 15.05  ? 75   VAL B CG1 1 
ATOM   1308 C  CG2 . VAL B 1 75 ? -7.294  -14.479 3.565   1.00 14.19  ? 75   VAL B CG2 1 
ATOM   1309 N  N   . LEU B 1 76 ? -2.834  -14.930 2.136   1.00 10.23  ? 76   LEU B N   1 
ATOM   1310 C  CA  . LEU B 1 76 ? -1.460  -15.410 2.245   1.00 9.54   ? 76   LEU B CA  1 
ATOM   1311 C  C   . LEU B 1 76 ? -0.995  -15.247 3.695   1.00 13.01  ? 76   LEU B C   1 
ATOM   1312 O  O   . LEU B 1 76 ? -1.309  -14.246 4.345   1.00 14.13  ? 76   LEU B O   1 
ATOM   1313 C  CB  . LEU B 1 76 ? -0.546  -14.666 1.265   1.00 9.15   ? 76   LEU B CB  1 
ATOM   1314 C  CG  . LEU B 1 76 ? -1.067  -14.567 -0.176  1.00 8.46   ? 76   LEU B CG  1 
ATOM   1315 C  CD1 . LEU B 1 76 ? -0.145  -13.790 -1.091  1.00 12.72  ? 76   LEU B CD1 1 
ATOM   1316 C  CD2 . LEU B 1 76 ? -1.296  -15.954 -0.743  1.00 16.04  ? 76   LEU B CD2 1 
ATOM   1317 N  N   . VAL B 1 77 ? -0.257  -16.218 4.192   1.00 8.82   ? 77   VAL B N   1 
ATOM   1318 C  CA  . VAL B 1 77 ? 0.262   -16.256 5.545   1.00 11.64  ? 77   VAL B CA  1 
ATOM   1319 C  C   . VAL B 1 77 ? 1.785   -16.391 5.516   1.00 13.18  ? 77   VAL B C   1 
ATOM   1320 O  O   . VAL B 1 77 ? 2.344   -17.288 4.875   1.00 14.98  ? 77   VAL B O   1 
ATOM   1321 C  CB  . VAL B 1 77 ? -0.382  -17.418 6.347   1.00 16.47  ? 77   VAL B CB  1 
ATOM   1322 C  CG1 . VAL B 1 77 ? 0.279   -17.595 7.701   1.00 22.83  ? 77   VAL B CG1 1 
ATOM   1323 C  CG2 . VAL B 1 77 ? -1.877  -17.185 6.550   1.00 13.65  ? 77   VAL B CG2 1 
ATOM   1324 N  N   . GLY B 1 78 ? 2.475   -15.495 6.208   1.00 11.45  ? 78   GLY B N   1 
ATOM   1325 C  CA  . GLY B 1 78 ? 3.933   -15.556 6.185   1.00 12.43  ? 78   GLY B CA  1 
ATOM   1326 C  C   . GLY B 1 78 ? 4.541   -14.325 6.837   1.00 11.85  ? 78   GLY B C   1 
ATOM   1327 O  O   . GLY B 1 78 ? 3.847   -13.530 7.479   1.00 13.72  ? 78   GLY B O   1 
ATOM   1328 N  N   . PRO B 1 79 ? 5.853   -14.181 6.713   1.00 11.16  ? 79   PRO B N   1 
ATOM   1329 C  CA  . PRO B 1 79 ? 6.580   -13.142 7.440   1.00 14.94  ? 79   PRO B CA  1 
ATOM   1330 C  C   . PRO B 1 79 ? 6.430   -11.748 6.855   1.00 15.32  ? 79   PRO B C   1 
ATOM   1331 O  O   . PRO B 1 79 ? 7.292   -11.162 6.210   1.00 19.56  ? 79   PRO B O   1 
ATOM   1332 C  CB  . PRO B 1 79 ? 8.040   -13.606 7.322   1.00 16.39  ? 79   PRO B CB  1 
ATOM   1333 C  CG  . PRO B 1 79 ? 8.076   -14.371 6.033   1.00 17.48  ? 79   PRO B CG  1 
ATOM   1334 C  CD  . PRO B 1 79 ? 6.742   -15.043 5.913   1.00 12.94  ? 79   PRO B CD  1 
ATOM   1335 N  N   . THR B 1 80 ? 5.262   -11.190 7.107   1.00 16.10  ? 80   THR B N   1 
ATOM   1336 C  CA  . THR B 1 80 ? 4.946   -9.845  6.623   1.00 12.84  ? 80   THR B CA  1 
ATOM   1337 C  C   . THR B 1 80 ? 5.269   -8.846  7.715   1.00 14.83  ? 80   THR B C   1 
ATOM   1338 O  O   . THR B 1 80 ? 5.151   -9.060  8.923   1.00 16.28  ? 80   THR B O   1 
ATOM   1339 C  CB  . THR B 1 80 ? 3.494   -9.760  6.147   1.00 17.38  ? 80   THR B CB  1 
ATOM   1340 O  OG1 . THR B 1 80 ? 3.210   -8.398  5.758   1.00 19.29  ? 80   THR B OG1 1 
ATOM   1341 C  CG2 . THR B 1 80 ? 2.520   -10.106 7.247   1.00 11.84  ? 80   THR B CG2 1 
ATOM   1342 N  N   . PRO B 1 81 ? 5.743   -7.658  7.334   1.00 16.23  ? 81   PRO B N   1 
ATOM   1343 C  CA  . PRO B 1 81 ? 6.055   -6.651  8.350   1.00 17.91  ? 81   PRO B CA  1 
ATOM   1344 C  C   . PRO B 1 81 ? 4.819   -6.193  9.109   1.00 18.65  ? 81   PRO B C   1 
ATOM   1345 O  O   . PRO B 1 81 ? 4.899   -5.748  10.263  1.00 19.43  ? 81   PRO B O   1 
ATOM   1346 C  CB  . PRO B 1 81 ? 6.671   -5.513  7.524   1.00 25.33  ? 81   PRO B CB  1 
ATOM   1347 C  CG  . PRO B 1 81 ? 6.206   -5.736  6.124   1.00 22.93  ? 81   PRO B CG  1 
ATOM   1348 C  CD  . PRO B 1 81 ? 6.029   -7.216  5.967   1.00 23.78  ? 81   PRO B CD  1 
ATOM   1349 N  N   . VAL B 1 82 ? 3.644   -6.307  8.482   1.00 16.69  ? 82   VAL B N   1 
ATOM   1350 C  CA  . VAL B 1 82 ? 2.372   -6.048  9.135   1.00 14.13  ? 82   VAL B CA  1 
ATOM   1351 C  C   . VAL B 1 82 ? 1.242   -6.762  8.382   1.00 12.46  ? 82   VAL B C   1 
ATOM   1352 O  O   . VAL B 1 82 ? 1.386   -6.927  7.168   1.00 12.57  ? 82   VAL B O   1 
ATOM   1353 C  CB  . VAL B 1 82 ? 2.052   -4.547  9.210   1.00 20.73  ? 82   VAL B CB  1 
ATOM   1354 C  CG1 . VAL B 1 82 ? 1.921   -3.923  7.833   1.00 18.59  ? 82   VAL B CG1 1 
ATOM   1355 C  CG2 . VAL B 1 82 ? 0.770   -4.286  9.987   1.00 18.72  ? 82   VAL B CG2 1 
ATOM   1356 N  N   . ASN B 1 83 ? 0.199   -7.153  9.118   1.00 11.88  ? 83   ASN B N   1 
ATOM   1357 C  CA  . ASN B 1 83 ? -1.002  -7.699  8.496   1.00 10.39  ? 83   ASN B CA  1 
ATOM   1358 C  C   . ASN B 1 83 ? -1.488  -6.707  7.437   1.00 9.40   ? 83   ASN B C   1 
ATOM   1359 O  O   . ASN B 1 83 ? -1.651  -5.528  7.768   1.00 13.25  ? 83   ASN B O   1 
ATOM   1360 C  CB  . ASN B 1 83 ? -2.103  -7.971  9.499   1.00 8.99   ? 83   ASN B CB  1 
ATOM   1361 C  CG  . ASN B 1 83 ? -1.869  -9.113  10.455  1.00 12.69  ? 83   ASN B CG  1 
ATOM   1362 O  OD1 . ASN B 1 83 ? -1.195  -10.081 10.109  1.00 13.88  ? 83   ASN B OD1 1 
ATOM   1363 N  ND2 . ASN B 1 83 ? -2.422  -9.015  11.648  1.00 11.21  ? 83   ASN B ND2 1 
ATOM   1364 N  N   . ILE B 1 84 ? -1.708  -7.153  6.210   1.00 8.43   ? 84   ILE B N   1 
ATOM   1365 C  CA  . ILE B 1 84 ? -2.091  -6.257  5.115   1.00 9.83   ? 84   ILE B CA  1 
ATOM   1366 C  C   . ILE B 1 84 ? -3.333  -6.780  4.401   1.00 11.71  ? 84   ILE B C   1 
ATOM   1367 O  O   . ILE B 1 84 ? -3.329  -7.947  3.997   1.00 10.71  ? 84   ILE B O   1 
ATOM   1368 C  CB  . ILE B 1 84 ? -0.920  -6.100  4.123   1.00 12.50  ? 84   ILE B CB  1 
ATOM   1369 C  CG1 . ILE B 1 84 ? 0.141   -5.102  4.619   1.00 14.91  ? 84   ILE B CG1 1 
ATOM   1370 C  CG2 . ILE B 1 84 ? -1.329  -5.692  2.718   1.00 11.87  ? 84   ILE B CG2 1 
ATOM   1371 C  CD1 . ILE B 1 84 ? 1.483   -5.387  3.951   1.00 23.86  ? 84   ILE B CD1 1 
ATOM   1372 N  N   . ILE B 1 85 ? -4.356  -5.946  4.250   1.00 9.15   ? 85   ILE B N   1 
ATOM   1373 C  CA  . ILE B 1 85 ? -5.497  -6.230  3.394   1.00 8.05   ? 85   ILE B CA  1 
ATOM   1374 C  C   . ILE B 1 85 ? -5.219  -5.584  2.038   1.00 8.05   ? 85   ILE B C   1 
ATOM   1375 O  O   . ILE B 1 85 ? -5.112  -4.355  1.942   1.00 10.02  ? 85   ILE B O   1 
ATOM   1376 C  CB  . ILE B 1 85 ? -6.825  -5.716  3.990   1.00 8.86   ? 85   ILE B CB  1 
ATOM   1377 C  CG1 . ILE B 1 85 ? -7.079  -6.197  5.419   1.00 11.77  ? 85   ILE B CG1 1 
ATOM   1378 C  CG2 . ILE B 1 85 ? -7.999  -6.037  3.068   1.00 10.72  ? 85   ILE B CG2 1 
ATOM   1379 C  CD1 . ILE B 1 85 ? -6.900  -7.690  5.649   1.00 14.43  ? 85   ILE B CD1 1 
ATOM   1380 N  N   . GLY B 1 86 ? -5.040  -6.377  0.991   1.00 9.62   ? 86   GLY B N   1 
ATOM   1381 C  CA  . GLY B 1 86 ? -4.722  -5.818  -0.317  1.00 6.82   ? 86   GLY B CA  1 
ATOM   1382 C  C   . GLY B 1 86 ? -5.929  -5.809  -1.239  1.00 12.33  ? 86   GLY B C   1 
ATOM   1383 O  O   . GLY B 1 86 ? -7.059  -6.062  -0.809  1.00 12.07  ? 86   GLY B O   1 
ATOM   1384 N  N   . ARG B 1 87 ? -5.719  -5.517  -2.521  1.00 10.65  ? 87   ARG B N   1 
ATOM   1385 C  CA  . ARG B 1 87 ? -6.844  -5.189  -3.396  1.00 9.94   ? 87   ARG B CA  1 
ATOM   1386 C  C   . ARG B 1 87 ? -7.755  -6.379  -3.654  1.00 10.26  ? 87   ARG B C   1 
ATOM   1387 O  O   . ARG B 1 87 ? -8.928  -6.148  -3.955  1.00 12.73  ? 87   ARG B O   1 
ATOM   1388 C  CB  . ARG B 1 87 ? -6.330  -4.645  -4.738  1.00 12.82  ? 87   ARG B CB  1 
ATOM   1389 C  CG  . ARG B 1 87 ? -5.644  -3.305  -4.626  1.00 9.29   ? 87   ARG B CG  1 
ATOM   1390 C  CD  . ARG B 1 87 ? -5.368  -2.618  -5.966  1.00 10.27  ? 87   ARG B CD  1 
ATOM   1391 N  NE  . ARG B 1 87 ? -4.391  -3.465  -6.689  1.00 10.41  ? 87   ARG B NE  1 
ATOM   1392 C  CZ  . ARG B 1 87 ? -4.729  -4.345  -7.628  1.00 13.80  ? 87   ARG B CZ  1 
ATOM   1393 N  NH1 . ARG B 1 87 ? -5.969  -4.581  -8.055  1.00 11.04  ? 87   ARG B NH1 1 
ATOM   1394 N  NH2 . ARG B 1 87 ? -3.758  -5.067  -8.202  1.00 15.95  ? 87   ARG B NH2 1 
ATOM   1395 N  N   . ASN B 1 88 ? -7.220  -7.594  -3.550  1.00 11.20  ? 88   ASN B N   1 
ATOM   1396 C  CA  . ASN B 1 88 ? -8.098  -8.736  -3.802  1.00 14.91  ? 88   ASN B CA  1 
ATOM   1397 C  C   . ASN B 1 88 ? -9.296  -8.697  -2.860  1.00 15.50  ? 88   ASN B C   1 
ATOM   1398 O  O   . ASN B 1 88 ? -10.395 -9.084  -3.255  1.00 13.50  ? 88   ASN B O   1 
ATOM   1399 C  CB  . ASN B 1 88 ? -7.361  -10.062 -3.690  1.00 13.80  ? 88   ASN B CB  1 
ATOM   1400 C  CG  . ASN B 1 88 ? -6.999  -10.453 -2.276  1.00 15.46  ? 88   ASN B CG  1 
ATOM   1401 O  OD1 . ASN B 1 88 ? -6.359  -9.693  -1.556  1.00 12.36  ? 88   ASN B OD1 1 
ATOM   1402 N  ND2 . ASN B 1 88 ? -7.387  -11.643 -1.860  1.00 15.85  ? 88   ASN B ND2 1 
ATOM   1403 N  N   . LEU B 1 89 ? -9.134  -8.248  -1.623  1.00 9.33   ? 89   LEU B N   1 
ATOM   1404 C  CA  . LEU B 1 89 ? -10.273 -8.172  -0.716  1.00 8.20   ? 89   LEU B CA  1 
ATOM   1405 C  C   . LEU B 1 89 ? -10.817 -6.754  -0.585  1.00 8.47   ? 89   LEU B C   1 
ATOM   1406 O  O   . LEU B 1 89 ? -11.988 -6.570  -0.270  1.00 10.94  ? 89   LEU B O   1 
ATOM   1407 C  CB  . LEU B 1 89 ? -9.897  -8.696  0.671   1.00 8.31   ? 89   LEU B CB  1 
ATOM   1408 C  CG  . LEU B 1 89 ? -9.364  -10.123 0.738   1.00 8.13   ? 89   LEU B CG  1 
ATOM   1409 C  CD1 . LEU B 1 89 ? -9.115  -10.511 2.196   1.00 17.60  ? 89   LEU B CD1 1 
ATOM   1410 C  CD2 . LEU B 1 89 ? -10.278 -11.113 0.042   1.00 10.29  ? 89   LEU B CD2 1 
ATOM   1411 N  N   . LEU B 1 90 ? -10.005 -5.714  -0.795  1.00 10.97  ? 90   LEU B N   1 
ATOM   1412 C  CA  . LEU B 1 90 ? -10.576 -4.365  -0.814  1.00 11.58  ? 90   LEU B CA  1 
ATOM   1413 C  C   . LEU B 1 90 ? -11.653 -4.240  -1.876  1.00 9.89   ? 90   LEU B C   1 
ATOM   1414 O  O   . LEU B 1 90 ? -12.681 -3.595  -1.683  1.00 10.83  ? 90   LEU B O   1 
ATOM   1415 C  CB  . LEU B 1 90 ? -9.474  -3.328  -1.028  1.00 11.02  ? 90   LEU B CB  1 
ATOM   1416 C  CG  . LEU B 1 90 ? -8.399  -3.229  0.059   1.00 11.20  ? 90   LEU B CG  1 
ATOM   1417 C  CD1 . LEU B 1 90 ? -7.295  -2.291  -0.389  1.00 12.67  ? 90   LEU B CD1 1 
ATOM   1418 C  CD2 . LEU B 1 90 ? -9.038  -2.766  1.360   1.00 13.93  ? 90   LEU B CD2 1 
ATOM   1419 N  N   . THR B 1 91 ? -11.418 -4.885  -3.029  1.00 14.84  ? 91   THR B N   1 
ATOM   1420 C  CA  . THR B 1 91 ? -12.433 -4.820  -4.089  1.00 10.46  ? 91   THR B CA  1 
ATOM   1421 C  C   . THR B 1 91 ? -13.728 -5.485  -3.604  1.00 12.07  ? 91   THR B C   1 
ATOM   1422 O  O   . THR B 1 91 ? -14.827 -4.998  -3.861  1.00 11.80  ? 91   THR B O   1 
ATOM   1423 C  CB  . THR B 1 91 ? -11.965 -5.444  -5.414  1.00 10.48  ? 91   THR B CB  1 
ATOM   1424 O  OG1 . THR B 1 91 ? -11.512 -6.782  -5.210  1.00 12.59  ? 91   THR B OG1 1 
ATOM   1425 C  CG2 . THR B 1 91 ? -10.789 -4.665  -6.000  1.00 17.67  ? 91   THR B CG2 1 
ATOM   1426 N  N   . GLN B 1 92 ? -13.594 -6.615  -2.902  1.00 12.91  ? 92   GLN B N   1 
ATOM   1427 C  CA  . GLN B 1 92 ? -14.755 -7.324  -2.392  1.00 11.32  ? 92   GLN B CA  1 
ATOM   1428 C  C   . GLN B 1 92 ? -15.617 -6.502  -1.467  1.00 12.28  ? 92   GLN B C   1 
ATOM   1429 O  O   . GLN B 1 92 ? -16.849 -6.638  -1.543  1.00 13.71  ? 92   GLN B O   1 
ATOM   1430 C  CB  . GLN B 1 92 ? -14.317 -8.616  -1.666  1.00 10.88  ? 92   GLN B CB  1 
ATOM   1431 C  CG  . GLN B 1 92 ? -13.911 -9.674  -2.693  1.00 13.18  ? 92   GLN B CG  1 
ATOM   1432 C  CD  . GLN B 1 92 ? -13.959 -11.067 -2.085  1.00 18.60  ? 92   GLN B CD  1 
ATOM   1433 O  OE1 . GLN B 1 92 ? -14.730 -11.337 -1.172  1.00 14.78  ? 92   GLN B OE1 1 
ATOM   1434 N  NE2 . GLN B 1 92 ? -13.140 -11.945 -2.630  1.00 17.41  ? 92   GLN B NE2 1 
ATOM   1435 N  N   . ILE B 1 93 ? -15.050 -5.669  -0.611  1.00 12.87  ? 93   ILE B N   1 
ATOM   1436 C  CA  . ILE B 1 93 ? -15.864 -4.881  0.310   1.00 11.31  ? 93   ILE B CA  1 
ATOM   1437 C  C   . ILE B 1 93 ? -16.293 -3.550  -0.283  1.00 11.05  ? 93   ILE B C   1 
ATOM   1438 O  O   . ILE B 1 93 ? -16.986 -2.763  0.382   1.00 15.98  ? 93   ILE B O   1 
ATOM   1439 C  CB  . ILE B 1 93 ? -15.134 -4.675  1.656   1.00 10.12  ? 93   ILE B CB  1 
ATOM   1440 C  CG1 . ILE B 1 93 ? -13.893 -3.796  1.556   1.00 12.35  ? 93   ILE B CG1 1 
ATOM   1441 C  CG2 . ILE B 1 93 ? -14.817 -6.016  2.300   1.00 16.91  ? 93   ILE B CG2 1 
ATOM   1442 C  CD1 . ILE B 1 93 ? -13.112 -3.651  2.851   1.00 15.21  ? 93   ILE B CD1 1 
ATOM   1443 N  N   . GLY B 1 94 ? -15.914 -3.278  -1.533  1.00 13.37  ? 94   GLY B N   1 
ATOM   1444 C  CA  . GLY B 1 94 ? -16.348 -2.100  -2.245  1.00 11.86  ? 94   GLY B CA  1 
ATOM   1445 C  C   . GLY B 1 94 ? -15.531 -0.850  -2.048  1.00 14.04  ? 94   GLY B C   1 
ATOM   1446 O  O   . GLY B 1 94 ? -16.015 0.277   -2.221  1.00 13.52  ? 94   GLY B O   1 
ATOM   1447 N  N   . CYS B 1 95 ? -14.260 -1.011  -1.691  1.00 13.24  ? 95   CYS B N   1 
ATOM   1448 C  CA  . CYS B 1 95 ? -13.368 0.112   -1.420  1.00 15.10  ? 95   CYS B CA  1 
ATOM   1449 C  C   . CYS B 1 95 ? -12.865 0.821   -2.673  1.00 16.09  ? 95   CYS B C   1 
ATOM   1450 O  O   . CYS B 1 95 ? -12.524 0.221   -3.698  1.00 12.78  ? 95   CYS B O   1 
ATOM   1451 C  CB  . CYS B 1 95 ? -12.181 -0.418  -0.609  1.00 13.09  ? 95   CYS B CB  1 
ATOM   1452 S  SG  . CYS B 1 95 ? -11.210 0.860   0.208   1.00 18.01  ? 95   CYS B SG  1 
ATOM   1453 N  N   . THR B 1 96 ? -12.825 2.154   -2.592  1.00 11.30  ? 96   THR B N   1 
ATOM   1454 C  CA  . THR B 1 96 ? -12.289 3.028   -3.613  1.00 9.32   ? 96   THR B CA  1 
ATOM   1455 C  C   . THR B 1 96 ? -11.470 4.119   -2.918  1.00 9.79   ? 96   THR B C   1 
ATOM   1456 O  O   . THR B 1 96 ? -11.658 4.295   -1.717  1.00 12.65  ? 96   THR B O   1 
ATOM   1457 C  CB  . THR B 1 96 ? -13.377 3.673   -4.484  1.00 16.16  ? 96   THR B CB  1 
ATOM   1458 O  OG1 . THR B 1 96 ? -14.277 4.411   -3.657  1.00 13.14  ? 96   THR B OG1 1 
ATOM   1459 C  CG2 . THR B 1 96 ? -14.226 2.614   -5.186  1.00 16.45  ? 96   THR B CG2 1 
ATOM   1460 N  N   . LEU B 1 97 ? -10.607 4.787   -3.666  1.00 10.21  ? 97   LEU B N   1 
ATOM   1461 C  CA  . LEU B 1 97 ? -9.939  5.986   -3.217  1.00 10.58  ? 97   LEU B CA  1 
ATOM   1462 C  C   . LEU B 1 97 ? -10.636 7.195   -3.825  1.00 15.22  ? 97   LEU B C   1 
ATOM   1463 O  O   . LEU B 1 97 ? -11.086 7.176   -4.977  1.00 14.21  ? 97   LEU B O   1 
ATOM   1464 C  CB  . LEU B 1 97 ? -8.482  6.015   -3.649  1.00 12.79  ? 97   LEU B CB  1 
ATOM   1465 C  CG  . LEU B 1 97 ? -7.525  5.079   -2.914  1.00 14.41  ? 97   LEU B CG  1 
ATOM   1466 C  CD1 . LEU B 1 97 ? -6.253  4.869   -3.729  1.00 21.71  ? 97   LEU B CD1 1 
ATOM   1467 C  CD2 . LEU B 1 97 ? -7.157  5.622   -1.542  1.00 14.67  ? 97   LEU B CD2 1 
ATOM   1468 N  N   . ASN B 1 98 ? -10.770 8.263   -3.061  1.00 12.19  ? 98   ASN B N   1 
ATOM   1469 C  CA  . ASN B 1 98 ? -11.526 9.432   -3.433  1.00 12.75  ? 98   ASN B CA  1 
ATOM   1470 C  C   . ASN B 1 98 ? -10.818 10.722  -3.049  1.00 15.86  ? 98   ASN B C   1 
ATOM   1471 O  O   . ASN B 1 98 ? -10.372 10.806  -1.902  1.00 15.18  ? 98   ASN B O   1 
ATOM   1472 C  CB  . ASN B 1 98 ? -12.874 9.350   -2.688  1.00 16.65  ? 98   ASN B CB  1 
ATOM   1473 C  CG  . ASN B 1 98 ? -13.699 8.181   -3.240  1.00 19.02  ? 98   ASN B CG  1 
ATOM   1474 O  OD1 . ASN B 1 98 ? -13.702 7.062   -2.721  1.00 17.18  ? 98   ASN B OD1 1 
ATOM   1475 N  ND2 . ASN B 1 98 ? -14.315 8.511   -4.354  1.00 13.47  ? 98   ASN B ND2 1 
ATOM   1476 N  N   . PHE B 1 99 ? -10.729 11.693  -3.951  1.00 12.12  ? 99   PHE B N   1 
ATOM   1477 C  CA  . PHE B 1 99 ? -10.294 13.036  -3.596  1.00 18.50  ? 99   PHE B CA  1 
ATOM   1478 C  C   . PHE B 1 99 ? -10.901 14.038  -4.578  1.00 15.94  ? 99   PHE B C   1 
ATOM   1479 O  O   . PHE B 1 99 ? -10.584 15.236  -4.483  1.00 21.92  ? 99   PHE B O   1 
ATOM   1480 C  CB  . PHE B 1 99 ? -8.781  13.192  -3.544  1.00 15.09  ? 99   PHE B CB  1 
ATOM   1481 C  CG  . PHE B 1 99 ? -7.979  12.766  -4.742  1.00 17.88  ? 99   PHE B CG  1 
ATOM   1482 C  CD1 . PHE B 1 99 ? -7.719  11.424  -4.972  1.00 26.72  ? 99   PHE B CD1 1 
ATOM   1483 C  CD2 . PHE B 1 99 ? -7.498  13.711  -5.624  1.00 18.11  ? 99   PHE B CD2 1 
ATOM   1484 C  CE1 . PHE B 1 99 ? -6.987  11.030  -6.078  1.00 29.21  ? 99   PHE B CE1 1 
ATOM   1485 C  CE2 . PHE B 1 99 ? -6.762  13.328  -6.727  1.00 22.47  ? 99   PHE B CE2 1 
ATOM   1486 C  CZ  . PHE B 1 99 ? -6.500  11.984  -6.946  1.00 26.85  ? 99   PHE B CZ  1 
ATOM   1487 O  OXT . PHE B 1 99 ? -11.688 13.571  -5.418  1.00 16.82  ? 99   PHE B OXT 1 
HETATM 1488 CL CL  . CL  C 2 .  ? 5.876   15.271  4.275   1.00 21.03  ? 2602 CL  A CL  1 
HETATM 1489 N  N1  . YDP D 3 .  ? 8.264   3.952   5.684   1.00 39.46  ? 2501 YDP A N1  1 
HETATM 1490 C  C5  . YDP D 3 .  ? 8.039   1.933   3.638   1.00 27.30  ? 2501 YDP A C5  1 
HETATM 1491 C  C6  . YDP D 3 .  ? 7.523   3.217   3.425   1.00 32.65  ? 2501 YDP A C6  1 
HETATM 1492 C  C8  . YDP D 3 .  ? 7.634   4.258   4.523   1.00 44.54  ? 2501 YDP A C8  1 
HETATM 1493 C  C10 . YDP D 3 .  ? 5.835   -1.863  -4.701  1.00 35.90  ? 2501 YDP A C10 1 
HETATM 1494 C  C20 . YDP D 3 .  ? 7.947   0.976   2.632   1.00 27.81  ? 2501 YDP A C20 1 
HETATM 1495 C  C24 . YDP D 3 .  ? 4.628   -0.732  0.535   1.00 19.75  ? 2501 YDP A C24 1 
HETATM 1496 C  C27 . YDP D 3 .  ? 7.335   1.276   1.413   1.00 23.26  ? 2501 YDP A C27 1 
HETATM 1497 C  C18 . YDP D 3 .  ? 6.798   2.546   1.203   1.00 24.89  ? 2501 YDP A C18 1 
HETATM 1498 C  C2  . YDP D 3 .  ? 6.873   3.508   2.227   1.00 33.56  ? 2501 YDP A C2  1 
HETATM 1499 S  S9  . YDP D 3 .  ? 7.246   0.023   0.183   1.00 33.15  ? 2501 YDP A S9  1 
HETATM 1500 O  O40 . YDP D 3 .  ? 8.042   0.553   -0.936  1.00 48.24  ? 2501 YDP A O40 1 
HETATM 1501 N  N32 . YDP D 3 .  ? 5.606   -0.042  -0.320  1.00 36.08  ? 2501 YDP A N32 1 
HETATM 1502 C  C33 . YDP D 3 .  ? 5.287   0.556   -1.635  1.00 38.38  ? 2501 YDP A C33 1 
HETATM 1503 C  C34 . YDP D 3 .  ? 5.859   -0.283  -2.774  1.00 37.35  ? 2501 YDP A C34 1 
HETATM 1504 C  C35 . YDP D 3 .  ? 5.152   -1.021  -3.647  1.00 43.34  ? 2501 YDP A C35 1 
HETATM 1505 C  C11 . YDP D 3 .  ? 3.644   -1.117  -3.669  1.00 68.89  ? 2501 YDP A C11 1 
HETATM 1506 C  C25 . YDP D 3 .  ? 3.285   -0.033  0.756   1.00 19.62  ? 2501 YDP A C25 1 
HETATM 1507 N  N22 . YDP D 3 .  ? 2.219   -0.737  0.035   1.00 21.23  ? 2501 YDP A N22 1 
HETATM 1508 O  O11 . YDP D 3 .  ? 7.651   -1.271  0.699   1.00 34.27  ? 2501 YDP A O11 1 
HETATM 1509 O  O2  . YDP D 3 .  ? 7.179   5.360   4.284   1.00 43.57  ? 2501 YDP A O2  1 
HETATM 1510 N  N2  . YDP D 3 .  ? 1.756   -9.070  -3.382  1.00 28.53  ? 2501 YDP A N2  1 
HETATM 1511 C  C3  . YDP D 3 .  ? 3.661   -7.057  -2.331  1.00 30.80  ? 2501 YDP A C3  1 
HETATM 1512 O  O3  . YDP D 3 .  ? 0.215   -7.995  -2.144  1.00 25.84  ? 2501 YDP A O3  1 
HETATM 1513 C  C7  . YDP D 3 .  ? 2.101   -6.677  -0.524  1.00 22.46  ? 2501 YDP A C7  1 
HETATM 1514 C  C4  . YDP D 3 .  ? 2.400   -7.272  -1.745  1.00 27.16  ? 2501 YDP A C4  1 
HETATM 1515 C  C9  . YDP D 3 .  ? 1.382   -8.158  -2.447  1.00 31.76  ? 2501 YDP A C9  1 
HETATM 1516 S  S10 . YDP D 3 .  ? 5.458   -4.465  0.171   1.00 28.74  ? 2501 YDP A S10 1 
HETATM 1517 C  C12 . YDP D 3 .  ? 3.102   -1.740  4.563   1.00 28.27  ? 2501 YDP A C12 1 
HETATM 1518 C  C13 . YDP D 3 .  ? 5.465   -1.820  5.489   1.00 27.53  ? 2501 YDP A C13 1 
HETATM 1519 O  O12 . YDP D 3 .  ? 6.112   -5.215  1.230   1.00 46.49  ? 2501 YDP A O12 1 
HETATM 1520 C  C19 . YDP D 3 .  ? 4.558   -6.158  -1.751  1.00 28.08  ? 2501 YDP A C19 1 
HETATM 1521 C  C21 . YDP D 3 .  ? 3.005   -5.785  0.074   1.00 27.41  ? 2501 YDP A C21 1 
HETATM 1522 C  C23 . YDP D 3 .  ? 4.245   -2.117  -0.063  1.00 25.21  ? 2501 YDP A C23 1 
HETATM 1523 C  C26 . YDP D 3 .  ? 2.748   -2.031  -0.450  1.00 22.75  ? 2501 YDP A C26 1 
HETATM 1524 C  C28 . YDP D 3 .  ? 4.233   -5.546  -0.534  1.00 29.82  ? 2501 YDP A C28 1 
HETATM 1525 N  N36 . YDP D 3 .  ? 4.488   -3.263  0.836   1.00 36.06  ? 2501 YDP A N36 1 
HETATM 1526 C  C37 . YDP D 3 .  ? 3.965   -3.391  2.202   1.00 38.45  ? 2501 YDP A C37 1 
HETATM 1527 C  C38 . YDP D 3 .  ? 4.903   -2.969  3.325   1.00 32.79  ? 2501 YDP A C38 1 
HETATM 1528 C  C39 . YDP D 3 .  ? 4.525   -2.226  4.383   1.00 29.29  ? 2501 YDP A C39 1 
HETATM 1529 O  O41 . YDP D 3 .  ? 6.205   -3.939  -0.959  1.00 28.82  ? 2501 YDP A O41 1 
HETATM 1530 CL CL  . CL  E 2 .  ? -9.134  -13.546 -3.778  1.00 17.32  ? 2601 CL  B CL  1 
HETATM 1531 O  O   . HOH F 4 .  ? -6.726  11.751  4.305   1.00 14.66  ? 3001 HOH A O   1 
HETATM 1532 O  O   . HOH F 4 .  ? 21.577  9.618   -8.898  1.00 19.96  ? 3004 HOH A O   1 
HETATM 1533 O  O   . HOH F 4 .  ? 6.241   6.768   -15.471 1.00 15.95  ? 3005 HOH A O   1 
HETATM 1534 O  O   . HOH F 4 .  ? -11.177 -0.148  -14.292 1.00 15.98  ? 3007 HOH A O   1 
HETATM 1535 O  O   . HOH F 4 .  ? 21.936  20.369  -7.030  1.00 18.45  ? 3008 HOH A O   1 
HETATM 1536 O  O   . HOH F 4 .  ? -6.945  14.468  4.005   1.00 14.60  ? 3010 HOH A O   1 
HETATM 1537 O  O   . HOH F 4 .  ? 9.837   20.646  -6.011  1.00 21.23  ? 3012 HOH A O   1 
HETATM 1538 O  O   . HOH F 4 .  ? 16.195  5.056   8.061   1.00 14.57  ? 3013 HOH A O   1 
HETATM 1539 O  O   . HOH F 4 .  ? -3.571  22.202  -5.941  1.00 14.88  ? 3014 HOH A O   1 
HETATM 1540 O  O   . HOH F 4 .  ? -13.784 5.017   -10.868 1.00 27.09  ? 3015 HOH A O   1 
HETATM 1541 O  O   . HOH F 4 .  ? 0.193   3.501   5.895   1.00 14.56  ? 3018 HOH A O   1 
HETATM 1542 O  O   . HOH F 4 .  ? -3.276  -3.977  -12.253 1.00 13.52  ? 3019 HOH A O   1 
HETATM 1543 O  O   . HOH F 4 .  ? 7.290   19.641  -8.976  1.00 24.16  ? 3020 HOH A O   1 
HETATM 1544 O  O   . HOH F 4 .  ? 9.222   17.769  3.555   1.00 18.59  ? 3023 HOH A O   1 
HETATM 1545 O  O   . HOH F 4 .  ? 13.960  3.295   -10.035 1.00 20.58  ? 3025 HOH A O   1 
HETATM 1546 O  O   . HOH F 4 .  ? -14.487 0.785   -8.637  1.00 20.78  ? 3032 HOH A O   1 
HETATM 1547 O  O   . HOH F 4 .  ? -17.878 6.939   2.367   1.00 22.38  ? 3039 HOH A O   1 
HETATM 1548 O  O   . HOH F 4 .  ? 11.252  20.267  -16.077 1.00 18.26  ? 3041 HOH A O   1 
HETATM 1549 O  O   . HOH F 4 .  ? -12.038 12.243  0.190   1.00 26.51  ? 3042 HOH A O   1 
HETATM 1550 O  O   . HOH F 4 .  ? -7.816  -5.574  -15.134 1.00 21.30  ? 3045 HOH A O   1 
HETATM 1551 O  O   . HOH F 4 .  ? 10.233  1.618   6.823   1.00 23.88  ? 3046 HOH A O   1 
HETATM 1552 O  O   . HOH F 4 .  ? 16.428  -6.319  5.482   1.00 26.00  ? 3048 HOH A O   1 
HETATM 1553 O  O   . HOH F 4 .  ? 0.053   7.730   -16.249 1.00 21.71  ? 3050 HOH A O   1 
HETATM 1554 O  O   . HOH F 4 .  ? 5.529   4.273   -11.811 1.00 21.72  ? 3052 HOH A O   1 
HETATM 1555 O  O   . HOH F 4 .  ? 4.977   2.407   5.204   1.00 21.21  ? 3056 HOH A O   1 
HETATM 1556 O  O   . HOH F 4 .  ? 14.597  19.455  -1.000  1.00 40.13  ? 3058 HOH A O   1 
HETATM 1557 O  O   . HOH F 4 .  ? 19.072  9.944   -11.758 1.00 23.65  ? 3060 HOH A O   1 
HETATM 1558 O  O   . HOH F 4 .  ? -11.101 15.648  -0.697  1.00 25.46  ? 3062 HOH A O   1 
HETATM 1559 O  O   . HOH F 4 .  ? 14.252  6.182   9.681   1.00 43.08  ? 3063 HOH A O   1 
HETATM 1560 O  O   . HOH F 4 .  ? 16.030  17.508  0.858   1.00 47.34  ? 3064 HOH A O   1 
HETATM 1561 O  O   . HOH F 4 .  ? 22.713  10.356  -6.671  1.00 26.22  ? 3065 HOH A O   1 
HETATM 1562 O  O   . HOH F 4 .  ? 20.679  15.620  -5.145  1.00 33.01  ? 3070 HOH A O   1 
HETATM 1563 O  O   . HOH F 4 .  ? -7.173  1.752   -10.706 1.00 19.48  ? 3075 HOH A O   1 
HETATM 1564 O  O   . HOH F 4 .  ? 20.036  10.104  7.915   1.00 28.40  ? 3076 HOH A O   1 
HETATM 1565 O  O   . HOH F 4 .  ? -10.055 4.747   -11.390 1.00 36.38  ? 3077 HOH A O   1 
HETATM 1566 O  O   . HOH F 4 .  ? 19.549  -0.615  -0.860  1.00 28.77  ? 3078 HOH A O   1 
HETATM 1567 O  O   . HOH F 4 .  ? 20.440  21.752  -0.449  1.00 26.22  ? 3080 HOH A O   1 
HETATM 1568 O  O   . HOH F 4 .  ? -14.707 3.569   -8.924  1.00 30.64  ? 3082 HOH A O   1 
HETATM 1569 O  O   . HOH F 4 .  ? 11.103  16.522  -13.010 1.00 27.13  ? 3089 HOH A O   1 
HETATM 1570 O  O   . HOH F 4 .  ? -15.678 6.477   -11.680 1.00 30.92  ? 3091 HOH A O   1 
HETATM 1571 O  O   . HOH F 4 .  ? -5.169  18.229  3.986   1.00 29.39  ? 3093 HOH A O   1 
HETATM 1572 O  O   . HOH F 4 .  ? 11.840  21.865  -4.200  1.00 36.21  ? 3094 HOH A O   1 
HETATM 1573 O  O   . HOH F 4 .  ? 10.796  20.141  5.697   1.00 31.06  ? 3096 HOH A O   1 
HETATM 1574 O  O   . HOH F 4 .  ? 2.915   21.332  -10.144 1.00 42.37  ? 3097 HOH A O   1 
HETATM 1575 O  O   . HOH F 4 .  ? 17.151  -5.394  0.216   1.00 32.29  ? 3099 HOH A O   1 
HETATM 1576 O  O   . HOH F 4 .  ? -3.917  0.591   -13.486 1.00 32.21  ? 3102 HOH A O   1 
HETATM 1577 O  O   . HOH F 4 .  ? 12.757  18.223  -14.882 1.00 28.94  ? 3103 HOH A O   1 
HETATM 1578 O  O   . HOH F 4 .  ? 6.336   14.598  -19.291 1.00 26.10  ? 3108 HOH A O   1 
HETATM 1579 O  O   . HOH F 4 .  ? 2.798   -1.090  -11.096 1.00 24.20  ? 3109 HOH A O   1 
HETATM 1580 O  O   . HOH F 4 .  ? 13.288  3.019   9.166   1.00 41.65  ? 3111 HOH A O   1 
HETATM 1581 O  O   . HOH F 4 .  ? -4.508  10.253  -13.836 1.00 25.69  ? 3112 HOH A O   1 
HETATM 1582 O  O   . HOH F 4 .  ? 13.649  17.133  -16.716 1.00 37.88  ? 3113 HOH A O   1 
HETATM 1583 O  O   . HOH F 4 .  ? 2.847   15.849  5.207   1.00 39.36  ? 3114 HOH A O   1 
HETATM 1584 O  O   . HOH F 4 .  ? -0.073  1.517   -16.380 1.00 37.64  ? 3116 HOH A O   1 
HETATM 1585 O  O   . HOH F 4 .  ? -20.823 1.106   3.356   1.00 31.42  ? 3117 HOH A O   1 
HETATM 1586 O  O   . HOH F 4 .  ? 14.268  -8.240  6.515   1.00 34.07  ? 3118 HOH A O   1 
HETATM 1587 O  O   . HOH F 4 .  ? 21.661  12.139  -10.158 1.00 28.96  ? 3119 HOH A O   1 
HETATM 1588 O  O   . HOH F 4 .  ? -17.961 5.260   -12.001 1.00 35.65  ? 3120 HOH A O   1 
HETATM 1589 O  O   . HOH G 4 .  ? -3.265  -8.246  15.539  1.00 14.00  ? 3002 HOH B O   1 
HETATM 1590 O  O   . HOH G 4 .  ? -0.656  -30.200 1.656   1.00 13.63  ? 3003 HOH B O   1 
HETATM 1591 O  O   . HOH G 4 .  ? -9.678  -12.913 19.236  1.00 18.71  ? 3006 HOH B O   1 
HETATM 1592 O  O   . HOH G 4 .  ? -4.069  -16.864 15.367  1.00 16.16  ? 3009 HOH B O   1 
HETATM 1593 O  O   . HOH G 4 .  ? -6.577  9.510   9.872   1.00 19.22  ? 3011 HOH B O   1 
HETATM 1594 O  O   . HOH G 4 .  ? -1.979  -2.271  -5.958  1.00 14.41  ? 3016 HOH B O   1 
HETATM 1595 O  O   . HOH G 4 .  ? -12.792 -0.904  -6.236  1.00 17.80  ? 3017 HOH B O   1 
HETATM 1596 O  O   . HOH G 4 .  ? -9.420  -23.209 1.185   1.00 14.94  ? 3021 HOH B O   1 
HETATM 1597 O  O   . HOH G 4 .  ? -12.311 -17.423 8.720   1.00 17.51  ? 3022 HOH B O   1 
HETATM 1598 O  O   . HOH G 4 .  ? -8.149  -28.089 8.107   1.00 23.94  ? 3024 HOH B O   1 
HETATM 1599 O  O   . HOH G 4 .  ? -6.341  6.079   8.824   1.00 16.24  ? 3026 HOH B O   1 
HETATM 1600 O  O   . HOH G 4 .  ? -4.211  -12.822 -0.972  1.00 15.65  ? 3027 HOH B O   1 
HETATM 1601 O  O   . HOH G 4 .  ? -15.303 10.547  -5.409  1.00 22.37  ? 3028 HOH B O   1 
HETATM 1602 O  O   . HOH G 4 .  ? -2.302  -13.563 11.327  1.00 19.56  ? 3029 HOH B O   1 
HETATM 1603 O  O   . HOH G 4 .  ? -7.202  -23.390 -0.059  1.00 19.52  ? 3030 HOH B O   1 
HETATM 1604 O  O   . HOH G 4 .  ? -2.478  -24.080 8.877   1.00 36.86  ? 3031 HOH B O   1 
HETATM 1605 O  O   . HOH G 4 .  ? -11.178 -11.441 -4.851  1.00 20.52  ? 3033 HOH B O   1 
HETATM 1606 O  O   . HOH G 4 .  ? -0.186  5.943   12.306  1.00 20.40  ? 3034 HOH B O   1 
HETATM 1607 O  O   . HOH G 4 .  ? -9.620  16.736  -2.678  1.00 19.37  ? 3035 HOH B O   1 
HETATM 1608 O  O   . HOH G 4 .  ? 1.486   -5.773  -4.646  1.00 23.66  ? 3036 HOH B O   1 
HETATM 1609 O  O   . HOH G 4 .  ? -5.193  -8.593  -6.662  1.00 25.27  ? 3037 HOH B O   1 
HETATM 1610 O  O   . HOH G 4 .  ? 4.581   -14.016 10.865  1.00 12.97  ? 3038 HOH B O   1 
HETATM 1611 O  O   . HOH G 4 .  ? -14.394 -16.341 11.366  1.00 31.01  ? 3040 HOH B O   1 
HETATM 1612 O  O   . HOH G 4 .  ? 0.784   -7.211  12.021  1.00 19.68  ? 3043 HOH B O   1 
HETATM 1613 O  O   . HOH G 4 .  ? 4.300   -9.771  -5.298  1.00 24.68  ? 3044 HOH B O   1 
HETATM 1614 O  O   . HOH G 4 .  ? -3.731  4.036   13.009  1.00 30.55  ? 3047 HOH B O   1 
HETATM 1615 O  O   . HOH G 4 .  ? -1.740  -10.444 14.145  1.00 24.14  ? 3049 HOH B O   1 
HETATM 1616 O  O   . HOH G 4 .  ? -9.972  -17.493 -3.199  1.00 19.78  ? 3051 HOH B O   1 
HETATM 1617 O  O   . HOH G 4 .  ? -11.449 -22.688 2.183   1.00 22.28  ? 3053 HOH B O   1 
HETATM 1618 O  O   . HOH G 4 .  ? -8.925  12.457  10.457  1.00 25.61  ? 3054 HOH B O   1 
HETATM 1619 O  O   . HOH G 4 .  ? -16.373 3.065   -2.754  1.00 20.63  ? 3055 HOH B O   1 
HETATM 1620 O  O   . HOH G 4 .  ? -10.553 8.161   9.442   1.00 18.75  ? 3057 HOH B O   1 
HETATM 1621 O  O   . HOH G 4 .  ? 6.296   -16.118 9.581   1.00 20.64  ? 3059 HOH B O   1 
HETATM 1622 O  O   . HOH G 4 .  ? -10.505 -23.676 -1.265  1.00 26.77  ? 3061 HOH B O   1 
HETATM 1623 O  O   . HOH G 4 .  ? -7.391  5.181   11.282  1.00 31.45  ? 3066 HOH B O   1 
HETATM 1624 O  O   . HOH G 4 .  ? -15.923 11.726  0.121   1.00 40.00  ? 3067 HOH B O   1 
HETATM 1625 O  O   . HOH G 4 .  ? -4.901  -26.339 6.952   1.00 31.05  ? 3068 HOH B O   1 
HETATM 1626 O  O   . HOH G 4 .  ? -6.860  3.004   12.800  1.00 30.13  ? 3069 HOH B O   1 
HETATM 1627 O  O   . HOH G 4 .  ? -18.909 -1.147  0.322   1.00 27.79  ? 3071 HOH B O   1 
HETATM 1628 O  O   . HOH G 4 .  ? 1.248   -8.484  15.627  1.00 28.17  ? 3072 HOH B O   1 
HETATM 1629 O  O   . HOH G 4 .  ? -9.027  3.052   10.406  1.00 36.85  ? 3073 HOH B O   1 
HETATM 1630 O  O   . HOH G 4 .  ? -4.458  -12.840 -3.697  1.00 26.35  ? 3074 HOH B O   1 
HETATM 1631 O  O   . HOH G 4 .  ? 1.806   -14.620 14.608  1.00 33.16  ? 3079 HOH B O   1 
HETATM 1632 O  O   . HOH G 4 .  ? -1.137  -5.900  13.070  1.00 27.30  ? 3081 HOH B O   1 
HETATM 1633 O  O   . HOH G 4 .  ? -3.055  -28.546 1.758   1.00 28.70  ? 3083 HOH B O   1 
HETATM 1634 O  O   . HOH G 4 .  ? -14.198 13.068  -1.549  1.00 26.71  ? 3084 HOH B O   1 
HETATM 1635 O  O   . HOH G 4 .  ? -14.014 6.348   9.630   1.00 30.60  ? 3085 HOH B O   1 
HETATM 1636 O  O   . HOH G 4 .  ? -2.030  -28.496 -0.673  1.00 25.21  ? 3086 HOH B O   1 
HETATM 1637 O  O   . HOH G 4 .  ? -20.902 -7.884  4.639   1.00 27.19  ? 3087 HOH B O   1 
HETATM 1638 O  O   . HOH G 4 .  ? -10.389 -19.505 -5.091  1.00 34.66  ? 3088 HOH B O   1 
HETATM 1639 O  O   . HOH G 4 .  ? -14.818 -14.072 9.841   1.00 30.71  ? 3090 HOH B O   1 
HETATM 1640 O  O   . HOH G 4 .  ? -9.638  -25.742 1.298   1.00 27.46  ? 3092 HOH B O   1 
HETATM 1641 O  O   . HOH G 4 .  ? -17.582 1.221   -4.663  1.00 29.15  ? 3095 HOH B O   1 
HETATM 1642 O  O   . HOH G 4 .  ? -1.577  -13.217 14.265  1.00 34.18  ? 3098 HOH B O   1 
HETATM 1643 O  O   . HOH G 4 .  ? -18.887 0.679   -1.587  1.00 32.94  ? 3100 HOH B O   1 
HETATM 1644 O  O   . HOH G 4 .  ? -3.569  -19.553 -7.539  1.00 40.24  ? 3101 HOH B O   1 
HETATM 1645 O  O   . HOH G 4 .  ? -18.701 -7.536  1.006   1.00 32.03  ? 3104 HOH B O   1 
HETATM 1646 O  O   . HOH G 4 .  ? 11.236  -16.592 2.661   1.00 23.16  ? 3105 HOH B O   1 
HETATM 1647 O  O   . HOH G 4 .  ? 11.575  -4.593  -0.132  1.00 29.52  ? 3106 HOH B O   1 
HETATM 1648 O  O   . HOH G 4 .  ? -10.919 -18.814 16.607  1.00 28.36  ? 3107 HOH B O   1 
HETATM 1649 O  O   . HOH G 4 .  ? -0.646  -28.109 7.545   1.00 27.17  ? 3110 HOH B O   1 
HETATM 1650 O  O   . HOH G 4 .  ? -2.438  -15.161 -4.973  1.00 31.27  ? 3115 HOH B O   1 
HETATM 1651 O  O   . HOH G 4 .  ? 5.644   -0.839  9.359   1.00 42.45  ? 3121 HOH B O   1 
HETATM 1652 O  O   . HOH G 4 .  ? -20.072 2.667   6.623   1.00 37.03  ? 3122 HOH B O   1 
HETATM 1653 O  O   . HOH G 4 .  ? 0.612   -3.024  -6.343  1.00 20.86  ? 3123 HOH B O   1 
HETATM 1654 O  O   . HOH G 4 .  ? 2.264   1.944   6.844   1.00 20.40  ? 3124 HOH B O   1 
# 
loop_
_pdbx_poly_seq_scheme.asym_id 
_pdbx_poly_seq_scheme.entity_id 
_pdbx_poly_seq_scheme.seq_id 
_pdbx_poly_seq_scheme.mon_id 
_pdbx_poly_seq_scheme.ndb_seq_num 
_pdbx_poly_seq_scheme.pdb_seq_num 
_pdbx_poly_seq_scheme.auth_seq_num 
_pdbx_poly_seq_scheme.pdb_mon_id 
_pdbx_poly_seq_scheme.auth_mon_id 
_pdbx_poly_seq_scheme.pdb_strand_id 
_pdbx_poly_seq_scheme.pdb_ins_code 
_pdbx_poly_seq_scheme.hetero 
A 1 1  PRO 1  1  1  PRO PRO A . n 
A 1 2  GLN 2  2  2  GLN GLN A . n 
A 1 3  ILE 3  3  3  ILE ILE A . n 
A 1 4  THR 4  4  4  THR THR A . n 
A 1 5  LEU 5  5  5  LEU LEU A . n 
A 1 6  TRP 6  6  6  TRP TRP A . n 
A 1 7  GLN 7  7  7  GLN GLN A . n 
A 1 8  ARG 8  8  8  ARG ARG A . n 
A 1 9  PRO 9  9  9  PRO PRO A . n 
A 1 10 LEU 10 10 10 LEU LEU A . n 
A 1 11 VAL 11 11 11 VAL VAL A . n 
A 1 12 THR 12 12 12 THR THR A . n 
A 1 13 ILE 13 13 13 ILE ILE A . n 
A 1 14 LYS 14 14 14 LYS ALA A . n 
A 1 15 ILE 15 15 15 ILE ILE A . n 
A 1 16 GLY 16 16 16 GLY GLY A . n 
A 1 17 GLY 17 17 17 GLY GLY A . n 
A 1 18 GLN 18 18 18 GLN GLN A . n 
A 1 19 LEU 19 19 19 LEU LEU A . n 
A 1 20 LYS 20 20 20 LYS LYS A . n 
A 1 21 GLU 21 21 21 GLU GLU A . n 
A 1 22 ALA 22 22 22 ALA ALA A . n 
A 1 23 LEU 23 23 23 LEU LEU A . n 
A 1 24 LEU 24 24 24 LEU LEU A . n 
A 1 25 ASP 25 25 25 ASP ASP A . n 
A 1 26 THR 26 26 26 THR THR A . n 
A 1 27 GLY 27 27 27 GLY GLY A . n 
A 1 28 ALA 28 28 28 ALA ALA A . n 
A 1 29 ASP 29 29 29 ASP ASP A . n 
A 1 30 ASP 30 30 30 ASP ASP A . n 
A 1 31 THR 31 31 31 THR THR A . n 
A 1 32 VAL 32 32 32 VAL VAL A . n 
A 1 33 LEU 33 33 33 LEU LEU A . n 
A 1 34 GLU 34 34 34 GLU GLU A . n 
A 1 35 GLU 35 35 35 GLU GLU A . n 
A 1 36 MET 36 36 36 MET MET A . n 
A 1 37 SER 37 37 37 SER SER A . n 
A 1 38 LEU 38 38 38 LEU LEU A . n 
A 1 39 PRO 39 39 39 PRO PRO A . n 
A 1 40 GLY 40 40 40 GLY GLY A . n 
A 1 41 ARG 41 41 41 ARG ARG A . n 
A 1 42 TRP 42 42 42 TRP TRP A . n 
A 1 43 LYS 43 43 43 LYS LYS A . n 
A 1 44 PRO 44 44 44 PRO PRO A . n 
A 1 45 LYS 45 45 45 LYS LYS A . n 
A 1 46 MET 46 46 46 MET MET A . n 
A 1 47 ILE 47 47 47 ILE ILE A . n 
A 1 48 GLY 48 48 48 GLY GLY A . n 
A 1 49 GLY 49 49 49 GLY GLY A . n 
A 1 50 ILE 50 50 50 ILE ILE A . n 
A 1 51 GLY 51 51 51 GLY GLY A . n 
A 1 52 GLY 52 52 52 GLY GLY A . n 
A 1 53 PHE 53 53 53 PHE PHE A . n 
A 1 54 ILE 54 54 54 ILE ILE A . n 
A 1 55 LYS 55 55 55 LYS LYS A . n 
A 1 56 VAL 56 56 56 VAL VAL A . n 
A 1 57 ARG 57 57 57 ARG ARG A . n 
A 1 58 GLN 58 58 58 GLN GLN A . n 
A 1 59 TYR 59 59 59 TYR TYR A . n 
A 1 60 ASP 60 60 60 ASP ASP A . n 
A 1 61 GLN 61 61 61 GLN GLN A . n 
A 1 62 ILE 62 62 62 ILE ILE A . n 
A 1 63 LEU 63 63 63 LEU LEU A . n 
A 1 64 ILE 64 64 64 ILE ILE A . n 
A 1 65 GLU 65 65 65 GLU GLU A . n 
A 1 66 ILE 66 66 66 ILE ILE A . n 
A 1 67 CYS 67 67 67 CYS CYS A . n 
A 1 68 GLY 68 68 68 GLY GLY A . n 
A 1 69 HIS 69 69 69 HIS HIS A . n 
A 1 70 LYS 70 70 70 LYS LYS A . n 
A 1 71 ALA 71 71 71 ALA ALA A . n 
A 1 72 ILE 72 72 72 ILE ILE A . n 
A 1 73 GLY 73 73 73 GLY GLY A . n 
A 1 74 THR 74 74 74 THR THR A . n 
A 1 75 VAL 75 75 75 VAL VAL A . n 
A 1 76 LEU 76 76 76 LEU LEU A . n 
A 1 77 VAL 77 77 77 VAL VAL A . n 
A 1 78 GLY 78 78 78 GLY GLY A . n 
A 1 79 PRO 79 79 79 PRO PRO A . n 
A 1 80 THR 80 80 80 THR THR A . n 
A 1 81 PRO 81 81 81 PRO PRO A . n 
A 1 82 VAL 82 82 82 VAL VAL A . n 
A 1 83 ASN 83 83 83 ASN ASN A . n 
A 1 84 ILE 84 84 84 ILE ILE A . n 
A 1 85 ILE 85 85 85 ILE ILE A . n 
A 1 86 GLY 86 86 86 GLY GLY A . n 
A 1 87 ARG 87 87 87 ARG ARG A . n 
A 1 88 ASN 88 88 88 ASN ASN A . n 
A 1 89 LEU 89 89 89 LEU LEU A . n 
A 1 90 LEU 90 90 90 LEU LEU A . n 
A 1 91 THR 91 91 91 THR THR A . n 
A 1 92 GLN 92 92 92 GLN GLN A . n 
A 1 93 ILE 93 93 93 ILE ILE A . n 
A 1 94 GLY 94 94 94 GLY GLY A . n 
A 1 95 CYS 95 95 95 CYS CYS A . n 
A 1 96 THR 96 96 96 THR THR A . n 
A 1 97 LEU 97 97 97 LEU LEU A . n 
A 1 98 ASN 98 98 98 ASN ASN A . n 
A 1 99 PHE 99 99 99 PHE PHE A . n 
B 1 1  PRO 1  1  1  PRO PRO B . n 
B 1 2  GLN 2  2  2  GLN GLN B . n 
B 1 3  ILE 3  3  3  ILE ILE B . n 
B 1 4  THR 4  4  4  THR THR B . n 
B 1 5  LEU 5  5  5  LEU LEU B . n 
B 1 6  TRP 6  6  6  TRP TRP B . n 
B 1 7  GLN 7  7  7  GLN ALA B . n 
B 1 8  ARG 8  8  8  ARG ARG B . n 
B 1 9  PRO 9  9  9  PRO PRO B . n 
B 1 10 LEU 10 10 10 LEU LEU B . n 
B 1 11 VAL 11 11 11 VAL VAL B . n 
B 1 12 THR 12 12 12 THR THR B . n 
B 1 13 ILE 13 13 13 ILE ILE B . n 
B 1 14 LYS 14 14 14 LYS LYS B . n 
B 1 15 ILE 15 15 15 ILE ILE B . n 
B 1 16 GLY 16 16 16 GLY GLY B . n 
B 1 17 GLY 17 17 17 GLY GLY B . n 
B 1 18 GLN 18 18 18 GLN GLN B . n 
B 1 19 LEU 19 19 19 LEU LEU B . n 
B 1 20 LYS 20 20 20 LYS LYS B . n 
B 1 21 GLU 21 21 21 GLU GLU B . n 
B 1 22 ALA 22 22 22 ALA ALA B . n 
B 1 23 LEU 23 23 23 LEU LEU B . n 
B 1 24 LEU 24 24 24 LEU LEU B . n 
B 1 25 ASP 25 25 25 ASP ASP B . n 
B 1 26 THR 26 26 26 THR THR B . n 
B 1 27 GLY 27 27 27 GLY GLY B . n 
B 1 28 ALA 28 28 28 ALA ALA B . n 
B 1 29 ASP 29 29 29 ASP ASP B . n 
B 1 30 ASP 30 30 30 ASP ASP B . n 
B 1 31 THR 31 31 31 THR THR B . n 
B 1 32 VAL 32 32 32 VAL VAL B . n 
B 1 33 LEU 33 33 33 LEU LEU B . n 
B 1 34 GLU 34 34 34 GLU GLU B . n 
B 1 35 GLU 35 35 35 GLU GLU B . n 
B 1 36 MET 36 36 36 MET MET B . n 
B 1 37 SER 37 37 37 SER SER B . n 
B 1 38 LEU 38 38 38 LEU LEU B . n 
B 1 39 PRO 39 39 39 PRO PRO B . n 
B 1 40 GLY 40 40 40 GLY GLY B . n 
B 1 41 ARG 41 41 41 ARG ALA B . n 
B 1 42 TRP 42 42 42 TRP TRP B . n 
B 1 43 LYS 43 43 43 LYS ALA B . n 
B 1 44 PRO 44 44 44 PRO PRO B . n 
B 1 45 LYS 45 45 45 LYS LYS B . n 
B 1 46 MET 46 46 46 MET MET B . n 
B 1 47 ILE 47 47 47 ILE ILE B . n 
B 1 48 GLY 48 48 48 GLY GLY B . n 
B 1 49 GLY 49 49 49 GLY GLY B . n 
B 1 50 ILE 50 50 50 ILE ILE B . n 
B 1 51 GLY 51 51 51 GLY GLY B . n 
B 1 52 GLY 52 52 52 GLY GLY B . n 
B 1 53 PHE 53 53 53 PHE PHE B . n 
B 1 54 ILE 54 54 54 ILE ILE B . n 
B 1 55 LYS 55 55 55 LYS ALA B . n 
B 1 56 VAL 56 56 56 VAL VAL B . n 
B 1 57 ARG 57 57 57 ARG ARG B . n 
B 1 58 GLN 58 58 58 GLN GLN B . n 
B 1 59 TYR 59 59 59 TYR TYR B . n 
B 1 60 ASP 60 60 60 ASP ASP B . n 
B 1 61 GLN 61 61 61 GLN GLN B . n 
B 1 62 ILE 62 62 62 ILE ILE B . n 
B 1 63 LEU 63 63 63 LEU ALA B . n 
B 1 64 ILE 64 64 64 ILE ILE B . n 
B 1 65 GLU 65 65 65 GLU ALA B . n 
B 1 66 ILE 66 66 66 ILE ILE B . n 
B 1 67 CYS 67 67 67 CYS CYS B . n 
B 1 68 GLY 68 68 68 GLY GLY B . n 
B 1 69 HIS 69 69 69 HIS HIS B . n 
B 1 70 LYS 70 70 70 LYS ALA B . n 
B 1 71 ALA 71 71 71 ALA ALA B . n 
B 1 72 ILE 72 72 72 ILE ILE B . n 
B 1 73 GLY 73 73 73 GLY GLY B . n 
B 1 74 THR 74 74 74 THR THR B . n 
B 1 75 VAL 75 75 75 VAL VAL B . n 
B 1 76 LEU 76 76 76 LEU LEU B . n 
B 1 77 VAL 77 77 77 VAL VAL B . n 
B 1 78 GLY 78 78 78 GLY GLY B . n 
B 1 79 PRO 79 79 79 PRO PRO B . n 
B 1 80 THR 80 80 80 THR THR B . n 
B 1 81 PRO 81 81 81 PRO PRO B . n 
B 1 82 VAL 82 82 82 VAL VAL B . n 
B 1 83 ASN 83 83 83 ASN ASN B . n 
B 1 84 ILE 84 84 84 ILE ILE B . n 
B 1 85 ILE 85 85 85 ILE ILE B . n 
B 1 86 GLY 86 86 86 GLY GLY B . n 
B 1 87 ARG 87 87 87 ARG ARG B . n 
B 1 88 ASN 88 88 88 ASN ASN B . n 
B 1 89 LEU 89 89 89 LEU LEU B . n 
B 1 90 LEU 90 90 90 LEU LEU B . n 
B 1 91 THR 91 91 91 THR THR B . n 
B 1 92 GLN 92 92 92 GLN GLN B . n 
B 1 93 ILE 93 93 93 ILE ILE B . n 
B 1 94 GLY 94 94 94 GLY GLY B . n 
B 1 95 CYS 95 95 95 CYS CYS B . n 
B 1 96 THR 96 96 96 THR THR B . n 
B 1 97 LEU 97 97 97 LEU LEU B . n 
B 1 98 ASN 98 98 98 ASN ASN B . n 
B 1 99 PHE 99 99 99 PHE PHE B . n 
# 
loop_
_pdbx_nonpoly_scheme.asym_id 
_pdbx_nonpoly_scheme.entity_id 
_pdbx_nonpoly_scheme.mon_id 
_pdbx_nonpoly_scheme.ndb_seq_num 
_pdbx_nonpoly_scheme.pdb_seq_num 
_pdbx_nonpoly_scheme.auth_seq_num 
_pdbx_nonpoly_scheme.pdb_mon_id 
_pdbx_nonpoly_scheme.auth_mon_id 
_pdbx_nonpoly_scheme.pdb_strand_id 
_pdbx_nonpoly_scheme.pdb_ins_code 
C 2 CL  1  2602 2602 CL  CL  A . 
D 3 YDP 1  2501 2501 YDP LIG A . 
E 2 CL  1  2601 2601 CL  CL  B . 
F 4 HOH 1  3001 3001 HOH HOH A . 
F 4 HOH 2  3004 3004 HOH HOH A . 
F 4 HOH 3  3005 3005 HOH HOH A . 
F 4 HOH 4  3007 3007 HOH HOH A . 
F 4 HOH 5  3008 3008 HOH HOH A . 
F 4 HOH 6  3010 3010 HOH HOH A . 
F 4 HOH 7  3012 3012 HOH HOH A . 
F 4 HOH 8  3013 3013 HOH HOH A . 
F 4 HOH 9  3014 3014 HOH HOH A . 
F 4 HOH 10 3015 3015 HOH HOH A . 
F 4 HOH 11 3018 3018 HOH HOH A . 
F 4 HOH 12 3019 3019 HOH HOH A . 
F 4 HOH 13 3020 3020 HOH HOH A . 
F 4 HOH 14 3023 3023 HOH HOH A . 
F 4 HOH 15 3025 3025 HOH HOH A . 
F 4 HOH 16 3032 3032 HOH HOH A . 
F 4 HOH 17 3039 3039 HOH HOH A . 
F 4 HOH 18 3041 3041 HOH HOH A . 
F 4 HOH 19 3042 3042 HOH HOH A . 
F 4 HOH 20 3045 3045 HOH HOH A . 
F 4 HOH 21 3046 3046 HOH HOH A . 
F 4 HOH 22 3048 3048 HOH HOH A . 
F 4 HOH 23 3050 3050 HOH HOH A . 
F 4 HOH 24 3052 3052 HOH HOH A . 
F 4 HOH 25 3056 3056 HOH HOH A . 
F 4 HOH 26 3058 3058 HOH HOH A . 
F 4 HOH 27 3060 3060 HOH HOH A . 
F 4 HOH 28 3062 3062 HOH HOH A . 
F 4 HOH 29 3063 3063 HOH HOH A . 
F 4 HOH 30 3064 3064 HOH HOH A . 
F 4 HOH 31 3065 3065 HOH HOH A . 
F 4 HOH 32 3070 3070 HOH HOH A . 
F 4 HOH 33 3075 3075 HOH HOH A . 
F 4 HOH 34 3076 3076 HOH HOH A . 
F 4 HOH 35 3077 3077 HOH HOH A . 
F 4 HOH 36 3078 3078 HOH HOH A . 
F 4 HOH 37 3080 3080 HOH HOH A . 
F 4 HOH 38 3082 3082 HOH HOH A . 
F 4 HOH 39 3089 3089 HOH HOH A . 
F 4 HOH 40 3091 3091 HOH HOH A . 
F 4 HOH 41 3093 3093 HOH HOH A . 
F 4 HOH 42 3094 3094 HOH HOH A . 
F 4 HOH 43 3096 3096 HOH HOH A . 
F 4 HOH 44 3097 3097 HOH HOH A . 
F 4 HOH 45 3099 3099 HOH HOH A . 
F 4 HOH 46 3102 3102 HOH HOH A . 
F 4 HOH 47 3103 3103 HOH HOH A . 
F 4 HOH 48 3108 3108 HOH HOH A . 
F 4 HOH 49 3109 3109 HOH HOH A . 
F 4 HOH 50 3111 3111 HOH HOH A . 
F 4 HOH 51 3112 3112 HOH HOH A . 
F 4 HOH 52 3113 3113 HOH HOH A . 
F 4 HOH 53 3114 3114 HOH HOH A . 
F 4 HOH 54 3116 3116 HOH HOH A . 
F 4 HOH 55 3117 3117 HOH HOH A . 
F 4 HOH 56 3118 3118 HOH HOH A . 
F 4 HOH 57 3119 3119 HOH HOH A . 
F 4 HOH 58 3120 3120 HOH HOH A . 
G 4 HOH 1  3002 3002 HOH HOH B . 
G 4 HOH 2  3003 3003 HOH HOH B . 
G 4 HOH 3  3006 3006 HOH HOH B . 
G 4 HOH 4  3009 3009 HOH HOH B . 
G 4 HOH 5  3011 3011 HOH HOH B . 
G 4 HOH 6  3016 3016 HOH HOH B . 
G 4 HOH 7  3017 3017 HOH HOH B . 
G 4 HOH 8  3021 3021 HOH HOH B . 
G 4 HOH 9  3022 3022 HOH HOH B . 
G 4 HOH 10 3024 3024 HOH HOH B . 
G 4 HOH 11 3026 3026 HOH HOH B . 
G 4 HOH 12 3027 3027 HOH HOH B . 
G 4 HOH 13 3028 3028 HOH HOH B . 
G 4 HOH 14 3029 3029 HOH HOH B . 
G 4 HOH 15 3030 3030 HOH HOH B . 
G 4 HOH 16 3031 3031 HOH HOH B . 
G 4 HOH 17 3033 3033 HOH HOH B . 
G 4 HOH 18 3034 3034 HOH HOH B . 
G 4 HOH 19 3035 3035 HOH HOH B . 
G 4 HOH 20 3036 3036 HOH HOH B . 
G 4 HOH 21 3037 3037 HOH HOH B . 
G 4 HOH 22 3038 3038 HOH HOH B . 
G 4 HOH 23 3040 3040 HOH HOH B . 
G 4 HOH 24 3043 3043 HOH HOH B . 
G 4 HOH 25 3044 3044 HOH HOH B . 
G 4 HOH 26 3047 3047 HOH HOH B . 
G 4 HOH 27 3049 3049 HOH HOH B . 
G 4 HOH 28 3051 3051 HOH HOH B . 
G 4 HOH 29 3053 3053 HOH HOH B . 
G 4 HOH 30 3054 3054 HOH HOH B . 
G 4 HOH 31 3055 3055 HOH HOH B . 
G 4 HOH 32 3057 3057 HOH HOH B . 
G 4 HOH 33 3059 3059 HOH HOH B . 
G 4 HOH 34 3061 3061 HOH HOH B . 
G 4 HOH 35 3066 3066 HOH HOH B . 
G 4 HOH 36 3067 3067 HOH HOH B . 
G 4 HOH 37 3068 3068 HOH HOH B . 
G 4 HOH 38 3069 3069 HOH HOH B . 
G 4 HOH 39 3071 3071 HOH HOH B . 
G 4 HOH 40 3072 3072 HOH HOH B . 
G 4 HOH 41 3073 3073 HOH HOH B . 
G 4 HOH 42 3074 3074 HOH HOH B . 
G 4 HOH 43 3079 3079 HOH HOH B . 
G 4 HOH 44 3081 3081 HOH HOH B . 
G 4 HOH 45 3083 3083 HOH HOH B . 
G 4 HOH 46 3084 3084 HOH HOH B . 
G 4 HOH 47 3085 3085 HOH HOH B . 
G 4 HOH 48 3086 3086 HOH HOH B . 
G 4 HOH 49 3087 3087 HOH HOH B . 
G 4 HOH 50 3088 3088 HOH HOH B . 
G 4 HOH 51 3090 3090 HOH HOH B . 
G 4 HOH 52 3092 3092 HOH HOH B . 
G 4 HOH 53 3095 3095 HOH HOH B . 
G 4 HOH 54 3098 3098 HOH HOH B . 
G 4 HOH 55 3100 3100 HOH HOH B . 
G 4 HOH 56 3101 3101 HOH HOH B . 
G 4 HOH 57 3104 3104 HOH HOH B . 
G 4 HOH 58 3105 3105 HOH HOH B . 
G 4 HOH 59 3106 3106 HOH HOH B . 
G 4 HOH 60 3107 3107 HOH HOH B . 
G 4 HOH 61 3110 3110 HOH HOH B . 
G 4 HOH 62 3115 3115 HOH HOH B . 
G 4 HOH 63 3121 3121 HOH HOH B . 
G 4 HOH 64 3122 3122 HOH HOH B . 
G 4 HOH 65 3123 3123 HOH HOH B . 
G 4 HOH 66 3124 3124 HOH HOH B . 
# 
_pdbx_struct_assembly.id                   1 
_pdbx_struct_assembly.details              author_and_software_defined_assembly 
_pdbx_struct_assembly.method_details       PISA 
_pdbx_struct_assembly.oligomeric_details   dimeric 
_pdbx_struct_assembly.oligomeric_count     2 
# 
_pdbx_struct_assembly_gen.assembly_id       1 
_pdbx_struct_assembly_gen.oper_expression   1 
_pdbx_struct_assembly_gen.asym_id_list      A,B,C,D,E,F,G 
# 
loop_
_pdbx_struct_assembly_prop.biol_id 
_pdbx_struct_assembly_prop.type 
_pdbx_struct_assembly_prop.value 
_pdbx_struct_assembly_prop.details 
1 'ABSA (A^2)' 4050  ? 
1 MORE         -43.7 ? 
1 'SSA (A^2)'  9300  ? 
# 
_pdbx_struct_oper_list.id                   1 
_pdbx_struct_oper_list.type                 'identity operation' 
_pdbx_struct_oper_list.name                 1_555 
_pdbx_struct_oper_list.symmetry_operation   x,y,z 
_pdbx_struct_oper_list.matrix[1][1]         1.0000000000 
_pdbx_struct_oper_list.matrix[1][2]         0.0000000000 
_pdbx_struct_oper_list.matrix[1][3]         0.0000000000 
_pdbx_struct_oper_list.vector[1]            0.0000000000 
_pdbx_struct_oper_list.matrix[2][1]         0.0000000000 
_pdbx_struct_oper_list.matrix[2][2]         1.0000000000 
_pdbx_struct_oper_list.matrix[2][3]         0.0000000000 
_pdbx_struct_oper_list.vector[2]            0.0000000000 
_pdbx_struct_oper_list.matrix[3][1]         0.0000000000 
_pdbx_struct_oper_list.matrix[3][2]         0.0000000000 
_pdbx_struct_oper_list.matrix[3][3]         1.0000000000 
_pdbx_struct_oper_list.vector[3]            0.0000000000 
# 
loop_
_pdbx_audit_revision_history.ordinal 
_pdbx_audit_revision_history.data_content_type 
_pdbx_audit_revision_history.major_revision 
_pdbx_audit_revision_history.minor_revision 
_pdbx_audit_revision_history.revision_date 
1 'Structure model' 1 0 2009-03-24 
2 'Structure model' 1 1 2011-07-13 
3 'Structure model' 1 2 2011-08-10 
4 'Structure model' 1 3 2023-11-01 
# 
_pdbx_audit_revision_details.ordinal             1 
_pdbx_audit_revision_details.revision_ordinal    1 
_pdbx_audit_revision_details.data_content_type   'Structure model' 
_pdbx_audit_revision_details.provider            repository 
_pdbx_audit_revision_details.type                'Initial release' 
_pdbx_audit_revision_details.description         ? 
_pdbx_audit_revision_details.details             ? 
# 
loop_
_pdbx_audit_revision_group.ordinal 
_pdbx_audit_revision_group.revision_ordinal 
_pdbx_audit_revision_group.data_content_type 
_pdbx_audit_revision_group.group 
1 2 'Structure model' 'Version format compliance' 
2 3 'Structure model' 'Database references'       
3 3 'Structure model' 'Structure summary'         
4 4 'Structure model' 'Data collection'           
5 4 'Structure model' 'Database references'       
6 4 'Structure model' 'Derived calculations'      
7 4 'Structure model' 'Refinement description'    
# 
loop_
_pdbx_audit_revision_category.ordinal 
_pdbx_audit_revision_category.revision_ordinal 
_pdbx_audit_revision_category.data_content_type 
_pdbx_audit_revision_category.category 
1 4 'Structure model' chem_comp_atom                
2 4 'Structure model' chem_comp_bond                
3 4 'Structure model' database_2                    
4 4 'Structure model' pdbx_initial_refinement_model 
5 4 'Structure model' struct_site                   
# 
loop_
_pdbx_audit_revision_item.ordinal 
_pdbx_audit_revision_item.revision_ordinal 
_pdbx_audit_revision_item.data_content_type 
_pdbx_audit_revision_item.item 
1 4 'Structure model' '_database_2.pdbx_DOI'                
2 4 'Structure model' '_database_2.pdbx_database_accession' 
3 4 'Structure model' '_struct_site.pdbx_auth_asym_id'      
4 4 'Structure model' '_struct_site.pdbx_auth_comp_id'      
5 4 'Structure model' '_struct_site.pdbx_auth_seq_id'       
# 
loop_
_software.name 
_software.classification 
_software.version 
_software.citation_id 
_software.pdbx_ordinal 
SHELX     'model building'  . ? 1 
SHELXL-97 refinement        . ? 2 
MAR345dtb 'data collection' . ? 3 
HKL-2000  'data reduction'  . ? 4 
HKL-2000  'data scaling'    . ? 5 
PHASER    phasing           . ? 6 
# 
loop_
_pdbx_validate_rmsd_angle.id 
_pdbx_validate_rmsd_angle.PDB_model_num 
_pdbx_validate_rmsd_angle.auth_atom_id_1 
_pdbx_validate_rmsd_angle.auth_asym_id_1 
_pdbx_validate_rmsd_angle.auth_comp_id_1 
_pdbx_validate_rmsd_angle.auth_seq_id_1 
_pdbx_validate_rmsd_angle.PDB_ins_code_1 
_pdbx_validate_rmsd_angle.label_alt_id_1 
_pdbx_validate_rmsd_angle.auth_atom_id_2 
_pdbx_validate_rmsd_angle.auth_asym_id_2 
_pdbx_validate_rmsd_angle.auth_comp_id_2 
_pdbx_validate_rmsd_angle.auth_seq_id_2 
_pdbx_validate_rmsd_angle.PDB_ins_code_2 
_pdbx_validate_rmsd_angle.label_alt_id_2 
_pdbx_validate_rmsd_angle.auth_atom_id_3 
_pdbx_validate_rmsd_angle.auth_asym_id_3 
_pdbx_validate_rmsd_angle.auth_comp_id_3 
_pdbx_validate_rmsd_angle.auth_seq_id_3 
_pdbx_validate_rmsd_angle.PDB_ins_code_3 
_pdbx_validate_rmsd_angle.label_alt_id_3 
_pdbx_validate_rmsd_angle.angle_value 
_pdbx_validate_rmsd_angle.angle_target_value 
_pdbx_validate_rmsd_angle.angle_deviation 
_pdbx_validate_rmsd_angle.angle_standard_deviation 
_pdbx_validate_rmsd_angle.linker_flag 
1 1 NE A ARG 87 ? ? CZ A ARG 87 ? ? NH1 A ARG 87 ? ? 124.41 120.30 4.11  0.50 N 
2 1 CD B ARG 57 ? ? NE B ARG 57 ? ? CZ  B ARG 57 ? ? 138.55 123.60 14.95 1.40 N 
3 1 NE B ARG 87 ? ? CZ B ARG 87 ? ? NH1 B ARG 87 ? ? 125.48 120.30 5.18  0.50 N 
# 
_pdbx_validate_torsion.id              1 
_pdbx_validate_torsion.PDB_model_num   1 
_pdbx_validate_torsion.auth_comp_id    PRO 
_pdbx_validate_torsion.auth_asym_id    A 
_pdbx_validate_torsion.auth_seq_id     79 
_pdbx_validate_torsion.PDB_ins_code    ? 
_pdbx_validate_torsion.label_alt_id    ? 
_pdbx_validate_torsion.phi             -75.01 
_pdbx_validate_torsion.psi             34.34 
# 
loop_
_pdbx_unobs_or_zero_occ_atoms.id 
_pdbx_unobs_or_zero_occ_atoms.PDB_model_num 
_pdbx_unobs_or_zero_occ_atoms.polymer_flag 
_pdbx_unobs_or_zero_occ_atoms.occupancy_flag 
_pdbx_unobs_or_zero_occ_atoms.auth_asym_id 
_pdbx_unobs_or_zero_occ_atoms.auth_comp_id 
_pdbx_unobs_or_zero_occ_atoms.auth_seq_id 
_pdbx_unobs_or_zero_occ_atoms.PDB_ins_code 
_pdbx_unobs_or_zero_occ_atoms.auth_atom_id 
_pdbx_unobs_or_zero_occ_atoms.label_alt_id 
_pdbx_unobs_or_zero_occ_atoms.label_asym_id 
_pdbx_unobs_or_zero_occ_atoms.label_comp_id 
_pdbx_unobs_or_zero_occ_atoms.label_seq_id 
_pdbx_unobs_or_zero_occ_atoms.label_atom_id 
1  1 Y 1 A LYS 14 ? CG  ? A LYS 14 CG  
2  1 Y 1 A LYS 14 ? CD  ? A LYS 14 CD  
3  1 Y 1 A LYS 14 ? CE  ? A LYS 14 CE  
4  1 Y 1 A LYS 14 ? NZ  ? A LYS 14 NZ  
5  1 Y 1 B GLN 7  ? CG  ? B GLN 7  CG  
6  1 Y 1 B GLN 7  ? CD  ? B GLN 7  CD  
7  1 Y 1 B GLN 7  ? OE1 ? B GLN 7  OE1 
8  1 Y 1 B GLN 7  ? NE2 ? B GLN 7  NE2 
9  1 Y 1 B ARG 41 ? CG  ? B ARG 41 CG  
10 1 Y 1 B ARG 41 ? CD  ? B ARG 41 CD  
11 1 Y 1 B ARG 41 ? NE  ? B ARG 41 NE  
12 1 Y 1 B ARG 41 ? CZ  ? B ARG 41 CZ  
13 1 Y 1 B ARG 41 ? NH1 ? B ARG 41 NH1 
14 1 Y 1 B ARG 41 ? NH2 ? B ARG 41 NH2 
15 1 Y 1 B LYS 43 ? CG  ? B LYS 43 CG  
16 1 Y 1 B LYS 43 ? CD  ? B LYS 43 CD  
17 1 Y 1 B LYS 43 ? CE  ? B LYS 43 CE  
18 1 Y 1 B LYS 43 ? NZ  ? B LYS 43 NZ  
19 1 Y 1 B LYS 55 ? CG  ? B LYS 55 CG  
20 1 Y 1 B LYS 55 ? CD  ? B LYS 55 CD  
21 1 Y 1 B LYS 55 ? CE  ? B LYS 55 CE  
22 1 Y 1 B LYS 55 ? NZ  ? B LYS 55 NZ  
23 1 Y 1 B LEU 63 ? CG  ? B LEU 63 CG  
24 1 Y 1 B LEU 63 ? CD1 ? B LEU 63 CD1 
25 1 Y 1 B LEU 63 ? CD2 ? B LEU 63 CD2 
26 1 Y 1 B GLU 65 ? CG  ? B GLU 65 CG  
27 1 Y 1 B GLU 65 ? CD  ? B GLU 65 CD  
28 1 Y 1 B GLU 65 ? OE1 ? B GLU 65 OE1 
29 1 Y 1 B GLU 65 ? OE2 ? B GLU 65 OE2 
30 1 Y 1 B LYS 70 ? CG  ? B LYS 70 CG  
31 1 Y 1 B LYS 70 ? CD  ? B LYS 70 CD  
32 1 Y 1 B LYS 70 ? CE  ? B LYS 70 CE  
33 1 Y 1 B LYS 70 ? NZ  ? B LYS 70 NZ  
# 
loop_
_chem_comp_atom.comp_id 
_chem_comp_atom.atom_id 
_chem_comp_atom.type_symbol 
_chem_comp_atom.pdbx_aromatic_flag 
_chem_comp_atom.pdbx_stereo_config 
_chem_comp_atom.pdbx_ordinal 
ALA N    N  N N 1   
ALA CA   C  N S 2   
ALA C    C  N N 3   
ALA O    O  N N 4   
ALA CB   C  N N 5   
ALA OXT  O  N N 6   
ALA H    H  N N 7   
ALA H2   H  N N 8   
ALA HA   H  N N 9   
ALA HB1  H  N N 10  
ALA HB2  H  N N 11  
ALA HB3  H  N N 12  
ALA HXT  H  N N 13  
ARG N    N  N N 14  
ARG CA   C  N S 15  
ARG C    C  N N 16  
ARG O    O  N N 17  
ARG CB   C  N N 18  
ARG CG   C  N N 19  
ARG CD   C  N N 20  
ARG NE   N  N N 21  
ARG CZ   C  N N 22  
ARG NH1  N  N N 23  
ARG NH2  N  N N 24  
ARG OXT  O  N N 25  
ARG H    H  N N 26  
ARG H2   H  N N 27  
ARG HA   H  N N 28  
ARG HB2  H  N N 29  
ARG HB3  H  N N 30  
ARG HG2  H  N N 31  
ARG HG3  H  N N 32  
ARG HD2  H  N N 33  
ARG HD3  H  N N 34  
ARG HE   H  N N 35  
ARG HH11 H  N N 36  
ARG HH12 H  N N 37  
ARG HH21 H  N N 38  
ARG HH22 H  N N 39  
ARG HXT  H  N N 40  
ASN N    N  N N 41  
ASN CA   C  N S 42  
ASN C    C  N N 43  
ASN O    O  N N 44  
ASN CB   C  N N 45  
ASN CG   C  N N 46  
ASN OD1  O  N N 47  
ASN ND2  N  N N 48  
ASN OXT  O  N N 49  
ASN H    H  N N 50  
ASN H2   H  N N 51  
ASN HA   H  N N 52  
ASN HB2  H  N N 53  
ASN HB3  H  N N 54  
ASN HD21 H  N N 55  
ASN HD22 H  N N 56  
ASN HXT  H  N N 57  
ASP N    N  N N 58  
ASP CA   C  N S 59  
ASP C    C  N N 60  
ASP O    O  N N 61  
ASP CB   C  N N 62  
ASP CG   C  N N 63  
ASP OD1  O  N N 64  
ASP OD2  O  N N 65  
ASP OXT  O  N N 66  
ASP H    H  N N 67  
ASP H2   H  N N 68  
ASP HA   H  N N 69  
ASP HB2  H  N N 70  
ASP HB3  H  N N 71  
ASP HD2  H  N N 72  
ASP HXT  H  N N 73  
CL  CL   CL N N 74  
CYS N    N  N N 75  
CYS CA   C  N R 76  
CYS C    C  N N 77  
CYS O    O  N N 78  
CYS CB   C  N N 79  
CYS SG   S  N N 80  
CYS OXT  O  N N 81  
CYS H    H  N N 82  
CYS H2   H  N N 83  
CYS HA   H  N N 84  
CYS HB2  H  N N 85  
CYS HB3  H  N N 86  
CYS HG   H  N N 87  
CYS HXT  H  N N 88  
GLN N    N  N N 89  
GLN CA   C  N S 90  
GLN C    C  N N 91  
GLN O    O  N N 92  
GLN CB   C  N N 93  
GLN CG   C  N N 94  
GLN CD   C  N N 95  
GLN OE1  O  N N 96  
GLN NE2  N  N N 97  
GLN OXT  O  N N 98  
GLN H    H  N N 99  
GLN H2   H  N N 100 
GLN HA   H  N N 101 
GLN HB2  H  N N 102 
GLN HB3  H  N N 103 
GLN HG2  H  N N 104 
GLN HG3  H  N N 105 
GLN HE21 H  N N 106 
GLN HE22 H  N N 107 
GLN HXT  H  N N 108 
GLU N    N  N N 109 
GLU CA   C  N S 110 
GLU C    C  N N 111 
GLU O    O  N N 112 
GLU CB   C  N N 113 
GLU CG   C  N N 114 
GLU CD   C  N N 115 
GLU OE1  O  N N 116 
GLU OE2  O  N N 117 
GLU OXT  O  N N 118 
GLU H    H  N N 119 
GLU H2   H  N N 120 
GLU HA   H  N N 121 
GLU HB2  H  N N 122 
GLU HB3  H  N N 123 
GLU HG2  H  N N 124 
GLU HG3  H  N N 125 
GLU HE2  H  N N 126 
GLU HXT  H  N N 127 
GLY N    N  N N 128 
GLY CA   C  N N 129 
GLY C    C  N N 130 
GLY O    O  N N 131 
GLY OXT  O  N N 132 
GLY H    H  N N 133 
GLY H2   H  N N 134 
GLY HA2  H  N N 135 
GLY HA3  H  N N 136 
GLY HXT  H  N N 137 
HIS N    N  N N 138 
HIS CA   C  N S 139 
HIS C    C  N N 140 
HIS O    O  N N 141 
HIS CB   C  N N 142 
HIS CG   C  Y N 143 
HIS ND1  N  Y N 144 
HIS CD2  C  Y N 145 
HIS CE1  C  Y N 146 
HIS NE2  N  Y N 147 
HIS OXT  O  N N 148 
HIS H    H  N N 149 
HIS H2   H  N N 150 
HIS HA   H  N N 151 
HIS HB2  H  N N 152 
HIS HB3  H  N N 153 
HIS HD1  H  N N 154 
HIS HD2  H  N N 155 
HIS HE1  H  N N 156 
HIS HE2  H  N N 157 
HIS HXT  H  N N 158 
HOH O    O  N N 159 
HOH H1   H  N N 160 
HOH H2   H  N N 161 
ILE N    N  N N 162 
ILE CA   C  N S 163 
ILE C    C  N N 164 
ILE O    O  N N 165 
ILE CB   C  N S 166 
ILE CG1  C  N N 167 
ILE CG2  C  N N 168 
ILE CD1  C  N N 169 
ILE OXT  O  N N 170 
ILE H    H  N N 171 
ILE H2   H  N N 172 
ILE HA   H  N N 173 
ILE HB   H  N N 174 
ILE HG12 H  N N 175 
ILE HG13 H  N N 176 
ILE HG21 H  N N 177 
ILE HG22 H  N N 178 
ILE HG23 H  N N 179 
ILE HD11 H  N N 180 
ILE HD12 H  N N 181 
ILE HD13 H  N N 182 
ILE HXT  H  N N 183 
LEU N    N  N N 184 
LEU CA   C  N S 185 
LEU C    C  N N 186 
LEU O    O  N N 187 
LEU CB   C  N N 188 
LEU CG   C  N N 189 
LEU CD1  C  N N 190 
LEU CD2  C  N N 191 
LEU OXT  O  N N 192 
LEU H    H  N N 193 
LEU H2   H  N N 194 
LEU HA   H  N N 195 
LEU HB2  H  N N 196 
LEU HB3  H  N N 197 
LEU HG   H  N N 198 
LEU HD11 H  N N 199 
LEU HD12 H  N N 200 
LEU HD13 H  N N 201 
LEU HD21 H  N N 202 
LEU HD22 H  N N 203 
LEU HD23 H  N N 204 
LEU HXT  H  N N 205 
LYS N    N  N N 206 
LYS CA   C  N S 207 
LYS C    C  N N 208 
LYS O    O  N N 209 
LYS CB   C  N N 210 
LYS CG   C  N N 211 
LYS CD   C  N N 212 
LYS CE   C  N N 213 
LYS NZ   N  N N 214 
LYS OXT  O  N N 215 
LYS H    H  N N 216 
LYS H2   H  N N 217 
LYS HA   H  N N 218 
LYS HB2  H  N N 219 
LYS HB3  H  N N 220 
LYS HG2  H  N N 221 
LYS HG3  H  N N 222 
LYS HD2  H  N N 223 
LYS HD3  H  N N 224 
LYS HE2  H  N N 225 
LYS HE3  H  N N 226 
LYS HZ1  H  N N 227 
LYS HZ2  H  N N 228 
LYS HZ3  H  N N 229 
LYS HXT  H  N N 230 
MET N    N  N N 231 
MET CA   C  N S 232 
MET C    C  N N 233 
MET O    O  N N 234 
MET CB   C  N N 235 
MET CG   C  N N 236 
MET SD   S  N N 237 
MET CE   C  N N 238 
MET OXT  O  N N 239 
MET H    H  N N 240 
MET H2   H  N N 241 
MET HA   H  N N 242 
MET HB2  H  N N 243 
MET HB3  H  N N 244 
MET HG2  H  N N 245 
MET HG3  H  N N 246 
MET HE1  H  N N 247 
MET HE2  H  N N 248 
MET HE3  H  N N 249 
MET HXT  H  N N 250 
PHE N    N  N N 251 
PHE CA   C  N S 252 
PHE C    C  N N 253 
PHE O    O  N N 254 
PHE CB   C  N N 255 
PHE CG   C  Y N 256 
PHE CD1  C  Y N 257 
PHE CD2  C  Y N 258 
PHE CE1  C  Y N 259 
PHE CE2  C  Y N 260 
PHE CZ   C  Y N 261 
PHE OXT  O  N N 262 
PHE H    H  N N 263 
PHE H2   H  N N 264 
PHE HA   H  N N 265 
PHE HB2  H  N N 266 
PHE HB3  H  N N 267 
PHE HD1  H  N N 268 
PHE HD2  H  N N 269 
PHE HE1  H  N N 270 
PHE HE2  H  N N 271 
PHE HZ   H  N N 272 
PHE HXT  H  N N 273 
PRO N    N  N N 274 
PRO CA   C  N S 275 
PRO C    C  N N 276 
PRO O    O  N N 277 
PRO CB   C  N N 278 
PRO CG   C  N N 279 
PRO CD   C  N N 280 
PRO OXT  O  N N 281 
PRO H    H  N N 282 
PRO HA   H  N N 283 
PRO HB2  H  N N 284 
PRO HB3  H  N N 285 
PRO HG2  H  N N 286 
PRO HG3  H  N N 287 
PRO HD2  H  N N 288 
PRO HD3  H  N N 289 
PRO HXT  H  N N 290 
SER N    N  N N 291 
SER CA   C  N S 292 
SER C    C  N N 293 
SER O    O  N N 294 
SER CB   C  N N 295 
SER OG   O  N N 296 
SER OXT  O  N N 297 
SER H    H  N N 298 
SER H2   H  N N 299 
SER HA   H  N N 300 
SER HB2  H  N N 301 
SER HB3  H  N N 302 
SER HG   H  N N 303 
SER HXT  H  N N 304 
THR N    N  N N 305 
THR CA   C  N S 306 
THR C    C  N N 307 
THR O    O  N N 308 
THR CB   C  N R 309 
THR OG1  O  N N 310 
THR CG2  C  N N 311 
THR OXT  O  N N 312 
THR H    H  N N 313 
THR H2   H  N N 314 
THR HA   H  N N 315 
THR HB   H  N N 316 
THR HG1  H  N N 317 
THR HG21 H  N N 318 
THR HG22 H  N N 319 
THR HG23 H  N N 320 
THR HXT  H  N N 321 
TRP N    N  N N 322 
TRP CA   C  N S 323 
TRP C    C  N N 324 
TRP O    O  N N 325 
TRP CB   C  N N 326 
TRP CG   C  Y N 327 
TRP CD1  C  Y N 328 
TRP CD2  C  Y N 329 
TRP NE1  N  Y N 330 
TRP CE2  C  Y N 331 
TRP CE3  C  Y N 332 
TRP CZ2  C  Y N 333 
TRP CZ3  C  Y N 334 
TRP CH2  C  Y N 335 
TRP OXT  O  N N 336 
TRP H    H  N N 337 
TRP H2   H  N N 338 
TRP HA   H  N N 339 
TRP HB2  H  N N 340 
TRP HB3  H  N N 341 
TRP HD1  H  N N 342 
TRP HE1  H  N N 343 
TRP HE3  H  N N 344 
TRP HZ2  H  N N 345 
TRP HZ3  H  N N 346 
TRP HH2  H  N N 347 
TRP HXT  H  N N 348 
TYR N    N  N N 349 
TYR CA   C  N S 350 
TYR C    C  N N 351 
TYR O    O  N N 352 
TYR CB   C  N N 353 
TYR CG   C  Y N 354 
TYR CD1  C  Y N 355 
TYR CD2  C  Y N 356 
TYR CE1  C  Y N 357 
TYR CE2  C  Y N 358 
TYR CZ   C  Y N 359 
TYR OH   O  N N 360 
TYR OXT  O  N N 361 
TYR H    H  N N 362 
TYR H2   H  N N 363 
TYR HA   H  N N 364 
TYR HB2  H  N N 365 
TYR HB3  H  N N 366 
TYR HD1  H  N N 367 
TYR HD2  H  N N 368 
TYR HE1  H  N N 369 
TYR HE2  H  N N 370 
TYR HH   H  N N 371 
TYR HXT  H  N N 372 
VAL N    N  N N 373 
VAL CA   C  N S 374 
VAL C    C  N N 375 
VAL O    O  N N 376 
VAL CB   C  N N 377 
VAL CG1  C  N N 378 
VAL CG2  C  N N 379 
VAL OXT  O  N N 380 
VAL H    H  N N 381 
VAL H2   H  N N 382 
VAL HA   H  N N 383 
VAL HB   H  N N 384 
VAL HG11 H  N N 385 
VAL HG12 H  N N 386 
VAL HG13 H  N N 387 
VAL HG21 H  N N 388 
VAL HG22 H  N N 389 
VAL HG23 H  N N 390 
VAL HXT  H  N N 391 
YDP N1   N  N N 392 
YDP C5   C  Y N 393 
YDP C6   C  Y N 394 
YDP C8   C  N N 395 
YDP C10  C  N N 396 
YDP C20  C  Y N 397 
YDP C24  C  N S 398 
YDP C27  C  Y N 399 
YDP C18  C  Y N 400 
YDP C2   C  Y N 401 
YDP S9   S  N N 402 
YDP O40  O  N N 403 
YDP N32  N  N N 404 
YDP C33  C  N N 405 
YDP C34  C  N N 406 
YDP C35  C  N N 407 
YDP C11  C  N N 408 
YDP C25  C  N N 409 
YDP N22  N  N N 410 
YDP O11  O  N N 411 
YDP O2   O  N N 412 
YDP N2   N  N N 413 
YDP C3   C  Y N 414 
YDP O3   O  N N 415 
YDP C7   C  Y N 416 
YDP C4   C  Y N 417 
YDP C9   C  N N 418 
YDP S10  S  N N 419 
YDP C12  C  N N 420 
YDP C13  C  N N 421 
YDP O12  O  N N 422 
YDP C19  C  Y N 423 
YDP C21  C  Y N 424 
YDP C23  C  N S 425 
YDP C26  C  N N 426 
YDP C28  C  Y N 427 
YDP N36  N  N N 428 
YDP C37  C  N N 429 
YDP C38  C  N N 430 
YDP C39  C  N N 431 
YDP O41  O  N N 432 
YDP HN1  H  N N 433 
YDP HN1A H  N N 434 
YDP H5   H  N N 435 
YDP H10  H  N N 436 
YDP H10A H  N N 437 
YDP H10B H  N N 438 
YDP H20  H  N N 439 
YDP H24  H  N N 440 
YDP H18  H  N N 441 
YDP H2   H  N N 442 
YDP H33  H  N N 443 
YDP H33A H  N N 444 
YDP H34  H  N N 445 
YDP H11  H  N N 446 
YDP H11A H  N N 447 
YDP H11B H  N N 448 
YDP H25  H  N N 449 
YDP H25A H  N N 450 
YDP HN22 H  N N 451 
YDP HN2  H  N N 452 
YDP HN2A H  N N 453 
YDP H3   H  N N 454 
YDP H7   H  N N 455 
YDP H12  H  N N 456 
YDP H12A H  N N 457 
YDP H12B H  N N 458 
YDP H13  H  N N 459 
YDP H13A H  N N 460 
YDP H13B H  N N 461 
YDP H19  H  N N 462 
YDP H21  H  N N 463 
YDP H23  H  N N 464 
YDP H26  H  N N 465 
YDP H26A H  N N 466 
YDP H37  H  N N 467 
YDP H37A H  N N 468 
YDP H38  H  N N 469 
# 
loop_
_chem_comp_bond.comp_id 
_chem_comp_bond.atom_id_1 
_chem_comp_bond.atom_id_2 
_chem_comp_bond.value_order 
_chem_comp_bond.pdbx_aromatic_flag 
_chem_comp_bond.pdbx_stereo_config 
_chem_comp_bond.pdbx_ordinal 
ALA N   CA   sing N N 1   
ALA N   H    sing N N 2   
ALA N   H2   sing N N 3   
ALA CA  C    sing N N 4   
ALA CA  CB   sing N N 5   
ALA CA  HA   sing N N 6   
ALA C   O    doub N N 7   
ALA C   OXT  sing N N 8   
ALA CB  HB1  sing N N 9   
ALA CB  HB2  sing N N 10  
ALA CB  HB3  sing N N 11  
ALA OXT HXT  sing N N 12  
ARG N   CA   sing N N 13  
ARG N   H    sing N N 14  
ARG N   H2   sing N N 15  
ARG CA  C    sing N N 16  
ARG CA  CB   sing N N 17  
ARG CA  HA   sing N N 18  
ARG C   O    doub N N 19  
ARG C   OXT  sing N N 20  
ARG CB  CG   sing N N 21  
ARG CB  HB2  sing N N 22  
ARG CB  HB3  sing N N 23  
ARG CG  CD   sing N N 24  
ARG CG  HG2  sing N N 25  
ARG CG  HG3  sing N N 26  
ARG CD  NE   sing N N 27  
ARG CD  HD2  sing N N 28  
ARG CD  HD3  sing N N 29  
ARG NE  CZ   sing N N 30  
ARG NE  HE   sing N N 31  
ARG CZ  NH1  sing N N 32  
ARG CZ  NH2  doub N N 33  
ARG NH1 HH11 sing N N 34  
ARG NH1 HH12 sing N N 35  
ARG NH2 HH21 sing N N 36  
ARG NH2 HH22 sing N N 37  
ARG OXT HXT  sing N N 38  
ASN N   CA   sing N N 39  
ASN N   H    sing N N 40  
ASN N   H2   sing N N 41  
ASN CA  C    sing N N 42  
ASN CA  CB   sing N N 43  
ASN CA  HA   sing N N 44  
ASN C   O    doub N N 45  
ASN C   OXT  sing N N 46  
ASN CB  CG   sing N N 47  
ASN CB  HB2  sing N N 48  
ASN CB  HB3  sing N N 49  
ASN CG  OD1  doub N N 50  
ASN CG  ND2  sing N N 51  
ASN ND2 HD21 sing N N 52  
ASN ND2 HD22 sing N N 53  
ASN OXT HXT  sing N N 54  
ASP N   CA   sing N N 55  
ASP N   H    sing N N 56  
ASP N   H2   sing N N 57  
ASP CA  C    sing N N 58  
ASP CA  CB   sing N N 59  
ASP CA  HA   sing N N 60  
ASP C   O    doub N N 61  
ASP C   OXT  sing N N 62  
ASP CB  CG   sing N N 63  
ASP CB  HB2  sing N N 64  
ASP CB  HB3  sing N N 65  
ASP CG  OD1  doub N N 66  
ASP CG  OD2  sing N N 67  
ASP OD2 HD2  sing N N 68  
ASP OXT HXT  sing N N 69  
CYS N   CA   sing N N 70  
CYS N   H    sing N N 71  
CYS N   H2   sing N N 72  
CYS CA  C    sing N N 73  
CYS CA  CB   sing N N 74  
CYS CA  HA   sing N N 75  
CYS C   O    doub N N 76  
CYS C   OXT  sing N N 77  
CYS CB  SG   sing N N 78  
CYS CB  HB2  sing N N 79  
CYS CB  HB3  sing N N 80  
CYS SG  HG   sing N N 81  
CYS OXT HXT  sing N N 82  
GLN N   CA   sing N N 83  
GLN N   H    sing N N 84  
GLN N   H2   sing N N 85  
GLN CA  C    sing N N 86  
GLN CA  CB   sing N N 87  
GLN CA  HA   sing N N 88  
GLN C   O    doub N N 89  
GLN C   OXT  sing N N 90  
GLN CB  CG   sing N N 91  
GLN CB  HB2  sing N N 92  
GLN CB  HB3  sing N N 93  
GLN CG  CD   sing N N 94  
GLN CG  HG2  sing N N 95  
GLN CG  HG3  sing N N 96  
GLN CD  OE1  doub N N 97  
GLN CD  NE2  sing N N 98  
GLN NE2 HE21 sing N N 99  
GLN NE2 HE22 sing N N 100 
GLN OXT HXT  sing N N 101 
GLU N   CA   sing N N 102 
GLU N   H    sing N N 103 
GLU N   H2   sing N N 104 
GLU CA  C    sing N N 105 
GLU CA  CB   sing N N 106 
GLU CA  HA   sing N N 107 
GLU C   O    doub N N 108 
GLU C   OXT  sing N N 109 
GLU CB  CG   sing N N 110 
GLU CB  HB2  sing N N 111 
GLU CB  HB3  sing N N 112 
GLU CG  CD   sing N N 113 
GLU CG  HG2  sing N N 114 
GLU CG  HG3  sing N N 115 
GLU CD  OE1  doub N N 116 
GLU CD  OE2  sing N N 117 
GLU OE2 HE2  sing N N 118 
GLU OXT HXT  sing N N 119 
GLY N   CA   sing N N 120 
GLY N   H    sing N N 121 
GLY N   H2   sing N N 122 
GLY CA  C    sing N N 123 
GLY CA  HA2  sing N N 124 
GLY CA  HA3  sing N N 125 
GLY C   O    doub N N 126 
GLY C   OXT  sing N N 127 
GLY OXT HXT  sing N N 128 
HIS N   CA   sing N N 129 
HIS N   H    sing N N 130 
HIS N   H2   sing N N 131 
HIS CA  C    sing N N 132 
HIS CA  CB   sing N N 133 
HIS CA  HA   sing N N 134 
HIS C   O    doub N N 135 
HIS C   OXT  sing N N 136 
HIS CB  CG   sing N N 137 
HIS CB  HB2  sing N N 138 
HIS CB  HB3  sing N N 139 
HIS CG  ND1  sing Y N 140 
HIS CG  CD2  doub Y N 141 
HIS ND1 CE1  doub Y N 142 
HIS ND1 HD1  sing N N 143 
HIS CD2 NE2  sing Y N 144 
HIS CD2 HD2  sing N N 145 
HIS CE1 NE2  sing Y N 146 
HIS CE1 HE1  sing N N 147 
HIS NE2 HE2  sing N N 148 
HIS OXT HXT  sing N N 149 
HOH O   H1   sing N N 150 
HOH O   H2   sing N N 151 
ILE N   CA   sing N N 152 
ILE N   H    sing N N 153 
ILE N   H2   sing N N 154 
ILE CA  C    sing N N 155 
ILE CA  CB   sing N N 156 
ILE CA  HA   sing N N 157 
ILE C   O    doub N N 158 
ILE C   OXT  sing N N 159 
ILE CB  CG1  sing N N 160 
ILE CB  CG2  sing N N 161 
ILE CB  HB   sing N N 162 
ILE CG1 CD1  sing N N 163 
ILE CG1 HG12 sing N N 164 
ILE CG1 HG13 sing N N 165 
ILE CG2 HG21 sing N N 166 
ILE CG2 HG22 sing N N 167 
ILE CG2 HG23 sing N N 168 
ILE CD1 HD11 sing N N 169 
ILE CD1 HD12 sing N N 170 
ILE CD1 HD13 sing N N 171 
ILE OXT HXT  sing N N 172 
LEU N   CA   sing N N 173 
LEU N   H    sing N N 174 
LEU N   H2   sing N N 175 
LEU CA  C    sing N N 176 
LEU CA  CB   sing N N 177 
LEU CA  HA   sing N N 178 
LEU C   O    doub N N 179 
LEU C   OXT  sing N N 180 
LEU CB  CG   sing N N 181 
LEU CB  HB2  sing N N 182 
LEU CB  HB3  sing N N 183 
LEU CG  CD1  sing N N 184 
LEU CG  CD2  sing N N 185 
LEU CG  HG   sing N N 186 
LEU CD1 HD11 sing N N 187 
LEU CD1 HD12 sing N N 188 
LEU CD1 HD13 sing N N 189 
LEU CD2 HD21 sing N N 190 
LEU CD2 HD22 sing N N 191 
LEU CD2 HD23 sing N N 192 
LEU OXT HXT  sing N N 193 
LYS N   CA   sing N N 194 
LYS N   H    sing N N 195 
LYS N   H2   sing N N 196 
LYS CA  C    sing N N 197 
LYS CA  CB   sing N N 198 
LYS CA  HA   sing N N 199 
LYS C   O    doub N N 200 
LYS C   OXT  sing N N 201 
LYS CB  CG   sing N N 202 
LYS CB  HB2  sing N N 203 
LYS CB  HB3  sing N N 204 
LYS CG  CD   sing N N 205 
LYS CG  HG2  sing N N 206 
LYS CG  HG3  sing N N 207 
LYS CD  CE   sing N N 208 
LYS CD  HD2  sing N N 209 
LYS CD  HD3  sing N N 210 
LYS CE  NZ   sing N N 211 
LYS CE  HE2  sing N N 212 
LYS CE  HE3  sing N N 213 
LYS NZ  HZ1  sing N N 214 
LYS NZ  HZ2  sing N N 215 
LYS NZ  HZ3  sing N N 216 
LYS OXT HXT  sing N N 217 
MET N   CA   sing N N 218 
MET N   H    sing N N 219 
MET N   H2   sing N N 220 
MET CA  C    sing N N 221 
MET CA  CB   sing N N 222 
MET CA  HA   sing N N 223 
MET C   O    doub N N 224 
MET C   OXT  sing N N 225 
MET CB  CG   sing N N 226 
MET CB  HB2  sing N N 227 
MET CB  HB3  sing N N 228 
MET CG  SD   sing N N 229 
MET CG  HG2  sing N N 230 
MET CG  HG3  sing N N 231 
MET SD  CE   sing N N 232 
MET CE  HE1  sing N N 233 
MET CE  HE2  sing N N 234 
MET CE  HE3  sing N N 235 
MET OXT HXT  sing N N 236 
PHE N   CA   sing N N 237 
PHE N   H    sing N N 238 
PHE N   H2   sing N N 239 
PHE CA  C    sing N N 240 
PHE CA  CB   sing N N 241 
PHE CA  HA   sing N N 242 
PHE C   O    doub N N 243 
PHE C   OXT  sing N N 244 
PHE CB  CG   sing N N 245 
PHE CB  HB2  sing N N 246 
PHE CB  HB3  sing N N 247 
PHE CG  CD1  doub Y N 248 
PHE CG  CD2  sing Y N 249 
PHE CD1 CE1  sing Y N 250 
PHE CD1 HD1  sing N N 251 
PHE CD2 CE2  doub Y N 252 
PHE CD2 HD2  sing N N 253 
PHE CE1 CZ   doub Y N 254 
PHE CE1 HE1  sing N N 255 
PHE CE2 CZ   sing Y N 256 
PHE CE2 HE2  sing N N 257 
PHE CZ  HZ   sing N N 258 
PHE OXT HXT  sing N N 259 
PRO N   CA   sing N N 260 
PRO N   CD   sing N N 261 
PRO N   H    sing N N 262 
PRO CA  C    sing N N 263 
PRO CA  CB   sing N N 264 
PRO CA  HA   sing N N 265 
PRO C   O    doub N N 266 
PRO C   OXT  sing N N 267 
PRO CB  CG   sing N N 268 
PRO CB  HB2  sing N N 269 
PRO CB  HB3  sing N N 270 
PRO CG  CD   sing N N 271 
PRO CG  HG2  sing N N 272 
PRO CG  HG3  sing N N 273 
PRO CD  HD2  sing N N 274 
PRO CD  HD3  sing N N 275 
PRO OXT HXT  sing N N 276 
SER N   CA   sing N N 277 
SER N   H    sing N N 278 
SER N   H2   sing N N 279 
SER CA  C    sing N N 280 
SER CA  CB   sing N N 281 
SER CA  HA   sing N N 282 
SER C   O    doub N N 283 
SER C   OXT  sing N N 284 
SER CB  OG   sing N N 285 
SER CB  HB2  sing N N 286 
SER CB  HB3  sing N N 287 
SER OG  HG   sing N N 288 
SER OXT HXT  sing N N 289 
THR N   CA   sing N N 290 
THR N   H    sing N N 291 
THR N   H2   sing N N 292 
THR CA  C    sing N N 293 
THR CA  CB   sing N N 294 
THR CA  HA   sing N N 295 
THR C   O    doub N N 296 
THR C   OXT  sing N N 297 
THR CB  OG1  sing N N 298 
THR CB  CG2  sing N N 299 
THR CB  HB   sing N N 300 
THR OG1 HG1  sing N N 301 
THR CG2 HG21 sing N N 302 
THR CG2 HG22 sing N N 303 
THR CG2 HG23 sing N N 304 
THR OXT HXT  sing N N 305 
TRP N   CA   sing N N 306 
TRP N   H    sing N N 307 
TRP N   H2   sing N N 308 
TRP CA  C    sing N N 309 
TRP CA  CB   sing N N 310 
TRP CA  HA   sing N N 311 
TRP C   O    doub N N 312 
TRP C   OXT  sing N N 313 
TRP CB  CG   sing N N 314 
TRP CB  HB2  sing N N 315 
TRP CB  HB3  sing N N 316 
TRP CG  CD1  doub Y N 317 
TRP CG  CD2  sing Y N 318 
TRP CD1 NE1  sing Y N 319 
TRP CD1 HD1  sing N N 320 
TRP CD2 CE2  doub Y N 321 
TRP CD2 CE3  sing Y N 322 
TRP NE1 CE2  sing Y N 323 
TRP NE1 HE1  sing N N 324 
TRP CE2 CZ2  sing Y N 325 
TRP CE3 CZ3  doub Y N 326 
TRP CE3 HE3  sing N N 327 
TRP CZ2 CH2  doub Y N 328 
TRP CZ2 HZ2  sing N N 329 
TRP CZ3 CH2  sing Y N 330 
TRP CZ3 HZ3  sing N N 331 
TRP CH2 HH2  sing N N 332 
TRP OXT HXT  sing N N 333 
TYR N   CA   sing N N 334 
TYR N   H    sing N N 335 
TYR N   H2   sing N N 336 
TYR CA  C    sing N N 337 
TYR CA  CB   sing N N 338 
TYR CA  HA   sing N N 339 
TYR C   O    doub N N 340 
TYR C   OXT  sing N N 341 
TYR CB  CG   sing N N 342 
TYR CB  HB2  sing N N 343 
TYR CB  HB3  sing N N 344 
TYR CG  CD1  doub Y N 345 
TYR CG  CD2  sing Y N 346 
TYR CD1 CE1  sing Y N 347 
TYR CD1 HD1  sing N N 348 
TYR CD2 CE2  doub Y N 349 
TYR CD2 HD2  sing N N 350 
TYR CE1 CZ   doub Y N 351 
TYR CE1 HE1  sing N N 352 
TYR CE2 CZ   sing Y N 353 
TYR CE2 HE2  sing N N 354 
TYR CZ  OH   sing N N 355 
TYR OH  HH   sing N N 356 
TYR OXT HXT  sing N N 357 
VAL N   CA   sing N N 358 
VAL N   H    sing N N 359 
VAL N   H2   sing N N 360 
VAL CA  C    sing N N 361 
VAL CA  CB   sing N N 362 
VAL CA  HA   sing N N 363 
VAL C   O    doub N N 364 
VAL C   OXT  sing N N 365 
VAL CB  CG1  sing N N 366 
VAL CB  CG2  sing N N 367 
VAL CB  HB   sing N N 368 
VAL CG1 HG11 sing N N 369 
VAL CG1 HG12 sing N N 370 
VAL CG1 HG13 sing N N 371 
VAL CG2 HG21 sing N N 372 
VAL CG2 HG22 sing N N 373 
VAL CG2 HG23 sing N N 374 
VAL OXT HXT  sing N N 375 
YDP N1  C8   sing N N 376 
YDP C5  C6   doub Y N 377 
YDP C5  C20  sing Y N 378 
YDP C6  C8   sing N N 379 
YDP C6  C2   sing Y N 380 
YDP C8  O2   doub N N 381 
YDP C10 C35  sing N N 382 
YDP C20 C27  doub Y N 383 
YDP C24 N32  sing N N 384 
YDP C24 C25  sing N N 385 
YDP C24 C23  sing N N 386 
YDP C27 C18  sing Y N 387 
YDP C27 S9   sing N N 388 
YDP C18 C2   doub Y N 389 
YDP S9  O40  doub N N 390 
YDP S9  N32  sing N N 391 
YDP S9  O11  doub N N 392 
YDP N32 C33  sing N N 393 
YDP C33 C34  sing N N 394 
YDP C34 C35  doub N N 395 
YDP C35 C11  sing N N 396 
YDP C25 N22  sing N N 397 
YDP N22 C26  sing N N 398 
YDP N2  C9   sing N N 399 
YDP C3  C4   doub Y N 400 
YDP C3  C19  sing Y N 401 
YDP O3  C9   doub N N 402 
YDP C7  C4   sing Y N 403 
YDP C7  C21  doub Y N 404 
YDP C4  C9   sing N N 405 
YDP S10 O12  doub N N 406 
YDP S10 C28  sing N N 407 
YDP S10 N36  sing N N 408 
YDP S10 O41  doub N N 409 
YDP C12 C39  sing N N 410 
YDP C13 C39  sing N N 411 
YDP C19 C28  doub Y N 412 
YDP C21 C28  sing Y N 413 
YDP C23 C26  sing N N 414 
YDP C23 N36  sing N N 415 
YDP N36 C37  sing N N 416 
YDP C37 C38  sing N N 417 
YDP C38 C39  doub N N 418 
YDP N1  HN1  sing N N 419 
YDP N1  HN1A sing N N 420 
YDP C5  H5   sing N N 421 
YDP C10 H10  sing N N 422 
YDP C10 H10A sing N N 423 
YDP C10 H10B sing N N 424 
YDP C20 H20  sing N N 425 
YDP C24 H24  sing N N 426 
YDP C18 H18  sing N N 427 
YDP C2  H2   sing N N 428 
YDP C33 H33  sing N N 429 
YDP C33 H33A sing N N 430 
YDP C34 H34  sing N N 431 
YDP C11 H11  sing N N 432 
YDP C11 H11A sing N N 433 
YDP C11 H11B sing N N 434 
YDP C25 H25  sing N N 435 
YDP C25 H25A sing N N 436 
YDP N22 HN22 sing N N 437 
YDP N2  HN2  sing N N 438 
YDP N2  HN2A sing N N 439 
YDP C3  H3   sing N N 440 
YDP C7  H7   sing N N 441 
YDP C12 H12  sing N N 442 
YDP C12 H12A sing N N 443 
YDP C12 H12B sing N N 444 
YDP C13 H13  sing N N 445 
YDP C13 H13A sing N N 446 
YDP C13 H13B sing N N 447 
YDP C19 H19  sing N N 448 
YDP C21 H21  sing N N 449 
YDP C23 H23  sing N N 450 
YDP C26 H26  sing N N 451 
YDP C26 H26A sing N N 452 
YDP C37 H37  sing N N 453 
YDP C37 H37A sing N N 454 
YDP C38 H38  sing N N 455 
# 
loop_
_pdbx_entity_nonpoly.entity_id 
_pdbx_entity_nonpoly.name 
_pdbx_entity_nonpoly.comp_id 
2 'CHLORIDE ION'                                                                            CL  
3 '(3S,4S),-3,4-Bis-[(4-carbamoyl-benzensulfonyl)-(3-methyl-but-2-enyl)-amino]-pyrrolidine' YDP 
4 water                                                                                     HOH 
# 
_pdbx_initial_refinement_model.id               1 
_pdbx_initial_refinement_model.entity_id_list   ? 
_pdbx_initial_refinement_model.type             'experimental model' 
_pdbx_initial_refinement_model.source_name      PDB 
_pdbx_initial_refinement_model.accession_code   2PQZ 
_pdbx_initial_refinement_model.details          ? 
# 
